data_4QHT
#
_entry.id   4QHT
#
_cell.length_a   80.959
_cell.length_b   152.560
_cell.length_c   193.138
_cell.angle_alpha   90.00
_cell.angle_beta   90.00
_cell.angle_gamma   90.00
#
_symmetry.space_group_name_H-M   'P 21 21 21'
#
loop_
_entity.id
_entity.type
_entity.pdbx_description
1 polymer 'Flagellar regulatory protein C'
2 non-polymer 'PHOSPHOAMINOPHOSPHONIC ACID-ADENYLATE ESTER'
3 non-polymer 'MAGNESIUM ION'
4 non-polymer 1,2-ETHANEDIOL
5 water water
#
_entity_poly.entity_id   1
_entity_poly.type   'polypeptide(L)'
_entity_poly.pdbx_seq_one_letter_code
;HHHHHHSSGLVPRGSHMVVADTKSLKLLALADKVAKTDANVMILGPSGSGKEVMSRYIHNASPRKEGPFIAINCAAIPDN
MLEATLFGYEKGAFTGAVQACPGKFEQAQGGTILLDEISEMDLNLQAKLLRVLQEREVERLGSRKSIKLDVRVLATSNRD
LKQYVQAGHFREDLYYRLNVFPLTWPALCERKDDIEPLANHLIERHCKKLGLPVPSIAPNAITKLLNYPWPGNVRELDNV
VQRALILSENGHIQSEHILLEGVDWHD
;
_entity_poly.pdbx_strand_id   A,B,C,D,E,F,G
#
loop_
_chem_comp.id
_chem_comp.type
_chem_comp.name
_chem_comp.formula
ANP non-polymer 'PHOSPHOAMINOPHOSPHONIC ACID-ADENYLATE ESTER' 'C10 H17 N6 O12 P3'
EDO non-polymer 1,2-ETHANEDIOL 'C2 H6 O2'
MG non-polymer 'MAGNESIUM ION' 'Mg 2'
#
# COMPACT_ATOMS: atom_id res chain seq x y z
N HIS A 16 -34.02 24.78 29.92
CA HIS A 16 -33.77 25.69 31.03
C HIS A 16 -32.30 25.66 31.41
N MET A 17 -31.73 26.83 31.59
CA MET A 17 -30.31 26.98 31.81
C MET A 17 -30.14 27.68 33.11
N VAL A 18 -29.30 27.19 33.99
CA VAL A 18 -29.09 27.90 35.22
C VAL A 18 -27.87 28.77 35.19
N VAL A 19 -28.05 29.98 35.67
CA VAL A 19 -27.04 31.00 35.65
C VAL A 19 -27.04 31.66 37.00
N ALA A 20 -25.88 31.90 37.57
CA ALA A 20 -25.86 32.48 38.89
C ALA A 20 -24.64 33.30 39.12
N ASP A 21 -23.50 32.78 38.75
CA ASP A 21 -22.23 33.50 38.80
C ASP A 21 -22.26 34.73 37.90
N THR A 22 -21.60 35.81 38.33
CA THR A 22 -21.65 37.06 37.56
C THR A 22 -21.02 36.86 36.19
N LYS A 23 -20.10 35.94 36.06
CA LYS A 23 -19.52 35.61 34.77
C LYS A 23 -20.51 34.97 33.85
N SER A 24 -21.30 34.07 34.39
CA SER A 24 -22.36 33.45 33.64
C SER A 24 -23.45 34.45 33.29
N LEU A 25 -23.70 35.38 34.19
CA LEU A 25 -24.76 36.37 33.95
C LEU A 25 -24.35 37.27 32.78
N LYS A 26 -23.05 37.48 32.64
CA LYS A 26 -22.52 38.34 31.59
C LYS A 26 -22.73 37.61 30.29
N LEU A 27 -22.46 36.32 30.36
CA LEU A 27 -22.57 35.45 29.22
C LEU A 27 -24.02 35.38 28.77
N LEU A 28 -24.93 35.19 29.72
CA LEU A 28 -26.36 35.16 29.41
C LEU A 28 -26.88 36.46 28.75
N ALA A 29 -26.37 37.60 29.19
CA ALA A 29 -26.74 38.88 28.60
C ALA A 29 -26.28 38.96 27.15
N LEU A 30 -25.06 38.52 26.89
CA LEU A 30 -24.57 38.45 25.51
C LEU A 30 -25.43 37.48 24.66
N ALA A 31 -25.73 36.30 25.22
CA ALA A 31 -26.65 35.34 24.61
C ALA A 31 -27.99 35.97 24.27
N ASP A 32 -28.55 36.74 25.19
CA ASP A 32 -29.82 37.39 24.92
C ASP A 32 -29.69 38.38 23.76
N LYS A 33 -28.55 39.05 23.66
CA LYS A 33 -28.31 39.98 22.55
C LYS A 33 -28.22 39.28 21.19
N VAL A 34 -27.58 38.10 21.10
CA VAL A 34 -27.55 37.47 19.78
C VAL A 34 -28.77 36.70 19.40
N ALA A 35 -29.44 36.12 20.40
CA ALA A 35 -30.66 35.38 20.19
C ALA A 35 -31.63 36.13 19.30
N LYS A 36 -31.89 37.40 19.57
CA LYS A 36 -32.86 38.12 18.79
C LYS A 36 -32.44 38.41 17.37
N THR A 37 -31.20 38.15 17.06
CA THR A 37 -30.71 38.39 15.70
C THR A 37 -30.64 37.08 14.96
N ASP A 38 -30.33 37.15 13.67
CA ASP A 38 -30.19 35.94 12.88
C ASP A 38 -28.74 35.47 12.77
N ALA A 39 -27.84 36.16 13.47
CA ALA A 39 -26.40 35.90 13.34
C ALA A 39 -26.03 34.49 13.69
N ASN A 40 -25.10 33.92 12.92
CA ASN A 40 -24.43 32.67 13.31
C ASN A 40 -23.84 32.80 14.71
N VAL A 41 -24.09 31.82 15.57
CA VAL A 41 -23.44 31.86 16.87
C VAL A 41 -22.50 30.68 17.04
N MET A 42 -21.30 30.96 17.51
CA MET A 42 -20.33 29.95 17.84
C MET A 42 -20.22 29.79 19.34
N ILE A 43 -20.33 28.59 19.85
CA ILE A 43 -20.30 28.40 21.28
C ILE A 43 -19.17 27.54 21.75
N LEU A 44 -18.33 28.10 22.61
CA LEU A 44 -17.11 27.45 23.02
C LEU A 44 -17.06 27.09 24.47
N GLY A 45 -16.04 26.36 24.84
CA GLY A 45 -15.88 25.98 26.21
C GLY A 45 -15.41 24.58 26.40
N PRO A 46 -14.93 24.32 27.60
CA PRO A 46 -14.40 23.03 27.97
C PRO A 46 -15.45 21.98 27.94
N SER A 47 -15.09 20.74 28.12
CA SER A 47 -16.03 19.67 27.95
C SER A 47 -17.05 19.58 29.07
N GLY A 48 -18.29 19.30 28.70
CA GLY A 48 -19.41 19.31 29.64
C GLY A 48 -19.69 20.63 30.37
N SER A 49 -19.34 21.75 29.75
CA SER A 49 -19.51 23.06 30.37
C SER A 49 -20.83 23.72 29.95
N GLY A 50 -21.58 23.03 29.11
CA GLY A 50 -22.93 23.42 28.72
C GLY A 50 -23.06 24.11 27.36
N LYS A 51 -22.27 23.71 26.40
CA LYS A 51 -22.37 24.29 25.09
C LYS A 51 -23.67 23.92 24.44
N GLU A 52 -24.09 22.69 24.63
CA GLU A 52 -25.32 22.24 24.03
C GLU A 52 -26.50 22.96 24.67
N VAL A 53 -26.54 23.08 26.00
CA VAL A 53 -27.70 23.71 26.61
C VAL A 53 -27.75 25.19 26.25
N MET A 54 -26.60 25.82 25.98
CA MET A 54 -26.62 27.20 25.53
C MET A 54 -27.27 27.32 24.15
N SER A 55 -27.01 26.34 23.29
CA SER A 55 -27.57 26.29 21.95
C SER A 55 -29.08 26.36 22.04
N ARG A 56 -29.62 25.40 22.78
CA ARG A 56 -31.04 25.31 23.01
C ARG A 56 -31.55 26.58 23.67
N TYR A 57 -30.76 27.23 24.47
CA TYR A 57 -31.20 28.45 25.07
C TYR A 57 -31.31 29.56 24.05
N ILE A 58 -30.31 29.74 23.21
CA ILE A 58 -30.37 30.78 22.20
C ILE A 58 -31.58 30.62 21.26
N HIS A 59 -31.91 29.37 20.92
CA HIS A 59 -33.05 29.09 20.07
C HIS A 59 -34.35 29.56 20.69
N ASN A 60 -34.59 29.15 21.94
CA ASN A 60 -35.81 29.50 22.66
C ASN A 60 -35.91 30.99 22.93
N ALA A 61 -34.76 31.65 22.97
CA ALA A 61 -34.70 33.07 23.21
C ALA A 61 -34.87 33.86 21.91
N SER A 62 -34.83 33.14 20.80
CA SER A 62 -34.82 33.76 19.49
C SER A 62 -36.22 33.93 18.95
N PRO A 63 -36.41 34.82 17.96
CA PRO A 63 -37.75 34.90 17.36
C PRO A 63 -38.10 33.65 16.54
N ARG A 64 -37.20 32.68 16.50
CA ARG A 64 -37.48 31.39 15.86
C ARG A 64 -37.86 30.31 16.88
N LYS A 65 -38.02 30.69 18.15
CA LYS A 65 -38.39 29.76 19.22
C LYS A 65 -39.36 28.62 18.81
N GLU A 66 -40.45 28.96 18.13
CA GLU A 66 -41.45 27.95 17.78
C GLU A 66 -41.01 27.15 16.56
N GLY A 67 -39.84 27.47 16.03
CA GLY A 67 -39.29 26.72 14.92
C GLY A 67 -38.63 25.43 15.34
N PRO A 68 -38.38 24.53 14.37
CA PRO A 68 -37.63 23.31 14.65
C PRO A 68 -36.24 23.61 15.17
N PHE A 69 -35.74 22.72 16.03
CA PHE A 69 -34.36 22.77 16.49
C PHE A 69 -33.69 21.47 16.12
N ILE A 70 -32.77 21.54 15.16
CA ILE A 70 -32.11 20.36 14.64
C ILE A 70 -30.66 20.34 15.05
N ALA A 71 -30.22 19.21 15.57
CA ALA A 71 -28.82 19.06 15.93
C ALA A 71 -28.17 17.97 15.10
N ILE A 72 -26.89 18.16 14.81
CA ILE A 72 -26.11 17.12 14.19
C ILE A 72 -24.71 17.24 14.73
N ASN A 73 -24.30 16.28 15.54
CA ASN A 73 -22.94 16.30 16.07
C ASN A 73 -22.03 15.53 15.14
N CYS A 74 -21.08 16.24 14.53
CA CYS A 74 -20.15 15.64 13.60
C CYS A 74 -19.04 14.82 14.30
N ALA A 75 -19.03 14.88 15.64
CA ALA A 75 -18.04 14.17 16.47
C ALA A 75 -18.66 12.92 17.09
N ALA A 76 -19.84 12.55 16.59
CA ALA A 76 -20.56 11.36 17.04
C ALA A 76 -21.34 10.70 15.91
N ILE A 77 -21.08 11.12 14.67
CA ILE A 77 -21.70 10.52 13.49
C ILE A 77 -20.94 9.28 13.05
N PRO A 78 -21.54 8.09 13.26
CA PRO A 78 -20.91 6.84 12.86
C PRO A 78 -20.67 6.79 11.34
N ASP A 79 -19.57 6.14 10.94
CA ASP A 79 -19.11 6.06 9.55
C ASP A 79 -18.70 7.43 9.00
N ASN A 80 -18.37 7.48 7.72
CA ASN A 80 -18.09 8.75 7.06
C ASN A 80 -19.36 9.57 7.09
N MET A 81 -20.28 9.22 6.18
CA MET A 81 -21.65 9.72 6.21
C MET A 81 -21.76 11.24 6.28
N LEU A 82 -21.77 11.76 7.51
CA LEU A 82 -21.89 13.19 7.86
C LEU A 82 -22.34 14.11 6.73
N GLU A 83 -21.55 14.16 5.65
CA GLU A 83 -21.95 14.85 4.44
C GLU A 83 -23.33 14.37 4.01
N ALA A 84 -23.53 13.06 4.06
CA ALA A 84 -24.79 12.45 3.66
C ALA A 84 -25.93 12.88 4.58
N THR A 85 -25.70 12.85 5.89
CA THR A 85 -26.78 13.13 6.82
C THR A 85 -27.05 14.64 6.94
N LEU A 86 -26.07 15.43 6.52
CA LEU A 86 -26.15 16.89 6.60
C LEU A 86 -26.86 17.47 5.38
N PHE A 87 -26.49 16.96 4.21
CA PHE A 87 -27.00 17.46 2.94
C PHE A 87 -28.18 16.64 2.46
N GLY A 88 -28.30 15.41 2.95
CA GLY A 88 -29.32 14.50 2.46
C GLY A 88 -28.86 13.82 1.20
N TYR A 89 -29.61 12.83 0.75
CA TYR A 89 -29.29 12.10 -0.47
C TYR A 89 -30.53 11.65 -1.21
N GLU A 90 -30.40 11.48 -2.53
CA GLU A 90 -31.40 10.76 -3.28
C GLU A 90 -31.03 9.28 -3.26
N LYS A 91 -31.96 8.43 -3.66
CA LYS A 91 -31.70 7.00 -3.79
C LYS A 91 -30.62 6.78 -4.86
N GLY A 92 -29.68 5.88 -4.59
CA GLY A 92 -28.59 5.59 -5.51
C GLY A 92 -27.57 6.71 -5.64
N ALA A 93 -27.37 7.47 -4.58
CA ALA A 93 -26.45 8.61 -4.60
C ALA A 93 -25.04 8.19 -4.23
N PHE A 94 -24.94 6.93 -3.80
CA PHE A 94 -23.71 6.33 -3.32
C PHE A 94 -24.12 4.94 -2.87
N THR A 95 -23.17 4.01 -2.85
CA THR A 95 -23.44 2.64 -2.39
C THR A 95 -24.10 2.65 -1.02
N GLY A 96 -25.32 2.13 -0.95
CA GLY A 96 -26.05 2.08 0.30
C GLY A 96 -27.26 3.01 0.40
N ALA A 97 -27.24 4.12 -0.35
CA ALA A 97 -28.36 5.05 -0.34
C ALA A 97 -29.58 4.38 -0.97
N VAL A 98 -30.42 3.80 -0.11
CA VAL A 98 -31.50 2.94 -0.56
C VAL A 98 -32.81 3.72 -0.69
N GLN A 99 -32.91 4.81 0.07
CA GLN A 99 -34.08 5.67 0.05
C GLN A 99 -33.63 7.11 -0.12
N ALA A 100 -34.54 8.00 -0.52
CA ALA A 100 -34.21 9.43 -0.49
C ALA A 100 -34.30 9.92 0.95
N CYS A 101 -33.40 10.82 1.32
CA CYS A 101 -33.39 11.29 2.70
C CYS A 101 -33.20 12.80 2.77
N PRO A 102 -34.07 13.47 3.53
CA PRO A 102 -33.94 14.91 3.70
C PRO A 102 -32.73 15.22 4.54
N GLY A 103 -32.02 16.29 4.19
CA GLY A 103 -30.87 16.73 4.97
C GLY A 103 -31.28 17.46 6.25
N LYS A 104 -30.28 17.71 7.10
CA LYS A 104 -30.52 18.39 8.36
C LYS A 104 -30.99 19.82 8.12
N PHE A 105 -30.33 20.51 7.21
CA PHE A 105 -30.71 21.88 6.87
C PHE A 105 -32.16 21.92 6.46
N GLU A 106 -32.55 20.93 5.65
CA GLU A 106 -33.92 20.84 5.18
C GLU A 106 -34.84 20.84 6.38
N GLN A 107 -34.52 20.01 7.36
CA GLN A 107 -35.40 19.84 8.51
C GLN A 107 -35.47 21.11 9.33
N ALA A 108 -34.42 21.91 9.29
CA ALA A 108 -34.33 23.05 10.19
C ALA A 108 -35.05 24.26 9.62
N GLN A 109 -35.67 24.09 8.47
CA GLN A 109 -36.38 25.15 7.78
C GLN A 109 -37.28 25.93 8.75
N GLY A 110 -37.04 27.23 8.88
CA GLY A 110 -37.88 28.07 9.71
C GLY A 110 -37.40 28.09 11.15
N GLY A 111 -36.41 27.28 11.46
CA GLY A 111 -35.92 27.26 12.80
C GLY A 111 -34.43 27.45 12.83
N THR A 112 -33.78 26.57 13.57
CA THR A 112 -32.36 26.67 13.87
C THR A 112 -31.70 25.31 13.62
N ILE A 113 -30.47 25.31 13.10
CA ILE A 113 -29.65 24.10 13.07
C ILE A 113 -28.42 24.28 13.95
N LEU A 114 -28.03 23.21 14.63
CA LEU A 114 -26.89 23.19 15.50
C LEU A 114 -25.81 22.26 14.94
N LEU A 115 -24.72 22.86 14.48
CA LEU A 115 -23.59 22.10 13.98
C LEU A 115 -22.65 21.81 15.13
N ASP A 116 -22.88 20.72 15.84
CA ASP A 116 -22.11 20.37 17.04
C ASP A 116 -20.74 19.85 16.66
N GLU A 117 -19.70 20.49 17.20
CA GLU A 117 -18.31 20.12 16.96
C GLU A 117 -17.87 20.28 15.50
N ILE A 118 -18.09 21.47 14.91
CA ILE A 118 -17.78 21.67 13.49
C ILE A 118 -16.33 21.42 13.18
N SER A 119 -15.48 21.48 14.20
CA SER A 119 -14.06 21.31 13.97
C SER A 119 -13.78 19.97 13.29
N GLU A 120 -14.68 19.01 13.49
CA GLU A 120 -14.45 17.68 13.00
C GLU A 120 -14.80 17.48 11.55
N MET A 121 -15.45 18.45 10.93
CA MET A 121 -15.68 18.37 9.49
C MET A 121 -14.36 18.45 8.74
N ASP A 122 -14.21 17.66 7.69
CA ASP A 122 -13.03 17.75 6.85
C ASP A 122 -13.11 18.98 5.94
N LEU A 123 -11.97 19.38 5.40
CA LEU A 123 -11.92 20.54 4.53
C LEU A 123 -12.95 20.47 3.41
N ASN A 124 -13.02 19.32 2.73
CA ASN A 124 -14.00 19.10 1.66
C ASN A 124 -15.42 19.52 2.01
N LEU A 125 -15.95 18.92 3.07
CA LEU A 125 -17.27 19.25 3.55
C LEU A 125 -17.36 20.69 4.05
N GLN A 126 -16.24 21.23 4.56
CA GLN A 126 -16.19 22.65 4.96
C GLN A 126 -16.51 23.55 3.79
N ALA A 127 -15.99 23.20 2.62
CA ALA A 127 -16.22 23.97 1.41
C ALA A 127 -17.71 23.95 1.05
N LYS A 128 -18.31 22.78 1.19
CA LYS A 128 -19.73 22.60 0.92
C LYS A 128 -20.52 23.41 1.91
N LEU A 129 -20.17 23.31 3.19
CA LEU A 129 -20.86 24.08 4.22
C LEU A 129 -20.73 25.57 3.93
N LEU A 130 -19.57 25.95 3.44
CA LEU A 130 -19.32 27.35 3.19
C LEU A 130 -20.25 27.85 2.09
N ARG A 131 -20.44 27.00 1.09
CA ARG A 131 -21.31 27.34 -0.02
C ARG A 131 -22.76 27.51 0.46
N VAL A 132 -23.25 26.57 1.26
CA VAL A 132 -24.57 26.71 1.83
C VAL A 132 -24.70 28.06 2.57
N LEU A 133 -23.74 28.42 3.42
CA LEU A 133 -23.87 29.68 4.18
C LEU A 133 -23.88 30.92 3.29
N GLN A 134 -23.06 30.93 2.26
CA GLN A 134 -23.05 32.04 1.33
C GLN A 134 -24.35 32.13 0.57
N GLU A 135 -24.86 31.01 0.14
CA GLU A 135 -25.95 31.01 -0.80
C GLU A 135 -27.31 30.85 -0.17
N ARG A 136 -27.36 30.32 1.03
CA ARG A 136 -28.61 30.04 1.66
C ARG A 136 -29.38 29.05 0.81
N GLU A 137 -28.67 28.03 0.38
CA GLU A 137 -29.21 26.98 -0.48
C GLU A 137 -28.45 25.70 -0.22
N VAL A 138 -29.13 24.58 -0.32
CA VAL A 138 -28.50 23.28 -0.16
C VAL A 138 -29.04 22.35 -1.26
N GLU A 139 -28.22 21.42 -1.72
CA GLU A 139 -28.66 20.41 -2.67
C GLU A 139 -28.44 19.06 -2.03
N ARG A 140 -29.23 18.06 -2.39
CA ARG A 140 -28.94 16.74 -1.87
C ARG A 140 -27.85 16.08 -2.70
N LEU A 141 -27.08 15.21 -2.07
CA LEU A 141 -26.14 14.37 -2.80
C LEU A 141 -26.93 13.63 -3.86
N GLY A 142 -26.71 13.98 -5.13
CA GLY A 142 -27.40 13.31 -6.21
C GLY A 142 -28.24 14.27 -7.03
N SER A 143 -28.65 15.38 -6.42
CA SER A 143 -29.52 16.31 -7.12
C SER A 143 -28.75 17.53 -7.60
N ARG A 144 -29.17 18.07 -8.74
CA ARG A 144 -28.64 19.33 -9.24
C ARG A 144 -29.63 20.43 -8.86
N LYS A 145 -30.58 20.07 -7.99
CA LYS A 145 -31.65 20.97 -7.58
C LYS A 145 -31.39 21.56 -6.20
N SER A 146 -31.26 22.88 -6.15
CA SER A 146 -30.94 23.56 -4.92
C SER A 146 -32.21 24.03 -4.20
N ILE A 147 -32.21 23.83 -2.89
CA ILE A 147 -33.31 24.12 -1.99
C ILE A 147 -33.04 25.41 -1.18
N LYS A 148 -33.88 26.42 -1.34
CA LYS A 148 -33.71 27.66 -0.57
C LYS A 148 -33.86 27.39 0.91
N LEU A 149 -32.94 27.94 1.71
CA LEU A 149 -32.94 27.78 3.17
C LEU A 149 -33.24 29.08 3.90
N ASP A 150 -34.11 28.97 4.92
CA ASP A 150 -34.24 30.01 5.94
C ASP A 150 -33.87 29.38 7.30
N VAL A 151 -32.57 29.30 7.57
CA VAL A 151 -32.08 28.60 8.75
C VAL A 151 -31.05 29.40 9.53
N ARG A 152 -31.30 29.58 10.81
CA ARG A 152 -30.33 30.18 11.69
C ARG A 152 -29.28 29.18 12.08
N VAL A 153 -28.03 29.59 12.12
CA VAL A 153 -26.97 28.63 12.36
C VAL A 153 -26.28 28.81 13.70
N LEU A 154 -26.08 27.69 14.39
CA LEU A 154 -25.30 27.61 15.59
C LEU A 154 -24.24 26.54 15.42
N ALA A 155 -23.16 26.67 16.17
CA ALA A 155 -22.10 25.71 16.13
C ALA A 155 -21.43 25.63 17.52
N THR A 156 -20.85 24.50 17.85
CA THR A 156 -20.00 24.40 19.01
C THR A 156 -18.73 23.76 18.60
N SER A 157 -17.69 24.01 19.36
CA SER A 157 -16.44 23.38 19.12
C SER A 157 -15.70 23.15 20.38
N ASN A 158 -14.97 22.05 20.39
CA ASN A 158 -14.12 21.71 21.48
C ASN A 158 -12.72 22.17 21.19
N ARG A 159 -12.34 22.14 19.92
CA ARG A 159 -11.02 22.61 19.53
C ARG A 159 -11.02 24.11 19.51
N ASP A 160 -9.86 24.69 19.34
CA ASP A 160 -9.76 26.11 19.15
C ASP A 160 -9.66 26.38 17.67
N LEU A 161 -10.63 27.12 17.17
CA LEU A 161 -10.77 27.31 15.77
C LEU A 161 -9.70 28.15 15.12
N LYS A 162 -9.24 29.21 15.75
CA LYS A 162 -8.21 29.99 15.11
C LYS A 162 -6.93 29.20 14.96
N GLN A 163 -6.67 28.30 15.88
CA GLN A 163 -5.48 27.50 15.84
C GLN A 163 -5.66 26.42 14.82
N TYR A 164 -6.85 25.89 14.76
CA TYR A 164 -7.19 24.94 13.72
C TYR A 164 -6.99 25.59 12.33
N VAL A 165 -7.37 26.86 12.17
CA VAL A 165 -7.17 27.54 10.91
C VAL A 165 -5.68 27.69 10.65
N GLN A 166 -4.93 28.05 11.67
CA GLN A 166 -3.49 28.19 11.50
C GLN A 166 -2.78 26.84 11.26
N ALA A 167 -3.44 25.75 11.62
CA ALA A 167 -2.87 24.42 11.45
C ALA A 167 -3.11 23.88 10.05
N GLY A 168 -3.93 24.59 9.27
CA GLY A 168 -4.27 24.12 7.95
C GLY A 168 -5.49 23.20 7.87
N HIS A 169 -6.20 23.00 8.99
CA HIS A 169 -7.31 22.03 9.06
C HIS A 169 -8.69 22.66 9.00
N PHE A 170 -8.76 23.97 8.97
CA PHE A 170 -10.05 24.62 8.93
C PHE A 170 -9.99 25.85 8.05
N ARG A 171 -10.95 26.01 7.15
CA ARG A 171 -10.93 27.11 6.19
C ARG A 171 -11.03 28.46 6.90
N GLU A 172 -10.22 29.42 6.46
CA GLU A 172 -10.27 30.74 7.04
C GLU A 172 -11.61 31.44 6.76
N ASP A 173 -12.14 31.33 5.54
CA ASP A 173 -13.38 32.05 5.24
C ASP A 173 -14.54 31.50 6.05
N LEU A 174 -14.60 30.19 6.17
CA LEU A 174 -15.63 29.55 6.97
C LEU A 174 -15.49 30.02 8.41
N TYR A 175 -14.26 30.04 8.92
CA TYR A 175 -13.99 30.51 10.27
C TYR A 175 -14.57 31.91 10.54
N TYR A 176 -14.25 32.90 9.71
CA TYR A 176 -14.80 34.24 9.96
C TYR A 176 -16.32 34.26 9.92
N ARG A 177 -16.91 33.48 9.03
CA ARG A 177 -18.34 33.40 8.91
C ARG A 177 -19.04 32.82 10.11
N LEU A 178 -18.43 31.83 10.70
CA LEU A 178 -18.97 31.13 11.86
C LEU A 178 -18.66 31.84 13.17
N ASN A 179 -17.75 32.79 13.13
CA ASN A 179 -17.25 33.36 14.35
C ASN A 179 -17.46 34.83 14.55
N VAL A 180 -18.56 35.37 14.09
CA VAL A 180 -18.93 36.76 14.33
C VAL A 180 -19.17 37.02 15.82
N PHE A 181 -19.82 36.07 16.47
CA PHE A 181 -20.22 36.25 17.86
C PHE A 181 -19.89 35.01 18.67
N PRO A 182 -18.61 34.80 18.98
CA PRO A 182 -18.30 33.61 19.78
C PRO A 182 -18.62 33.80 21.26
N LEU A 183 -19.46 32.91 21.80
CA LEU A 183 -19.81 32.82 23.21
C LEU A 183 -19.07 31.69 23.92
N THR A 184 -18.43 32.00 25.04
CA THR A 184 -17.56 31.01 25.68
C THR A 184 -17.88 30.76 27.16
N TRP A 185 -18.13 29.51 27.49
CA TRP A 185 -18.32 29.11 28.89
C TRP A 185 -16.99 29.04 29.61
N PRO A 186 -16.89 29.75 30.74
CA PRO A 186 -15.76 29.44 31.62
C PRO A 186 -15.86 28.01 32.16
N ALA A 187 -14.72 27.42 32.52
CA ALA A 187 -14.73 26.16 33.27
C ALA A 187 -15.59 26.33 34.52
N LEU A 188 -16.10 25.23 35.06
CA LEU A 188 -16.97 25.30 36.20
C LEU A 188 -16.26 25.93 37.42
N CYS A 189 -14.99 25.60 37.63
CA CYS A 189 -14.18 26.15 38.71
C CYS A 189 -13.88 27.66 38.59
N GLU A 190 -14.13 28.25 37.42
CA GLU A 190 -13.95 29.69 37.25
C GLU A 190 -15.25 30.45 37.53
N ARG A 191 -16.32 29.72 37.78
CA ARG A 191 -17.63 30.32 38.04
C ARG A 191 -18.33 29.57 39.17
N LYS A 192 -17.64 29.45 40.30
CA LYS A 192 -18.09 28.56 41.36
C LYS A 192 -19.48 28.87 41.91
N ASP A 193 -20.00 30.06 41.64
CA ASP A 193 -21.36 30.38 42.09
C ASP A 193 -22.43 29.64 41.30
N ASP A 194 -22.07 29.03 40.18
CA ASP A 194 -23.04 28.21 39.45
C ASP A 194 -23.27 26.83 40.09
N ILE A 195 -22.33 26.40 40.94
CA ILE A 195 -22.29 25.00 41.38
C ILE A 195 -23.48 24.58 42.22
N GLU A 196 -23.82 25.35 43.24
CA GLU A 196 -24.95 24.97 44.09
C GLU A 196 -26.25 24.94 43.29
N PRO A 197 -26.55 26.01 42.54
CA PRO A 197 -27.82 25.89 41.81
C PRO A 197 -27.77 24.82 40.73
N LEU A 198 -26.60 24.55 40.18
CA LEU A 198 -26.53 23.47 39.19
C LEU A 198 -26.77 22.13 39.85
N ALA A 199 -26.11 21.92 40.98
CA ALA A 199 -26.27 20.68 41.73
C ALA A 199 -27.74 20.40 42.01
N ASN A 200 -28.46 21.42 42.47
CA ASN A 200 -29.87 21.27 42.77
C ASN A 200 -30.70 21.05 41.49
N HIS A 201 -30.34 21.77 40.43
CA HIS A 201 -31.04 21.63 39.17
C HIS A 201 -30.90 20.19 38.63
N LEU A 202 -29.69 19.63 38.71
CA LEU A 202 -29.41 18.28 38.21
C LEU A 202 -30.12 17.20 39.03
N ILE A 203 -30.09 17.34 40.35
CA ILE A 203 -30.85 16.46 41.20
C ILE A 203 -32.31 16.49 40.81
N GLU A 204 -32.82 17.69 40.72
CA GLU A 204 -34.17 17.91 40.42
C GLU A 204 -34.59 17.24 39.17
N ARG A 205 -33.85 17.47 38.11
CA ARG A 205 -34.24 16.96 36.81
C ARG A 205 -34.12 15.44 36.80
N HIS A 206 -33.12 14.92 37.48
CA HIS A 206 -32.96 13.48 37.59
C HIS A 206 -34.13 12.88 38.37
N CYS A 207 -34.49 13.45 39.52
CA CYS A 207 -35.60 12.94 40.34
C CYS A 207 -36.98 13.08 39.70
N LYS A 208 -37.22 14.17 38.96
CA LYS A 208 -38.47 14.30 38.23
C LYS A 208 -38.58 13.16 37.21
N LYS A 209 -37.49 12.89 36.50
CA LYS A 209 -37.46 11.87 35.46
C LYS A 209 -37.70 10.49 36.03
N LEU A 210 -37.05 10.15 37.13
CA LEU A 210 -37.28 8.88 37.79
C LEU A 210 -38.56 8.82 38.62
N GLY A 211 -39.29 9.93 38.71
CA GLY A 211 -40.53 9.97 39.50
C GLY A 211 -40.29 9.85 40.99
N LEU A 212 -39.24 10.52 41.48
CA LEU A 212 -38.89 10.56 42.88
C LEU A 212 -39.04 11.97 43.46
N PRO A 213 -39.28 12.06 44.76
CA PRO A 213 -39.23 13.38 45.41
C PRO A 213 -37.84 13.96 45.28
N VAL A 214 -37.67 15.28 45.22
CA VAL A 214 -36.32 15.78 45.10
C VAL A 214 -35.72 16.13 46.46
N PRO A 215 -34.54 15.58 46.73
CA PRO A 215 -33.86 15.91 47.98
C PRO A 215 -33.14 17.22 47.90
N SER A 216 -32.67 17.63 49.07
CA SER A 216 -31.87 18.82 49.22
C SER A 216 -30.43 18.41 49.45
N ILE A 217 -29.55 19.39 49.37
CA ILE A 217 -28.13 19.15 49.62
C ILE A 217 -27.74 19.86 50.90
N ALA A 218 -27.22 19.08 51.82
CA ALA A 218 -26.73 19.54 53.10
C ALA A 218 -25.55 20.49 52.92
N PRO A 219 -25.44 21.46 53.83
CA PRO A 219 -24.44 22.54 53.69
C PRO A 219 -22.99 22.03 53.53
N ASN A 220 -22.66 20.99 54.29
CA ASN A 220 -21.34 20.39 54.25
C ASN A 220 -21.03 19.71 52.91
N ALA A 221 -22.06 19.18 52.27
CA ALA A 221 -21.88 18.56 50.99
C ALA A 221 -21.67 19.63 49.94
N ILE A 222 -22.33 20.77 50.11
CA ILE A 222 -22.12 21.92 49.25
C ILE A 222 -20.66 22.39 49.32
N THR A 223 -20.08 22.37 50.50
CA THR A 223 -18.71 22.85 50.63
C THR A 223 -17.77 21.92 49.89
N LYS A 224 -18.05 20.62 49.98
CA LYS A 224 -17.25 19.61 49.33
C LYS A 224 -17.31 19.81 47.81
N LEU A 225 -18.48 20.16 47.30
CA LEU A 225 -18.65 20.47 45.87
C LEU A 225 -17.96 21.77 45.42
N LEU A 226 -17.95 22.78 46.27
CA LEU A 226 -17.34 24.07 45.91
C LEU A 226 -15.80 24.00 45.87
N ASN A 227 -15.22 23.13 46.68
CA ASN A 227 -13.76 23.02 46.78
C ASN A 227 -13.12 21.94 45.88
N TYR A 228 -13.86 21.54 44.84
CA TYR A 228 -13.34 20.61 43.84
C TYR A 228 -13.20 21.32 42.50
N PRO A 229 -12.10 21.06 41.78
CA PRO A 229 -11.85 21.77 40.51
C PRO A 229 -12.80 21.45 39.35
N TRP A 230 -13.54 20.34 39.38
CA TRP A 230 -14.40 19.93 38.25
C TRP A 230 -13.74 19.82 36.85
N PRO A 231 -12.75 18.94 36.71
CA PRO A 231 -12.10 18.73 35.40
C PRO A 231 -13.08 18.41 34.28
N GLY A 232 -14.16 17.72 34.60
CA GLY A 232 -15.21 17.39 33.62
C GLY A 232 -16.42 18.31 33.71
N ASN A 233 -16.24 19.42 34.41
CA ASN A 233 -17.27 20.45 34.62
C ASN A 233 -18.71 19.94 34.94
N VAL A 234 -19.73 20.45 34.27
CA VAL A 234 -21.08 20.16 34.72
C VAL A 234 -21.46 18.69 34.54
N ARG A 235 -20.94 18.09 33.48
CA ARG A 235 -21.14 16.69 33.25
C ARG A 235 -20.66 15.86 34.43
N GLU A 236 -19.48 16.19 34.95
CA GLU A 236 -18.91 15.45 36.07
C GLU A 236 -19.77 15.71 37.32
N LEU A 237 -20.23 16.94 37.47
CA LEU A 237 -21.06 17.28 38.61
C LEU A 237 -22.35 16.46 38.61
N ASP A 238 -23.01 16.39 37.45
CA ASP A 238 -24.20 15.57 37.26
C ASP A 238 -23.94 14.14 37.70
N ASN A 239 -22.77 13.66 37.29
CA ASN A 239 -22.30 12.33 37.62
C ASN A 239 -22.22 12.15 39.15
N VAL A 240 -21.56 13.09 39.82
CA VAL A 240 -21.35 13.04 41.26
C VAL A 240 -22.69 13.08 41.99
N VAL A 241 -23.53 13.99 41.54
CA VAL A 241 -24.84 14.16 42.13
C VAL A 241 -25.74 12.93 41.93
N GLN A 242 -25.70 12.30 40.76
CA GLN A 242 -26.45 11.04 40.59
C GLN A 242 -25.91 9.93 41.48
N ARG A 243 -24.59 9.88 41.62
CA ARG A 243 -23.95 8.93 42.52
C ARG A 243 -24.40 9.15 43.97
N ALA A 244 -24.36 10.40 44.42
CA ALA A 244 -24.78 10.76 45.76
C ALA A 244 -26.19 10.27 46.04
N LEU A 245 -27.07 10.39 45.05
CA LEU A 245 -28.46 9.99 45.24
C LEU A 245 -28.58 8.51 45.41
N ILE A 246 -27.76 7.75 44.72
CA ILE A 246 -27.77 6.31 44.94
C ILE A 246 -27.32 6.02 46.36
N LEU A 247 -26.32 6.76 46.85
CA LEU A 247 -25.81 6.54 48.21
C LEU A 247 -26.82 7.02 49.26
N SER A 248 -27.53 8.09 48.94
CA SER A 248 -29.02 8.23 49.02
C SER A 248 -29.50 9.61 49.42
N GLU A 249 -30.81 9.70 49.76
CA GLU A 249 -31.62 10.94 49.79
C GLU A 249 -31.32 12.00 50.87
N ASN A 250 -31.56 13.26 50.52
CA ASN A 250 -30.93 14.43 51.15
C ASN A 250 -29.43 14.10 51.27
N GLY A 251 -28.60 14.76 50.46
CA GLY A 251 -27.20 14.42 50.32
C GLY A 251 -26.29 15.01 51.36
N HIS A 252 -25.44 14.16 51.92
CA HIS A 252 -24.70 14.48 53.11
C HIS A 252 -23.26 14.00 53.18
N ILE A 253 -22.38 14.42 52.27
CA ILE A 253 -21.01 13.80 52.25
C ILE A 253 -21.26 12.35 51.80
N GLN A 254 -22.23 12.23 50.89
CA GLN A 254 -22.42 11.10 50.02
C GLN A 254 -21.82 11.55 48.68
N SER A 255 -20.88 12.49 48.76
CA SER A 255 -20.20 13.05 47.61
C SER A 255 -18.83 12.44 47.44
N GLU A 256 -18.55 11.83 46.32
CA GLU A 256 -17.20 11.44 46.04
C GLU A 256 -16.71 11.85 44.72
N HIS A 257 -15.46 12.25 44.72
CA HIS A 257 -14.73 12.65 43.54
C HIS A 257 -13.71 11.66 43.19
N ILE A 258 -12.94 11.94 42.16
CA ILE A 258 -12.00 10.97 41.68
C ILE A 258 -10.82 10.76 42.63
N LEU A 259 -10.84 9.64 43.34
CA LEU A 259 -9.84 9.36 44.34
C LEU A 259 -10.38 8.60 45.54
N LEU A 260 -11.28 7.65 45.32
CA LEU A 260 -11.74 6.80 46.41
C LEU A 260 -13.19 6.96 46.89
N GLU A 261 -13.52 6.23 47.95
CA GLU A 261 -14.89 6.09 48.46
C GLU A 261 -15.01 6.18 49.97
N HIS B 16 -24.62 -17.56 42.87
CA HIS B 16 -24.26 -17.38 44.27
C HIS B 16 -22.83 -16.89 44.43
N MET B 17 -22.65 -15.83 45.20
CA MET B 17 -21.39 -15.11 45.20
C MET B 17 -20.41 -15.49 46.29
N VAL B 18 -20.82 -15.64 47.52
CA VAL B 18 -19.78 -16.01 48.45
C VAL B 18 -18.89 -14.85 48.74
N VAL B 19 -19.14 -14.17 49.84
CA VAL B 19 -18.27 -13.10 50.25
C VAL B 19 -17.96 -13.25 51.73
N ALA B 20 -16.73 -13.01 52.12
CA ALA B 20 -16.34 -13.16 53.49
C ALA B 20 -15.45 -12.05 53.98
N ASP B 21 -14.44 -11.69 53.23
CA ASP B 21 -13.56 -10.64 53.68
C ASP B 21 -14.38 -9.38 53.85
N THR B 22 -14.00 -8.54 54.79
CA THR B 22 -14.80 -7.36 55.07
C THR B 22 -14.66 -6.34 53.94
N LYS B 23 -13.57 -6.36 53.18
CA LYS B 23 -13.53 -5.51 52.00
C LYS B 23 -14.68 -5.89 51.09
N SER B 24 -14.84 -7.19 50.89
CA SER B 24 -15.85 -7.69 49.98
C SER B 24 -17.28 -7.45 50.47
N LEU B 25 -17.49 -7.46 51.79
CA LEU B 25 -18.84 -7.21 52.29
C LEU B 25 -19.24 -5.75 52.03
N LYS B 26 -18.25 -4.85 52.06
CA LYS B 26 -18.49 -3.45 51.70
C LYS B 26 -18.94 -3.39 50.24
N LEU B 27 -18.21 -4.11 49.39
CA LEU B 27 -18.54 -4.21 47.97
C LEU B 27 -19.98 -4.62 47.83
N LEU B 28 -20.29 -5.74 48.47
CA LEU B 28 -21.60 -6.31 48.47
C LEU B 28 -22.67 -5.31 48.91
N ALA B 29 -22.36 -4.47 49.90
CA ALA B 29 -23.37 -3.53 50.39
C ALA B 29 -23.61 -2.40 49.38
N LEU B 30 -22.55 -2.02 48.69
CA LEU B 30 -22.69 -1.00 47.65
C LEU B 30 -23.53 -1.58 46.51
N ALA B 31 -23.20 -2.81 46.13
CA ALA B 31 -23.90 -3.52 45.06
C ALA B 31 -25.38 -3.55 45.35
N ASP B 32 -25.71 -4.01 46.56
CA ASP B 32 -27.09 -4.07 47.01
C ASP B 32 -27.82 -2.75 46.81
N LYS B 33 -27.10 -1.65 46.97
CA LYS B 33 -27.69 -0.32 46.88
C LYS B 33 -27.96 0.11 45.45
N VAL B 34 -27.02 -0.15 44.52
CA VAL B 34 -27.28 0.20 43.13
C VAL B 34 -28.29 -0.72 42.50
N ALA B 35 -28.26 -1.98 42.93
CA ALA B 35 -29.14 -3.00 42.37
C ALA B 35 -30.58 -2.53 42.39
N LYS B 36 -31.02 -1.99 43.53
CA LYS B 36 -32.38 -1.49 43.70
C LYS B 36 -32.74 -0.43 42.67
N THR B 37 -31.75 0.28 42.14
CA THR B 37 -32.00 1.38 41.21
C THR B 37 -31.84 0.89 39.78
N ASP B 38 -32.07 1.78 38.83
CA ASP B 38 -31.79 1.46 37.44
C ASP B 38 -30.52 2.13 36.92
N ALA B 39 -29.65 2.58 37.83
CA ALA B 39 -28.40 3.24 37.43
C ALA B 39 -27.51 2.29 36.66
N ASN B 40 -26.81 2.83 35.67
CA ASN B 40 -25.73 2.07 35.03
C ASN B 40 -24.66 1.65 36.05
N VAL B 41 -24.29 0.37 36.07
CA VAL B 41 -23.21 -0.06 36.96
C VAL B 41 -21.95 -0.47 36.22
N MET B 42 -20.82 0.16 36.55
CA MET B 42 -19.53 -0.24 35.99
C MET B 42 -18.74 -1.12 36.97
N ILE B 43 -18.48 -2.37 36.58
CA ILE B 43 -17.76 -3.33 37.43
C ILE B 43 -16.30 -3.52 37.01
N LEU B 44 -15.41 -3.12 37.91
CA LEU B 44 -13.97 -3.11 37.69
C LEU B 44 -13.27 -4.15 38.55
N GLY B 45 -11.99 -4.41 38.26
CA GLY B 45 -11.27 -5.44 38.98
C GLY B 45 -10.33 -6.23 38.09
N PRO B 46 -9.29 -6.86 38.68
CA PRO B 46 -8.35 -7.60 37.83
C PRO B 46 -8.97 -8.85 37.22
N SER B 47 -8.37 -9.37 36.15
CA SER B 47 -8.90 -10.57 35.52
C SER B 47 -9.07 -11.67 36.58
N GLY B 48 -10.23 -12.33 36.56
CA GLY B 48 -10.48 -13.44 37.47
C GLY B 48 -10.99 -13.05 38.85
N SER B 49 -11.48 -11.82 38.96
CA SER B 49 -11.94 -11.24 40.21
C SER B 49 -13.37 -11.58 40.55
N GLY B 50 -14.16 -11.91 39.53
CA GLY B 50 -15.57 -12.18 39.73
C GLY B 50 -16.50 -11.12 39.18
N LYS B 51 -15.99 -10.26 38.30
CA LYS B 51 -16.79 -9.17 37.75
C LYS B 51 -18.08 -9.67 37.14
N GLU B 52 -18.02 -10.73 36.34
CA GLU B 52 -19.24 -11.28 35.74
C GLU B 52 -20.08 -12.03 36.77
N VAL B 53 -19.47 -12.51 37.86
CA VAL B 53 -20.25 -13.12 38.94
C VAL B 53 -21.07 -12.01 39.60
N MET B 54 -20.43 -10.89 39.84
CA MET B 54 -21.07 -9.76 40.48
C MET B 54 -22.20 -9.18 39.64
N SER B 55 -21.98 -9.14 38.32
CA SER B 55 -22.96 -8.55 37.40
C SER B 55 -24.27 -9.33 37.45
N ARG B 56 -24.17 -10.66 37.50
CA ARG B 56 -25.34 -11.49 37.73
C ARG B 56 -25.91 -11.30 39.13
N TYR B 57 -25.06 -11.07 40.12
CA TYR B 57 -25.57 -10.81 41.45
C TYR B 57 -26.41 -9.55 41.45
N ILE B 58 -25.95 -8.53 40.73
CA ILE B 58 -26.67 -7.28 40.69
C ILE B 58 -28.03 -7.45 40.04
N HIS B 59 -28.06 -8.18 38.92
CA HIS B 59 -29.33 -8.44 38.26
C HIS B 59 -30.32 -9.14 39.18
N ASN B 60 -29.89 -10.20 39.84
CA ASN B 60 -30.80 -10.95 40.71
C ASN B 60 -31.22 -10.18 41.95
N ALA B 61 -30.45 -9.16 42.33
CA ALA B 61 -30.80 -8.38 43.50
C ALA B 61 -31.75 -7.24 43.14
N SER B 62 -31.92 -7.02 41.85
CA SER B 62 -32.65 -5.87 41.34
C SER B 62 -34.11 -6.21 41.12
N PRO B 63 -34.96 -5.19 40.93
CA PRO B 63 -36.36 -5.45 40.59
C PRO B 63 -36.53 -6.14 39.23
N ARG B 64 -35.52 -6.07 38.38
CA ARG B 64 -35.64 -6.72 37.10
C ARG B 64 -35.19 -8.18 37.17
N LYS B 65 -35.06 -8.72 38.37
CA LYS B 65 -34.47 -10.04 38.51
C LYS B 65 -35.23 -11.13 37.75
N GLU B 66 -36.53 -10.97 37.56
CA GLU B 66 -37.30 -11.93 36.75
C GLU B 66 -37.16 -11.75 35.24
N GLY B 67 -36.57 -10.63 34.83
CA GLY B 67 -36.40 -10.37 33.41
C GLY B 67 -35.14 -10.99 32.83
N PRO B 68 -34.90 -10.75 31.54
CA PRO B 68 -33.76 -11.38 30.85
C PRO B 68 -32.41 -10.83 31.27
N PHE B 69 -31.42 -11.72 31.32
CA PHE B 69 -30.04 -11.34 31.54
C PHE B 69 -29.19 -11.71 30.34
N ILE B 70 -28.86 -10.70 29.55
CA ILE B 70 -28.15 -10.88 28.31
C ILE B 70 -26.72 -10.39 28.41
N ALA B 71 -25.76 -11.28 28.20
CA ALA B 71 -24.36 -10.86 28.28
C ALA B 71 -23.75 -10.82 26.90
N ILE B 72 -22.81 -9.92 26.70
CA ILE B 72 -22.09 -9.89 25.43
C ILE B 72 -20.65 -9.50 25.69
N ASN B 73 -19.72 -10.34 25.26
CA ASN B 73 -18.31 -10.09 25.54
C ASN B 73 -17.61 -9.42 24.36
N CYS B 74 -17.48 -8.10 24.47
CA CYS B 74 -16.89 -7.25 23.43
C CYS B 74 -15.46 -7.64 23.09
N ALA B 75 -14.80 -8.34 24.00
CA ALA B 75 -13.41 -8.76 23.83
C ALA B 75 -13.34 -10.23 23.43
N ALA B 76 -14.46 -10.76 22.96
CA ALA B 76 -14.54 -12.18 22.68
C ALA B 76 -15.46 -12.47 21.51
N ILE B 77 -15.79 -11.43 20.75
CA ILE B 77 -16.68 -11.57 19.60
C ILE B 77 -15.85 -11.74 18.36
N PRO B 78 -15.83 -12.96 17.83
CA PRO B 78 -15.02 -13.26 16.65
C PRO B 78 -15.50 -12.52 15.41
N ASP B 79 -14.67 -12.54 14.37
CA ASP B 79 -15.02 -11.97 13.05
C ASP B 79 -15.46 -10.51 13.12
N ASN B 80 -14.93 -9.79 14.11
CA ASN B 80 -15.42 -8.49 14.57
C ASN B 80 -16.87 -8.25 14.22
N MET B 81 -17.73 -9.01 14.89
CA MET B 81 -19.16 -9.00 14.65
C MET B 81 -19.84 -8.28 15.79
N LEU B 82 -19.06 -7.53 16.56
CA LEU B 82 -19.54 -6.94 17.79
C LEU B 82 -20.75 -6.02 17.56
N GLU B 83 -20.61 -5.07 16.64
CA GLU B 83 -21.67 -4.12 16.30
C GLU B 83 -22.95 -4.85 15.87
N ALA B 84 -22.78 -5.73 14.90
CA ALA B 84 -23.87 -6.56 14.39
C ALA B 84 -24.52 -7.39 15.51
N THR B 85 -23.72 -7.84 16.47
CA THR B 85 -24.28 -8.66 17.53
C THR B 85 -25.07 -7.79 18.52
N LEU B 86 -24.54 -6.59 18.75
CA LEU B 86 -25.12 -5.63 19.68
C LEU B 86 -26.43 -5.05 19.15
N PHE B 87 -26.38 -4.50 17.95
CA PHE B 87 -27.52 -3.76 17.41
C PHE B 87 -28.48 -4.66 16.63
N GLY B 88 -27.98 -5.83 16.23
CA GLY B 88 -28.75 -6.70 15.39
C GLY B 88 -28.63 -6.22 13.97
N TYR B 89 -29.28 -6.92 13.05
CA TYR B 89 -29.19 -6.59 11.64
C TYR B 89 -30.31 -7.21 10.82
N GLU B 90 -30.54 -6.61 9.65
CA GLU B 90 -31.50 -7.13 8.69
C GLU B 90 -30.77 -7.92 7.63
N LYS B 91 -31.48 -8.76 6.89
CA LYS B 91 -30.86 -9.49 5.79
C LYS B 91 -30.20 -8.51 4.84
N GLY B 92 -29.05 -8.87 4.30
CA GLY B 92 -28.34 -8.02 3.35
C GLY B 92 -27.88 -6.68 3.89
N ALA B 93 -27.55 -6.61 5.18
CA ALA B 93 -27.05 -5.37 5.76
C ALA B 93 -25.54 -5.25 5.54
N PHE B 94 -24.92 -6.38 5.20
CA PHE B 94 -23.48 -6.48 5.04
C PHE B 94 -23.19 -7.89 4.55
N THR B 95 -22.31 -8.04 3.55
CA THR B 95 -22.08 -9.36 2.96
C THR B 95 -21.79 -10.42 4.03
N GLY B 96 -22.54 -11.51 3.96
CA GLY B 96 -22.50 -12.54 4.97
C GLY B 96 -23.77 -12.57 5.80
N ALA B 97 -24.55 -11.49 5.75
CA ALA B 97 -25.79 -11.40 6.53
C ALA B 97 -26.98 -11.96 5.76
N VAL B 98 -27.03 -13.29 5.70
CA VAL B 98 -28.06 -14.01 4.97
C VAL B 98 -29.41 -14.07 5.70
N GLN B 99 -29.57 -13.30 6.78
CA GLN B 99 -30.78 -13.34 7.58
C GLN B 99 -30.94 -12.16 8.55
N ALA B 100 -32.13 -12.04 9.13
CA ALA B 100 -32.40 -11.03 10.14
C ALA B 100 -32.00 -11.54 11.53
N CYS B 101 -31.52 -10.63 12.36
CA CYS B 101 -31.05 -11.01 13.68
C CYS B 101 -31.25 -9.88 14.69
N PRO B 102 -31.99 -10.15 15.76
CA PRO B 102 -32.17 -9.14 16.82
C PRO B 102 -30.89 -8.83 17.55
N GLY B 103 -30.72 -7.57 17.94
CA GLY B 103 -29.58 -7.17 18.75
C GLY B 103 -29.65 -7.73 20.17
N LYS B 104 -28.61 -7.48 20.95
CA LYS B 104 -28.56 -8.00 22.29
C LYS B 104 -29.40 -7.11 23.19
N PHE B 105 -29.53 -5.85 22.81
CA PHE B 105 -30.40 -4.91 23.52
C PHE B 105 -31.85 -5.32 23.38
N GLU B 106 -32.26 -5.77 22.20
CA GLU B 106 -33.63 -6.26 21.99
C GLU B 106 -33.96 -7.41 22.92
N GLN B 107 -33.06 -8.38 23.01
CA GLN B 107 -33.44 -9.57 23.76
C GLN B 107 -33.26 -9.31 25.25
N ALA B 108 -32.66 -8.17 25.57
CA ALA B 108 -32.53 -7.76 26.96
C ALA B 108 -33.78 -7.01 27.47
N GLN B 109 -34.70 -6.74 26.55
CA GLN B 109 -35.93 -6.01 26.82
C GLN B 109 -36.57 -6.38 28.16
N GLY B 110 -36.73 -5.40 29.05
CA GLY B 110 -37.34 -5.68 30.35
C GLY B 110 -36.41 -6.20 31.43
N GLY B 111 -35.14 -6.39 31.10
CA GLY B 111 -34.18 -6.87 32.07
C GLY B 111 -32.86 -6.10 32.00
N THR B 112 -31.78 -6.87 31.99
CA THR B 112 -30.43 -6.35 32.14
C THR B 112 -29.52 -6.79 30.98
N ILE B 113 -28.74 -5.89 30.43
CA ILE B 113 -27.66 -6.34 29.55
C ILE B 113 -26.29 -6.13 30.21
N LEU B 114 -25.38 -7.08 30.00
CA LEU B 114 -24.03 -6.91 30.48
C LEU B 114 -23.10 -6.67 29.30
N LEU B 115 -22.44 -5.53 29.28
CA LEU B 115 -21.40 -5.25 28.29
C LEU B 115 -20.04 -5.59 28.88
N ASP B 116 -19.61 -6.83 28.69
CA ASP B 116 -18.36 -7.32 29.25
C ASP B 116 -17.18 -6.80 28.43
N GLU B 117 -16.14 -6.33 29.12
CA GLU B 117 -14.95 -5.76 28.52
C GLU B 117 -15.27 -4.64 27.56
N ILE B 118 -15.87 -3.58 28.07
CA ILE B 118 -16.39 -2.55 27.18
C ILE B 118 -15.27 -1.63 26.70
N SER B 119 -14.08 -1.84 27.23
CA SER B 119 -12.91 -1.06 26.85
C SER B 119 -12.46 -1.38 25.43
N GLU B 120 -12.86 -2.54 24.93
CA GLU B 120 -12.36 -2.98 23.63
C GLU B 120 -13.36 -2.64 22.53
N MET B 121 -14.40 -1.92 22.90
CA MET B 121 -15.33 -1.38 21.92
C MET B 121 -14.62 -0.22 21.22
N ASP B 122 -14.74 -0.11 19.90
CA ASP B 122 -14.06 0.98 19.21
C ASP B 122 -14.89 2.27 19.24
N LEU B 123 -14.21 3.37 18.94
CA LEU B 123 -14.76 4.72 19.05
C LEU B 123 -16.07 4.91 18.29
N ASN B 124 -16.09 4.37 17.09
CA ASN B 124 -17.28 4.39 16.26
C ASN B 124 -18.46 3.72 16.94
N LEU B 125 -18.23 2.51 17.43
CA LEU B 125 -19.24 1.78 18.17
C LEU B 125 -19.61 2.50 19.48
N GLN B 126 -18.62 3.05 20.18
CA GLN B 126 -18.86 3.82 21.40
C GLN B 126 -19.86 4.94 21.17
N ALA B 127 -19.73 5.62 20.05
CA ALA B 127 -20.65 6.69 19.68
C ALA B 127 -22.06 6.13 19.48
N LYS B 128 -22.14 4.99 18.80
CA LYS B 128 -23.41 4.31 18.63
C LYS B 128 -23.96 3.85 19.98
N LEU B 129 -23.08 3.44 20.87
CA LEU B 129 -23.53 3.02 22.19
C LEU B 129 -24.04 4.22 22.98
N LEU B 130 -23.34 5.33 22.90
CA LEU B 130 -23.77 6.53 23.60
C LEU B 130 -25.17 6.90 23.18
N ARG B 131 -25.43 6.84 21.88
CA ARG B 131 -26.73 7.24 21.33
C ARG B 131 -27.84 6.34 21.89
N VAL B 132 -27.62 5.03 21.91
CA VAL B 132 -28.58 4.11 22.46
C VAL B 132 -28.87 4.43 23.94
N LEU B 133 -27.85 4.76 24.73
CA LEU B 133 -28.06 5.11 26.15
C LEU B 133 -28.77 6.44 26.36
N GLN B 134 -28.54 7.38 25.44
CA GLN B 134 -29.18 8.68 25.54
C GLN B 134 -30.64 8.58 25.13
N GLU B 135 -30.89 8.00 23.95
CA GLU B 135 -32.23 7.87 23.38
C GLU B 135 -33.06 6.74 23.95
N ARG B 136 -32.44 5.81 24.68
CA ARG B 136 -33.14 4.57 25.07
C ARG B 136 -33.82 3.93 23.85
N GLU B 137 -33.13 3.95 22.72
CA GLU B 137 -33.61 3.34 21.48
C GLU B 137 -32.46 2.68 20.75
N VAL B 138 -32.76 1.69 19.93
CA VAL B 138 -31.74 1.10 19.07
C VAL B 138 -32.36 0.76 17.72
N GLU B 139 -31.56 0.82 16.66
CA GLU B 139 -32.02 0.31 15.38
C GLU B 139 -31.01 -0.70 14.86
N ARG B 140 -31.48 -1.71 14.14
CA ARG B 140 -30.59 -2.74 13.62
C ARG B 140 -29.82 -2.19 12.44
N LEU B 141 -28.67 -2.80 12.19
CA LEU B 141 -27.86 -2.48 11.01
C LEU B 141 -28.67 -2.77 9.74
N GLY B 142 -28.75 -1.77 8.86
CA GLY B 142 -29.55 -1.88 7.66
C GLY B 142 -31.04 -1.58 7.85
N SER B 143 -31.39 -0.84 8.90
CA SER B 143 -32.78 -0.52 9.19
C SER B 143 -32.95 0.89 9.75
N ARG B 144 -34.01 1.56 9.29
CA ARG B 144 -34.33 2.91 9.75
C ARG B 144 -35.21 2.87 11.00
N LYS B 145 -35.78 1.71 11.30
CA LYS B 145 -36.72 1.58 12.39
C LYS B 145 -36.04 1.49 13.76
N SER B 146 -36.43 2.39 14.66
CA SER B 146 -35.86 2.39 15.99
C SER B 146 -36.79 1.67 16.99
N ILE B 147 -36.18 0.83 17.80
CA ILE B 147 -36.85 0.02 18.80
C ILE B 147 -36.70 0.61 20.21
N LYS B 148 -37.80 1.05 20.81
CA LYS B 148 -37.76 1.55 22.19
C LYS B 148 -37.21 0.50 23.14
N LEU B 149 -36.33 0.95 24.04
CA LEU B 149 -35.67 0.03 24.96
C LEU B 149 -36.00 0.33 26.42
N ASP B 150 -36.19 -0.75 27.16
CA ASP B 150 -36.25 -0.69 28.60
C ASP B 150 -35.26 -1.70 29.17
N VAL B 151 -33.99 -1.33 29.16
CA VAL B 151 -32.90 -2.22 29.52
C VAL B 151 -31.99 -1.59 30.56
N ARG B 152 -31.82 -2.24 31.72
CA ARG B 152 -30.77 -1.81 32.64
C ARG B 152 -29.39 -2.24 32.16
N VAL B 153 -28.43 -1.32 32.25
CA VAL B 153 -27.09 -1.54 31.71
C VAL B 153 -26.04 -1.79 32.78
N LEU B 154 -25.31 -2.89 32.62
CA LEU B 154 -24.11 -3.17 33.39
C LEU B 154 -22.93 -3.28 32.44
N ALA B 155 -21.72 -3.08 32.95
CA ALA B 155 -20.55 -3.17 32.09
C ALA B 155 -19.31 -3.58 32.88
N THR B 156 -18.34 -4.20 32.21
CA THR B 156 -17.08 -4.52 32.87
C THR B 156 -15.92 -3.99 32.04
N SER B 157 -14.79 -3.84 32.71
CA SER B 157 -13.58 -3.42 32.04
C SER B 157 -12.40 -3.97 32.79
N ASN B 158 -11.39 -4.39 32.04
CA ASN B 158 -10.14 -4.79 32.64
C ASN B 158 -9.22 -3.59 32.76
N ARG B 159 -9.52 -2.55 32.01
CA ARG B 159 -8.62 -1.41 31.89
C ARG B 159 -9.09 -0.20 32.69
N ASP B 160 -8.17 0.70 33.00
CA ASP B 160 -8.52 1.98 33.61
C ASP B 160 -9.16 2.87 32.54
N LEU B 161 -10.47 2.93 32.54
CA LEU B 161 -11.19 3.68 31.55
C LEU B 161 -10.82 5.13 31.59
N LYS B 162 -10.60 5.66 32.77
CA LYS B 162 -10.25 7.04 32.84
C LYS B 162 -9.06 7.23 31.98
N GLN B 163 -8.12 6.31 32.06
CA GLN B 163 -6.89 6.45 31.33
C GLN B 163 -7.05 6.25 29.85
N TYR B 164 -8.04 5.49 29.45
CA TYR B 164 -8.26 5.27 28.05
C TYR B 164 -8.86 6.52 27.50
N VAL B 165 -9.50 7.30 28.35
CA VAL B 165 -10.12 8.48 27.86
C VAL B 165 -9.02 9.43 27.62
N GLN B 166 -8.06 9.40 28.50
CA GLN B 166 -6.93 10.31 28.35
C GLN B 166 -6.05 9.89 27.18
N ALA B 167 -6.08 8.61 26.85
CA ALA B 167 -5.28 8.08 25.75
C ALA B 167 -5.98 8.23 24.41
N GLY B 168 -7.24 8.65 24.46
CA GLY B 168 -7.99 8.96 23.25
C GLY B 168 -8.76 7.78 22.69
N HIS B 169 -8.83 6.69 23.45
CA HIS B 169 -9.49 5.47 22.97
C HIS B 169 -10.91 5.31 23.48
N PHE B 170 -11.35 6.18 24.37
CA PHE B 170 -12.67 6.05 24.93
C PHE B 170 -13.30 7.42 25.07
N ARG B 171 -14.57 7.54 24.71
CA ARG B 171 -15.23 8.82 24.74
C ARG B 171 -15.42 9.26 26.18
N GLU B 172 -15.14 10.53 26.44
CA GLU B 172 -15.33 11.07 27.78
C GLU B 172 -16.81 11.02 28.17
N ASP B 173 -17.70 11.38 27.24
CA ASP B 173 -19.12 11.46 27.57
C ASP B 173 -19.68 10.08 27.87
N LEU B 174 -19.22 9.07 27.16
CA LEU B 174 -19.63 7.69 27.46
C LEU B 174 -19.04 7.23 28.80
N TYR B 175 -17.80 7.58 29.07
CA TYR B 175 -17.19 7.25 30.32
C TYR B 175 -18.01 7.71 31.52
N TYR B 176 -18.41 8.96 31.54
CA TYR B 176 -19.24 9.46 32.64
C TYR B 176 -20.61 8.79 32.70
N ARG B 177 -21.23 8.53 31.58
CA ARG B 177 -22.55 7.95 31.59
C ARG B 177 -22.53 6.56 32.16
N LEU B 178 -21.47 5.84 31.85
CA LEU B 178 -21.25 4.49 32.35
C LEU B 178 -20.60 4.43 33.71
N ASN B 179 -20.12 5.53 34.25
CA ASN B 179 -19.43 5.41 35.52
C ASN B 179 -20.03 6.22 36.65
N VAL B 180 -21.36 6.32 36.71
CA VAL B 180 -21.95 6.97 37.86
C VAL B 180 -21.62 6.20 39.14
N PHE B 181 -21.47 4.90 39.02
CA PHE B 181 -21.36 4.08 40.21
C PHE B 181 -20.42 2.88 40.00
N PRO B 182 -19.12 3.16 39.89
CA PRO B 182 -18.19 2.05 39.73
C PRO B 182 -18.02 1.20 41.01
N LEU B 183 -18.18 -0.10 40.83
CA LEU B 183 -17.83 -1.12 41.81
C LEU B 183 -16.51 -1.80 41.40
N THR B 184 -15.54 -1.87 42.30
CA THR B 184 -14.26 -2.46 41.98
C THR B 184 -13.91 -3.63 42.90
N TRP B 185 -13.60 -4.79 42.33
CA TRP B 185 -13.14 -5.93 43.13
C TRP B 185 -11.70 -5.72 43.52
N PRO B 186 -11.38 -5.90 44.80
CA PRO B 186 -9.97 -6.04 45.15
C PRO B 186 -9.40 -7.32 44.55
N ALA B 187 -8.11 -7.32 44.25
CA ALA B 187 -7.42 -8.55 43.90
C ALA B 187 -7.59 -9.56 45.04
N LEU B 188 -7.52 -10.84 44.71
CA LEU B 188 -7.74 -11.86 45.71
C LEU B 188 -6.74 -11.76 46.85
N CYS B 189 -5.50 -11.34 46.56
CA CYS B 189 -4.49 -11.19 47.61
C CYS B 189 -4.75 -9.98 48.57
N GLU B 190 -5.64 -9.06 48.20
CA GLU B 190 -5.98 -7.93 49.08
C GLU B 190 -7.14 -8.25 50.03
N ARG B 191 -7.79 -9.38 49.79
CA ARG B 191 -8.99 -9.79 50.51
C ARG B 191 -8.94 -11.27 50.90
N LYS B 192 -7.83 -11.66 51.53
CA LYS B 192 -7.47 -13.06 51.70
C LYS B 192 -8.45 -13.87 52.55
N ASP B 193 -9.42 -13.20 53.13
CA ASP B 193 -10.43 -13.90 53.89
C ASP B 193 -11.43 -14.57 52.95
N ASP B 194 -11.42 -14.16 51.69
CA ASP B 194 -12.30 -14.76 50.70
C ASP B 194 -11.77 -16.12 50.29
N ILE B 195 -10.50 -16.35 50.57
CA ILE B 195 -9.80 -17.45 49.93
C ILE B 195 -10.28 -18.83 50.40
N GLU B 196 -10.39 -19.05 51.71
CA GLU B 196 -10.91 -20.33 52.15
C GLU B 196 -12.38 -20.55 51.71
N PRO B 197 -13.25 -19.56 51.95
CA PRO B 197 -14.62 -19.86 51.49
C PRO B 197 -14.74 -20.08 49.97
N LEU B 198 -14.01 -19.30 49.17
CA LEU B 198 -14.04 -19.47 47.72
C LEU B 198 -13.54 -20.85 47.34
N ALA B 199 -12.45 -21.29 47.97
CA ALA B 199 -11.89 -22.61 47.67
C ALA B 199 -12.89 -23.71 47.93
N ASN B 200 -13.53 -23.63 49.09
CA ASN B 200 -14.57 -24.59 49.45
C ASN B 200 -15.73 -24.56 48.47
N HIS B 201 -16.18 -23.37 48.11
CA HIS B 201 -17.27 -23.21 47.17
C HIS B 201 -16.93 -23.86 45.82
N LEU B 202 -15.68 -23.69 45.40
CA LEU B 202 -15.23 -24.25 44.12
C LEU B 202 -15.09 -25.77 44.18
N ILE B 203 -14.61 -26.32 45.29
CA ILE B 203 -14.60 -27.79 45.45
C ILE B 203 -16.01 -28.35 45.40
N GLU B 204 -16.93 -27.65 46.07
CA GLU B 204 -18.30 -28.10 46.10
C GLU B 204 -18.83 -28.04 44.68
N ARG B 205 -18.54 -26.93 44.01
CA ARG B 205 -19.05 -26.69 42.66
C ARG B 205 -18.68 -27.83 41.73
N HIS B 206 -17.38 -28.08 41.68
CA HIS B 206 -16.83 -29.06 40.79
C HIS B 206 -17.34 -30.45 41.17
N CYS B 207 -17.51 -30.71 42.47
CA CYS B 207 -18.01 -32.02 42.91
C CYS B 207 -19.47 -32.22 42.56
N LYS B 208 -20.25 -31.14 42.55
CA LYS B 208 -21.67 -31.26 42.25
C LYS B 208 -21.91 -31.51 40.75
N LYS B 209 -21.14 -30.87 39.89
CA LYS B 209 -21.23 -31.10 38.45
C LYS B 209 -20.91 -32.54 38.08
N LEU B 210 -20.02 -33.17 38.85
CA LEU B 210 -19.63 -34.56 38.64
C LEU B 210 -20.48 -35.57 39.41
N GLY B 211 -21.43 -35.06 40.21
CA GLY B 211 -22.29 -35.91 41.02
C GLY B 211 -21.61 -36.62 42.18
N LEU B 212 -20.57 -36.01 42.74
CA LEU B 212 -19.72 -36.68 43.73
C LEU B 212 -19.69 -35.99 45.10
N PRO B 213 -19.44 -36.77 46.16
CA PRO B 213 -19.23 -36.26 47.51
C PRO B 213 -18.07 -35.27 47.59
N VAL B 214 -18.27 -34.18 48.34
CA VAL B 214 -17.25 -33.15 48.43
C VAL B 214 -16.35 -33.43 49.62
N PRO B 215 -15.03 -33.43 49.37
CA PRO B 215 -14.05 -33.63 50.43
C PRO B 215 -13.59 -32.31 51.05
N SER B 216 -12.81 -32.41 52.12
CA SER B 216 -12.31 -31.23 52.82
C SER B 216 -10.85 -30.97 52.49
N ILE B 217 -10.35 -29.81 52.88
CA ILE B 217 -8.95 -29.50 52.65
C ILE B 217 -8.21 -29.46 53.96
N ALA B 218 -7.10 -30.18 54.05
CA ALA B 218 -6.21 -30.12 55.20
C ALA B 218 -5.82 -28.66 55.48
N PRO B 219 -5.86 -28.24 56.74
CA PRO B 219 -5.42 -26.91 57.11
C PRO B 219 -4.05 -26.60 56.53
N ASN B 220 -3.16 -27.59 56.59
CA ASN B 220 -1.89 -27.57 55.89
C ASN B 220 -2.01 -26.99 54.47
N ALA B 221 -2.98 -27.51 53.73
CA ALA B 221 -3.17 -27.08 52.35
C ALA B 221 -3.74 -25.67 52.28
N ILE B 222 -4.66 -25.36 53.19
CA ILE B 222 -5.28 -24.05 53.22
C ILE B 222 -4.22 -22.98 53.39
N THR B 223 -3.25 -23.26 54.25
CA THR B 223 -2.18 -22.31 54.55
C THR B 223 -1.39 -22.01 53.29
N LYS B 224 -1.17 -23.06 52.50
CA LYS B 224 -0.53 -22.91 51.20
C LYS B 224 -1.33 -21.93 50.34
N LEU B 225 -2.66 -22.06 50.38
CA LEU B 225 -3.55 -21.23 49.57
C LEU B 225 -3.52 -19.76 50.00
N LEU B 226 -3.48 -19.50 51.30
CA LEU B 226 -3.44 -18.15 51.82
C LEU B 226 -2.07 -17.45 51.64
N ASN B 227 -0.99 -18.22 51.49
CA ASN B 227 0.32 -17.58 51.37
C ASN B 227 0.79 -17.46 49.92
N TYR B 228 -0.18 -17.49 49.02
CA TYR B 228 0.06 -17.35 47.59
C TYR B 228 -0.63 -16.08 47.07
N PRO B 229 0.07 -15.29 46.26
CA PRO B 229 -0.48 -13.97 45.93
C PRO B 229 -1.57 -13.99 44.86
N TRP B 230 -1.84 -15.15 44.28
CA TRP B 230 -2.89 -15.32 43.27
C TRP B 230 -2.89 -14.27 42.16
N PRO B 231 -1.84 -14.24 41.34
CA PRO B 231 -1.77 -13.32 40.21
C PRO B 231 -3.00 -13.32 39.32
N GLY B 232 -3.65 -14.48 39.15
CA GLY B 232 -4.86 -14.57 38.35
C GLY B 232 -6.17 -14.72 39.15
N ASN B 233 -6.09 -14.53 40.46
CA ASN B 233 -7.23 -14.47 41.37
C ASN B 233 -8.14 -15.70 41.36
N VAL B 234 -9.46 -15.46 41.43
CA VAL B 234 -10.35 -16.57 41.71
C VAL B 234 -10.33 -17.61 40.60
N ARG B 235 -10.06 -17.17 39.37
CA ARG B 235 -10.00 -18.11 38.27
C ARG B 235 -8.79 -19.03 38.43
N GLU B 236 -7.67 -18.45 38.85
CA GLU B 236 -6.48 -19.24 39.10
C GLU B 236 -6.72 -20.23 40.24
N LEU B 237 -7.34 -19.75 41.31
CA LEU B 237 -7.67 -20.60 42.44
C LEU B 237 -8.52 -21.79 42.01
N ASP B 238 -9.47 -21.53 41.13
CA ASP B 238 -10.30 -22.57 40.55
C ASP B 238 -9.43 -23.67 39.93
N ASN B 239 -8.45 -23.27 39.11
CA ASN B 239 -7.54 -24.23 38.44
C ASN B 239 -6.79 -25.09 39.41
N VAL B 240 -6.36 -24.48 40.51
CA VAL B 240 -5.62 -25.20 41.54
C VAL B 240 -6.54 -26.21 42.22
N VAL B 241 -7.75 -25.78 42.52
CA VAL B 241 -8.71 -26.65 43.18
C VAL B 241 -9.10 -27.85 42.31
N GLN B 242 -9.32 -27.61 41.03
CA GLN B 242 -9.67 -28.68 40.12
C GLN B 242 -8.50 -29.65 39.93
N ARG B 243 -7.30 -29.08 39.78
CA ARG B 243 -6.07 -29.83 39.68
C ARG B 243 -5.91 -30.72 40.91
N ALA B 244 -6.09 -30.09 42.07
CA ALA B 244 -5.94 -30.76 43.35
C ALA B 244 -6.86 -31.98 43.47
N LEU B 245 -8.04 -31.87 42.93
CA LEU B 245 -9.02 -32.92 42.95
C LEU B 245 -8.72 -34.03 41.97
N ILE B 246 -7.96 -33.75 40.94
CA ILE B 246 -7.54 -34.80 40.05
C ILE B 246 -6.51 -35.67 40.78
N LEU B 247 -5.62 -35.01 41.52
CA LEU B 247 -4.76 -35.67 42.51
C LEU B 247 -5.63 -36.10 43.70
N SER B 248 -6.52 -37.06 43.44
CA SER B 248 -7.88 -37.23 44.00
C SER B 248 -8.36 -36.52 45.29
N GLU B 249 -9.54 -36.96 45.78
CA GLU B 249 -10.41 -36.13 46.63
C GLU B 249 -10.03 -36.04 48.12
N ASN B 250 -9.29 -34.98 48.45
CA ASN B 250 -9.08 -34.47 49.82
C ASN B 250 -7.90 -33.50 49.88
N GLY B 251 -7.98 -32.37 49.17
CA GLY B 251 -6.93 -31.35 49.15
C GLY B 251 -5.93 -31.47 50.30
N HIS B 252 -4.70 -31.83 49.98
CA HIS B 252 -3.71 -32.06 50.99
C HIS B 252 -2.37 -31.54 50.63
N ILE B 253 -2.27 -30.72 49.61
CA ILE B 253 -0.97 -30.36 49.12
C ILE B 253 -0.76 -31.27 47.96
N GLN B 254 -1.91 -31.51 47.35
CA GLN B 254 -2.11 -31.73 45.97
C GLN B 254 -2.32 -30.34 45.41
N SER B 255 -1.63 -29.38 45.98
CA SER B 255 -1.74 -28.01 45.59
C SER B 255 -0.51 -27.55 44.86
N GLU B 256 -0.62 -27.26 43.59
CA GLU B 256 0.50 -26.78 42.85
C GLU B 256 0.29 -25.38 42.36
N HIS B 257 1.31 -24.56 42.51
CA HIS B 257 1.33 -23.22 41.97
C HIS B 257 2.56 -22.95 41.17
N ILE B 258 3.37 -22.01 41.64
CA ILE B 258 4.65 -21.78 41.02
C ILE B 258 5.82 -22.09 41.96
N LEU B 259 5.59 -23.08 42.80
CA LEU B 259 6.63 -23.72 43.56
C LEU B 259 7.24 -24.69 42.60
N LEU B 260 6.66 -25.87 42.56
CA LEU B 260 7.01 -26.86 41.58
C LEU B 260 6.76 -26.23 40.22
N HIS C 16 1.87 -47.49 20.88
CA HIS C 16 1.93 -47.43 22.31
C HIS C 16 3.25 -46.78 22.75
N MET C 17 3.46 -46.62 24.04
CA MET C 17 4.46 -45.70 24.52
C MET C 17 5.54 -46.35 25.31
N VAL C 18 6.78 -45.94 25.09
CA VAL C 18 7.92 -46.49 25.77
C VAL C 18 8.31 -45.62 26.93
N VAL C 19 8.43 -46.19 28.12
CA VAL C 19 8.78 -45.42 29.28
C VAL C 19 9.73 -46.21 30.13
N ALA C 20 10.89 -45.68 30.47
CA ALA C 20 11.76 -46.46 31.31
C ALA C 20 12.38 -45.65 32.40
N ASP C 21 12.67 -44.41 32.09
CA ASP C 21 13.36 -43.53 33.00
C ASP C 21 12.45 -43.19 34.19
N THR C 22 13.07 -42.94 35.34
CA THR C 22 12.37 -42.54 36.56
C THR C 22 11.45 -41.33 36.34
N LYS C 23 11.91 -40.35 35.56
CA LYS C 23 11.13 -39.15 35.31
C LYS C 23 9.89 -39.44 34.44
N SER C 24 10.05 -40.31 33.46
CA SER C 24 8.96 -40.64 32.57
C SER C 24 7.94 -41.52 33.26
N LEU C 25 8.35 -42.32 34.24
CA LEU C 25 7.39 -43.19 34.93
C LEU C 25 6.45 -42.34 35.79
N LYS C 26 7.00 -41.26 36.32
CA LYS C 26 6.28 -40.33 37.17
C LYS C 26 5.28 -39.54 36.34
N LEU C 27 5.74 -39.11 35.16
CA LEU C 27 4.90 -38.48 34.15
C LEU C 27 3.76 -39.40 33.73
N LEU C 28 4.13 -40.65 33.48
CA LEU C 28 3.17 -41.68 33.15
C LEU C 28 2.12 -41.83 34.25
N ALA C 29 2.57 -41.81 35.49
CA ALA C 29 1.64 -41.96 36.61
C ALA C 29 0.68 -40.75 36.68
N LEU C 30 1.20 -39.56 36.44
CA LEU C 30 0.36 -38.37 36.42
C LEU C 30 -0.67 -38.48 35.31
N ALA C 31 -0.24 -38.99 34.15
CA ALA C 31 -1.11 -39.19 33.01
C ALA C 31 -2.26 -40.13 33.34
N ASP C 32 -1.93 -41.23 34.02
CA ASP C 32 -2.93 -42.21 34.38
C ASP C 32 -4.01 -41.58 35.24
N LYS C 33 -3.64 -40.63 36.12
CA LYS C 33 -4.64 -39.98 36.95
C LYS C 33 -5.63 -39.15 36.11
N VAL C 34 -5.14 -38.27 35.23
CA VAL C 34 -6.09 -37.49 34.43
C VAL C 34 -6.85 -38.28 33.42
N ALA C 35 -6.20 -39.28 32.83
CA ALA C 35 -6.84 -40.10 31.79
C ALA C 35 -8.20 -40.59 32.27
N LYS C 36 -8.28 -40.96 33.54
CA LYS C 36 -9.52 -41.42 34.14
C LYS C 36 -10.58 -40.32 34.14
N THR C 37 -10.14 -39.07 34.24
CA THR C 37 -11.07 -37.94 34.33
C THR C 37 -11.46 -37.39 32.96
N ASP C 38 -12.28 -36.33 32.97
CA ASP C 38 -12.68 -35.66 31.73
C ASP C 38 -11.96 -34.33 31.53
N ALA C 39 -11.05 -34.01 32.45
CA ALA C 39 -10.32 -32.74 32.49
C ALA C 39 -9.57 -32.44 31.20
N ASN C 40 -9.52 -31.18 30.78
CA ASN C 40 -8.61 -30.82 29.70
C ASN C 40 -7.16 -31.14 30.07
N VAL C 41 -6.40 -31.68 29.12
CA VAL C 41 -4.99 -31.97 29.38
C VAL C 41 -4.09 -31.21 28.43
N MET C 42 -3.17 -30.43 28.98
CA MET C 42 -2.16 -29.75 28.18
C MET C 42 -0.84 -30.55 28.21
N ILE C 43 -0.30 -30.85 27.04
CA ILE C 43 0.88 -31.67 27.01
C ILE C 43 2.02 -30.86 26.43
N LEU C 44 3.06 -30.69 27.24
CA LEU C 44 4.15 -29.76 26.95
C LEU C 44 5.49 -30.48 26.84
N GLY C 45 6.48 -29.81 26.27
CA GLY C 45 7.75 -30.46 26.03
C GLY C 45 8.35 -29.98 24.74
N PRO C 46 9.66 -30.22 24.57
CA PRO C 46 10.40 -29.73 23.41
C PRO C 46 10.04 -30.47 22.13
N SER C 47 10.60 -30.04 21.01
CA SER C 47 10.26 -30.64 19.72
C SER C 47 10.75 -32.09 19.64
N GLY C 48 9.82 -32.96 19.28
CA GLY C 48 10.09 -34.38 19.05
C GLY C 48 10.26 -35.18 20.33
N SER C 49 9.63 -34.74 21.41
CA SER C 49 9.87 -35.37 22.69
C SER C 49 8.75 -36.32 23.06
N GLY C 50 7.73 -36.39 22.21
CA GLY C 50 6.62 -37.33 22.38
C GLY C 50 5.24 -36.82 22.81
N LYS C 51 4.98 -35.52 22.69
CA LYS C 51 3.68 -34.95 23.07
C LYS C 51 2.52 -35.67 22.36
N GLU C 52 2.74 -35.94 21.08
CA GLU C 52 1.76 -36.65 20.27
C GLU C 52 1.49 -38.05 20.80
N VAL C 53 2.53 -38.79 21.19
CA VAL C 53 2.24 -40.15 21.59
C VAL C 53 1.66 -40.16 22.97
N MET C 54 1.97 -39.13 23.76
CA MET C 54 1.36 -38.97 25.07
C MET C 54 -0.15 -38.78 24.93
N SER C 55 -0.57 -38.00 23.93
CA SER C 55 -2.00 -37.75 23.67
C SER C 55 -2.77 -39.05 23.51
N ARG C 56 -2.29 -39.87 22.60
CA ARG C 56 -2.89 -41.17 22.32
C ARG C 56 -2.86 -42.02 23.54
N TYR C 57 -1.76 -41.96 24.30
CA TYR C 57 -1.71 -42.72 25.53
C TYR C 57 -2.87 -42.32 26.45
N ILE C 58 -3.17 -41.03 26.54
CA ILE C 58 -4.17 -40.59 27.50
C ILE C 58 -5.53 -41.03 27.02
N HIS C 59 -5.71 -40.99 25.70
CA HIS C 59 -6.98 -41.43 25.10
C HIS C 59 -7.26 -42.89 25.37
N ASN C 60 -6.21 -43.71 25.27
CA ASN C 60 -6.33 -45.15 25.39
C ASN C 60 -6.40 -45.57 26.84
N ALA C 61 -5.94 -44.68 27.73
CA ALA C 61 -5.99 -44.92 29.17
C ALA C 61 -7.29 -44.38 29.77
N SER C 62 -7.91 -43.45 29.04
CA SER C 62 -9.19 -42.89 29.40
C SER C 62 -10.36 -43.87 29.21
N PRO C 63 -11.48 -43.60 29.88
CA PRO C 63 -12.70 -44.39 29.68
C PRO C 63 -13.29 -44.18 28.29
N ARG C 64 -12.77 -43.22 27.55
CA ARG C 64 -13.24 -42.95 26.19
C ARG C 64 -12.40 -43.68 25.14
N LYS C 65 -11.54 -44.60 25.56
CA LYS C 65 -10.62 -45.28 24.65
C LYS C 65 -11.34 -45.91 23.45
N GLU C 66 -12.54 -46.42 23.65
CA GLU C 66 -13.23 -47.08 22.56
C GLU C 66 -13.74 -46.06 21.54
N GLY C 67 -13.75 -44.78 21.92
CA GLY C 67 -14.26 -43.75 21.04
C GLY C 67 -13.22 -43.14 20.11
N PRO C 68 -13.68 -42.31 19.15
CA PRO C 68 -12.80 -41.71 18.15
C PRO C 68 -11.71 -40.87 18.77
N PHE C 69 -10.53 -40.90 18.15
CA PHE C 69 -9.42 -40.02 18.52
C PHE C 69 -9.14 -39.13 17.32
N ILE C 70 -9.61 -37.89 17.35
CA ILE C 70 -9.35 -37.02 16.23
C ILE C 70 -8.30 -35.96 16.55
N ALA C 71 -7.28 -35.88 15.71
CA ALA C 71 -6.23 -34.89 15.90
C ALA C 71 -6.30 -33.80 14.83
N ILE C 72 -5.71 -32.64 15.14
CA ILE C 72 -5.59 -31.55 14.18
C ILE C 72 -4.40 -30.66 14.57
N ASN C 73 -3.36 -30.73 13.74
CA ASN C 73 -2.15 -29.98 13.99
C ASN C 73 -2.27 -28.58 13.41
N CYS C 74 -2.61 -27.62 14.28
CA CYS C 74 -2.80 -26.22 13.87
C CYS C 74 -1.54 -25.64 13.24
N ALA C 75 -0.40 -26.29 13.44
CA ALA C 75 0.87 -25.81 12.91
C ALA C 75 1.21 -26.48 11.57
N ALA C 76 0.24 -27.16 10.99
CA ALA C 76 0.53 -27.94 9.79
C ALA C 76 -0.57 -27.83 8.73
N ILE C 77 -1.60 -27.04 9.01
CA ILE C 77 -2.73 -26.94 8.09
C ILE C 77 -2.49 -25.86 7.05
N PRO C 78 -2.28 -26.27 5.80
CA PRO C 78 -1.96 -25.36 4.68
C PRO C 78 -3.09 -24.40 4.35
N ASP C 79 -2.75 -23.31 3.68
CA ASP C 79 -3.70 -22.35 3.13
C ASP C 79 -4.67 -21.78 4.18
N ASN C 80 -4.17 -21.64 5.42
CA ASN C 80 -4.90 -21.01 6.53
C ASN C 80 -6.35 -21.51 6.65
N MET C 81 -6.57 -22.76 6.30
CA MET C 81 -7.89 -23.35 6.43
C MET C 81 -7.99 -24.01 7.81
N LEU C 82 -7.37 -23.38 8.82
CA LEU C 82 -7.39 -23.93 10.18
C LEU C 82 -8.78 -23.87 10.80
N GLU C 83 -9.34 -22.66 10.86
CA GLU C 83 -10.66 -22.42 11.42
C GLU C 83 -11.72 -23.28 10.73
N ALA C 84 -11.74 -23.22 9.40
CA ALA C 84 -12.68 -24.00 8.60
C ALA C 84 -12.57 -25.50 8.91
N THR C 85 -11.35 -25.97 9.15
CA THR C 85 -11.14 -27.39 9.40
C THR C 85 -11.63 -27.79 10.78
N LEU C 86 -11.60 -26.83 11.71
CA LEU C 86 -11.99 -27.07 13.11
C LEU C 86 -13.50 -27.17 13.29
N PHE C 87 -14.21 -26.18 12.77
CA PHE C 87 -15.62 -25.99 13.08
C PHE C 87 -16.51 -26.61 12.01
N GLY C 88 -15.89 -26.88 10.87
CA GLY C 88 -16.63 -27.35 9.73
C GLY C 88 -17.27 -26.16 9.05
N TYR C 89 -17.84 -26.38 7.88
CA TYR C 89 -18.44 -25.31 7.13
C TYR C 89 -19.57 -25.85 6.27
N GLU C 90 -20.53 -24.98 5.98
CA GLU C 90 -21.58 -25.35 5.07
C GLU C 90 -21.17 -24.85 3.70
N LYS C 91 -21.74 -25.46 2.67
CA LYS C 91 -21.56 -25.03 1.29
C LYS C 91 -21.92 -23.55 1.20
N GLY C 92 -20.92 -22.71 0.92
CA GLY C 92 -21.14 -21.29 0.76
C GLY C 92 -20.30 -20.42 1.67
N ALA C 93 -19.92 -20.96 2.84
CA ALA C 93 -19.28 -20.20 3.93
C ALA C 93 -18.18 -19.23 3.48
N PHE C 94 -17.41 -19.67 2.49
CA PHE C 94 -16.35 -18.88 1.89
C PHE C 94 -16.14 -19.39 0.46
N THR C 95 -15.22 -18.78 -0.26
CA THR C 95 -14.93 -19.23 -1.62
C THR C 95 -14.05 -20.48 -1.58
N GLY C 96 -14.44 -21.49 -2.35
CA GLY C 96 -13.75 -22.77 -2.32
C GLY C 96 -14.47 -23.73 -1.39
N ALA C 97 -15.54 -23.25 -0.76
CA ALA C 97 -16.38 -24.10 0.08
C ALA C 97 -17.52 -24.63 -0.75
N VAL C 98 -17.18 -25.48 -1.71
CA VAL C 98 -18.14 -25.99 -2.68
C VAL C 98 -19.00 -27.12 -2.11
N GLN C 99 -18.76 -27.46 -0.85
CA GLN C 99 -19.50 -28.52 -0.19
C GLN C 99 -19.60 -28.25 1.29
N ALA C 100 -20.44 -29.00 1.98
CA ALA C 100 -20.48 -29.00 3.43
C ALA C 100 -19.40 -29.93 3.97
N CYS C 101 -18.88 -29.63 5.15
CA CYS C 101 -17.84 -30.46 5.72
C CYS C 101 -17.86 -30.40 7.24
N PRO C 102 -18.01 -31.56 7.89
CA PRO C 102 -18.09 -31.62 9.35
C PRO C 102 -16.81 -31.13 10.02
N GLY C 103 -16.92 -30.56 11.22
CA GLY C 103 -15.78 -30.17 12.01
C GLY C 103 -15.00 -31.35 12.62
N LYS C 104 -13.79 -31.07 13.09
CA LYS C 104 -13.02 -32.04 13.83
C LYS C 104 -13.71 -32.36 15.15
N PHE C 105 -14.35 -31.35 15.74
CA PHE C 105 -15.11 -31.56 16.97
C PHE C 105 -16.25 -32.54 16.77
N GLU C 106 -16.96 -32.40 15.64
CA GLU C 106 -18.04 -33.33 15.29
C GLU C 106 -17.53 -34.76 15.11
N GLN C 107 -16.34 -34.92 14.53
CA GLN C 107 -15.84 -36.26 14.28
C GLN C 107 -15.43 -36.92 15.59
N ALA C 108 -15.19 -36.12 16.63
CA ALA C 108 -14.64 -36.66 17.87
C ALA C 108 -15.73 -36.94 18.88
N GLN C 109 -16.99 -36.80 18.46
CA GLN C 109 -18.13 -37.07 19.32
C GLN C 109 -17.96 -38.39 20.07
N GLY C 110 -18.11 -38.35 21.40
CA GLY C 110 -17.93 -39.53 22.22
C GLY C 110 -16.47 -39.89 22.49
N GLY C 111 -15.54 -39.24 21.80
CA GLY C 111 -14.13 -39.49 22.05
C GLY C 111 -13.28 -38.30 22.50
N THR C 112 -12.11 -38.19 21.88
CA THR C 112 -11.12 -37.22 22.30
C THR C 112 -10.66 -36.43 21.09
N ILE C 113 -10.56 -35.12 21.23
CA ILE C 113 -9.92 -34.31 20.20
C ILE C 113 -8.53 -33.84 20.71
N LEU C 114 -7.57 -33.73 19.80
CA LEU C 114 -6.23 -33.25 20.15
C LEU C 114 -5.93 -31.99 19.40
N LEU C 115 -5.75 -30.89 20.15
CA LEU C 115 -5.37 -29.63 19.53
C LEU C 115 -3.86 -29.48 19.60
N ASP C 116 -3.18 -29.99 18.58
CA ASP C 116 -1.72 -30.03 18.53
C ASP C 116 -1.16 -28.70 18.04
N GLU C 117 -0.18 -28.18 18.77
CA GLU C 117 0.44 -26.86 18.52
C GLU C 117 -0.58 -25.73 18.61
N ILE C 118 -1.29 -25.68 19.71
CA ILE C 118 -2.44 -24.80 19.85
C ILE C 118 -2.00 -23.35 19.99
N SER C 119 -0.72 -23.14 20.25
CA SER C 119 -0.16 -21.81 20.33
C SER C 119 -0.18 -21.10 18.97
N GLU C 120 -0.60 -21.79 17.92
CA GLU C 120 -0.56 -21.23 16.57
C GLU C 120 -1.90 -20.68 16.07
N MET C 121 -2.97 -20.93 16.83
CA MET C 121 -4.26 -20.33 16.51
C MET C 121 -4.21 -18.83 16.72
N ASP C 122 -4.63 -18.07 15.72
CA ASP C 122 -4.74 -16.63 15.89
C ASP C 122 -5.74 -16.33 17.00
N LEU C 123 -5.68 -15.11 17.52
CA LEU C 123 -6.46 -14.76 18.70
C LEU C 123 -7.95 -14.89 18.43
N ASN C 124 -8.32 -14.59 17.19
CA ASN C 124 -9.71 -14.70 16.78
C ASN C 124 -10.21 -16.14 16.90
N LEU C 125 -9.41 -17.08 16.44
CA LEU C 125 -9.77 -18.48 16.53
C LEU C 125 -9.80 -18.94 18.00
N GLN C 126 -8.87 -18.43 18.79
CA GLN C 126 -8.90 -18.65 20.23
C GLN C 126 -10.24 -18.23 20.84
N ALA C 127 -10.80 -17.13 20.36
CA ALA C 127 -12.07 -16.66 20.88
C ALA C 127 -13.17 -17.69 20.62
N LYS C 128 -13.28 -18.12 19.36
CA LYS C 128 -14.29 -19.09 18.97
C LYS C 128 -14.04 -20.40 19.71
N LEU C 129 -12.77 -20.77 19.84
CA LEU C 129 -12.42 -22.00 20.55
C LEU C 129 -12.84 -21.94 22.02
N LEU C 130 -12.66 -20.79 22.64
CA LEU C 130 -13.08 -20.61 24.02
C LEU C 130 -14.58 -20.84 24.17
N ARG C 131 -15.34 -20.32 23.21
CA ARG C 131 -16.78 -20.43 23.28
C ARG C 131 -17.23 -21.89 23.25
N VAL C 132 -16.63 -22.65 22.33
CA VAL C 132 -16.92 -24.06 22.26
C VAL C 132 -16.58 -24.77 23.58
N LEU C 133 -15.43 -24.47 24.19
CA LEU C 133 -15.08 -25.12 25.47
C LEU C 133 -16.01 -24.66 26.60
N GLN C 134 -16.45 -23.42 26.51
CA GLN C 134 -17.38 -22.88 27.48
C GLN C 134 -18.74 -23.57 27.36
N GLU C 135 -19.29 -23.61 26.15
CA GLU C 135 -20.70 -23.98 26.01
C GLU C 135 -20.86 -25.45 25.64
N ARG C 136 -19.75 -26.09 25.27
CA ARG C 136 -19.78 -27.46 24.76
C ARG C 136 -20.67 -27.57 23.53
N GLU C 137 -20.54 -26.61 22.61
CA GLU C 137 -21.28 -26.62 21.36
C GLU C 137 -20.40 -26.07 20.25
N VAL C 138 -20.74 -26.35 19.00
CA VAL C 138 -19.96 -25.82 17.88
C VAL C 138 -20.91 -25.57 16.71
N GLU C 139 -20.66 -24.51 15.96
CA GLU C 139 -21.38 -24.28 14.71
C GLU C 139 -20.36 -24.27 13.59
N ARG C 140 -20.77 -24.79 12.44
CA ARG C 140 -19.92 -24.71 11.26
C ARG C 140 -19.91 -23.28 10.72
N LEU C 141 -18.84 -22.94 10.00
CA LEU C 141 -18.79 -21.67 9.28
C LEU C 141 -19.96 -21.60 8.31
N GLY C 142 -20.69 -20.49 8.34
CA GLY C 142 -21.83 -20.30 7.45
C GLY C 142 -23.07 -20.98 7.97
N SER C 143 -23.06 -21.32 9.26
CA SER C 143 -24.20 -22.00 9.86
C SER C 143 -24.65 -21.30 11.13
N ARG C 144 -25.84 -21.65 11.61
CA ARG C 144 -26.44 -20.98 12.76
C ARG C 144 -26.89 -21.98 13.80
N LYS C 145 -26.81 -23.26 13.43
CA LYS C 145 -27.23 -24.35 14.32
C LYS C 145 -26.07 -24.78 15.21
N SER C 146 -26.33 -24.80 16.51
CA SER C 146 -25.30 -25.22 17.45
C SER C 146 -25.39 -26.74 17.63
N ILE C 147 -24.26 -27.40 17.44
CA ILE C 147 -24.19 -28.84 17.59
C ILE C 147 -23.67 -29.19 18.99
N LYS C 148 -24.49 -29.90 19.76
CA LYS C 148 -24.08 -30.41 21.07
C LYS C 148 -22.83 -31.30 20.98
N LEU C 149 -21.93 -31.12 21.94
CA LEU C 149 -20.67 -31.84 21.97
C LEU C 149 -20.42 -32.61 23.27
N ASP C 150 -19.94 -33.84 23.13
CA ASP C 150 -19.40 -34.65 24.21
C ASP C 150 -17.99 -35.06 23.82
N VAL C 151 -17.06 -34.13 23.93
CA VAL C 151 -15.70 -34.32 23.45
C VAL C 151 -14.65 -33.96 24.49
N ARG C 152 -13.77 -34.91 24.77
CA ARG C 152 -12.66 -34.66 25.67
C ARG C 152 -11.55 -33.95 24.91
N VAL C 153 -10.91 -32.98 25.57
CA VAL C 153 -9.95 -32.14 24.87
C VAL C 153 -8.55 -32.29 25.37
N LEU C 154 -7.65 -32.49 24.41
CA LEU C 154 -6.21 -32.57 24.65
C LEU C 154 -5.53 -31.52 23.81
N ALA C 155 -4.48 -30.91 24.36
CA ALA C 155 -3.77 -29.89 23.63
C ALA C 155 -2.27 -30.06 23.84
N THR C 156 -1.49 -29.63 22.85
CA THR C 156 -0.05 -29.60 23.03
C THR C 156 0.48 -28.25 22.58
N SER C 157 1.65 -27.89 23.05
CA SER C 157 2.30 -26.67 22.58
C SER C 157 3.81 -26.81 22.65
N ASN C 158 4.50 -26.23 21.69
CA ASN C 158 5.94 -26.11 21.81
C ASN C 158 6.28 -24.92 22.66
N ARG C 159 5.48 -23.86 22.54
CA ARG C 159 5.70 -22.62 23.28
C ARG C 159 5.29 -22.69 24.74
N ASP C 160 5.86 -21.78 25.53
CA ASP C 160 5.35 -21.45 26.86
C ASP C 160 4.12 -20.59 26.69
N LEU C 161 2.96 -21.15 27.01
CA LEU C 161 1.72 -20.43 26.82
C LEU C 161 1.60 -19.27 27.81
N LYS C 162 2.08 -19.48 29.03
CA LYS C 162 2.21 -18.39 30.00
C LYS C 162 2.85 -17.17 29.37
N GLN C 163 4.00 -17.40 28.75
CA GLN C 163 4.80 -16.37 28.07
C GLN C 163 3.99 -15.73 26.95
N TYR C 164 3.24 -16.59 26.26
CA TYR C 164 2.51 -16.16 25.09
C TYR C 164 1.32 -15.30 25.53
N VAL C 165 0.84 -15.54 26.75
CA VAL C 165 -0.27 -14.73 27.25
C VAL C 165 0.24 -13.35 27.60
N GLN C 166 1.39 -13.29 28.24
CA GLN C 166 1.97 -12.01 28.62
C GLN C 166 2.42 -11.20 27.41
N ALA C 167 2.68 -11.87 26.30
CA ALA C 167 3.06 -11.21 25.07
C ALA C 167 1.81 -10.75 24.32
N GLY C 168 0.66 -11.17 24.82
CA GLY C 168 -0.60 -10.80 24.22
C GLY C 168 -0.96 -11.58 22.96
N HIS C 169 -0.37 -12.76 22.80
CA HIS C 169 -0.65 -13.60 21.63
C HIS C 169 -1.59 -14.74 21.95
N PHE C 170 -2.05 -14.81 23.20
CA PHE C 170 -2.86 -15.93 23.63
C PHE C 170 -3.75 -15.51 24.77
N ARG C 171 -5.05 -15.78 24.64
CA ARG C 171 -6.00 -15.34 25.66
C ARG C 171 -5.72 -15.95 27.01
N GLU C 172 -5.85 -15.12 28.03
CA GLU C 172 -5.67 -15.57 29.41
C GLU C 172 -6.74 -16.59 29.82
N ASP C 173 -8.00 -16.30 29.56
CA ASP C 173 -9.07 -17.19 29.99
C ASP C 173 -8.95 -18.56 29.32
N LEU C 174 -8.60 -18.55 28.05
CA LEU C 174 -8.40 -19.79 27.33
C LEU C 174 -7.27 -20.57 27.96
N TYR C 175 -6.21 -19.84 28.39
CA TYR C 175 -5.03 -20.46 28.99
C TYR C 175 -5.38 -21.21 30.28
N TYR C 176 -6.18 -20.59 31.13
CA TYR C 176 -6.55 -21.24 32.38
C TYR C 176 -7.47 -22.45 32.16
N ARG C 177 -8.24 -22.43 31.08
CA ARG C 177 -9.12 -23.56 30.80
C ARG C 177 -8.34 -24.75 30.29
N LEU C 178 -7.25 -24.49 29.61
CA LEU C 178 -6.51 -25.58 28.99
C LEU C 178 -5.37 -26.07 29.87
N ASN C 179 -5.08 -25.35 30.96
CA ASN C 179 -3.96 -25.70 31.83
C ASN C 179 -4.31 -26.04 33.27
N VAL C 180 -5.47 -26.62 33.48
CA VAL C 180 -5.77 -27.24 34.75
C VAL C 180 -4.74 -28.31 35.09
N PHE C 181 -4.31 -29.10 34.10
CA PHE C 181 -3.44 -30.24 34.37
C PHE C 181 -2.36 -30.43 33.30
N PRO C 182 -1.34 -29.57 33.30
CA PRO C 182 -0.26 -29.68 32.32
C PRO C 182 0.75 -30.80 32.62
N LEU C 183 1.05 -31.62 31.61
CA LEU C 183 2.05 -32.68 31.70
C LEU C 183 3.21 -32.31 30.79
N THR C 184 4.44 -32.34 31.31
CA THR C 184 5.58 -31.91 30.51
C THR C 184 6.62 -33.01 30.28
N TRP C 185 6.94 -33.30 29.02
CA TRP C 185 8.02 -34.22 28.71
C TRP C 185 9.33 -33.51 28.99
N PRO C 186 10.19 -34.13 29.80
CA PRO C 186 11.55 -33.58 29.83
C PRO C 186 12.23 -33.89 28.49
N ALA C 187 13.20 -33.06 28.12
CA ALA C 187 14.03 -33.35 26.97
C ALA C 187 14.69 -34.73 27.14
N LEU C 188 14.98 -35.39 26.02
CA LEU C 188 15.55 -36.75 26.06
C LEU C 188 16.88 -36.83 26.81
N CYS C 189 17.69 -35.77 26.78
CA CYS C 189 18.94 -35.82 27.53
C CYS C 189 18.72 -35.76 29.04
N GLU C 190 17.53 -35.31 29.45
CA GLU C 190 17.17 -35.28 30.85
C GLU C 190 16.57 -36.62 31.34
N ARG C 191 16.40 -37.56 30.42
CA ARG C 191 15.84 -38.87 30.77
C ARG C 191 16.54 -39.99 30.02
N LYS C 192 17.85 -40.07 30.16
CA LYS C 192 18.67 -40.96 29.36
C LYS C 192 18.28 -42.46 29.43
N ASP C 193 17.61 -42.89 30.50
CA ASP C 193 17.18 -44.29 30.62
C ASP C 193 16.11 -44.65 29.60
N ASP C 194 15.64 -43.65 28.86
CA ASP C 194 14.63 -43.90 27.85
C ASP C 194 15.28 -44.17 26.51
N ILE C 195 16.50 -43.68 26.35
CA ILE C 195 17.17 -43.70 25.06
C ILE C 195 17.27 -45.09 24.46
N GLU C 196 17.81 -46.06 25.20
CA GLU C 196 17.98 -47.40 24.61
C GLU C 196 16.64 -48.12 24.33
N PRO C 197 15.70 -48.17 25.32
CA PRO C 197 14.38 -48.75 24.97
C PRO C 197 13.71 -48.06 23.78
N LEU C 198 13.91 -46.76 23.62
CA LEU C 198 13.32 -46.07 22.48
C LEU C 198 13.97 -46.46 21.19
N ALA C 199 15.30 -46.51 21.19
CA ALA C 199 16.03 -46.86 19.98
C ALA C 199 15.63 -48.24 19.51
N ASN C 200 15.47 -49.17 20.43
CA ASN C 200 15.08 -50.51 20.02
C ASN C 200 13.63 -50.51 19.52
N HIS C 201 12.79 -49.70 20.14
CA HIS C 201 11.40 -49.60 19.74
C HIS C 201 11.31 -48.98 18.33
N LEU C 202 12.14 -47.98 18.06
CA LEU C 202 12.12 -47.28 16.77
C LEU C 202 12.59 -48.21 15.64
N ILE C 203 13.63 -48.98 15.94
CA ILE C 203 14.13 -49.97 14.99
C ILE C 203 13.05 -51.00 14.64
N GLU C 204 12.49 -51.58 15.70
CA GLU C 204 11.52 -52.64 15.55
C GLU C 204 10.33 -52.12 14.75
N ARG C 205 9.91 -50.90 15.06
CA ARG C 205 8.78 -50.31 14.37
C ARG C 205 9.08 -50.09 12.87
N HIS C 206 10.26 -49.56 12.59
CA HIS C 206 10.68 -49.29 11.22
C HIS C 206 10.83 -50.58 10.41
N CYS C 207 11.45 -51.59 11.03
CA CYS C 207 11.77 -52.83 10.33
C CYS C 207 10.53 -53.67 10.08
N LYS C 208 9.63 -53.69 11.06
CA LYS C 208 8.36 -54.37 10.87
C LYS C 208 7.55 -53.73 9.74
N LYS C 209 7.47 -52.41 9.71
CA LYS C 209 6.81 -51.72 8.62
C LYS C 209 7.40 -52.08 7.24
N LEU C 210 8.72 -52.09 7.11
CA LEU C 210 9.37 -52.48 5.85
C LEU C 210 9.46 -53.99 5.59
N GLY C 211 9.06 -54.81 6.56
CA GLY C 211 9.06 -56.26 6.36
C GLY C 211 10.45 -56.86 6.40
N LEU C 212 11.30 -56.30 7.26
CA LEU C 212 12.65 -56.76 7.51
C LEU C 212 12.80 -57.42 8.88
N PRO C 213 13.75 -58.35 8.99
CA PRO C 213 14.12 -58.79 10.35
C PRO C 213 14.61 -57.60 11.17
N VAL C 214 14.40 -57.61 12.48
CA VAL C 214 14.87 -56.45 13.24
C VAL C 214 16.19 -56.73 13.95
N PRO C 215 17.12 -55.82 13.75
CA PRO C 215 18.47 -55.99 14.29
C PRO C 215 18.55 -55.54 15.73
N SER C 216 19.67 -55.88 16.35
CA SER C 216 19.98 -55.42 17.68
C SER C 216 21.01 -54.31 17.63
N ILE C 217 21.25 -53.70 18.77
CA ILE C 217 22.21 -52.60 18.87
C ILE C 217 23.35 -53.05 19.75
N ALA C 218 24.56 -53.03 19.23
CA ALA C 218 25.73 -53.36 20.01
C ALA C 218 25.94 -52.36 21.13
N PRO C 219 26.50 -52.83 22.25
CA PRO C 219 26.68 -51.99 23.45
C PRO C 219 27.40 -50.66 23.16
N ASN C 220 28.48 -50.70 22.38
CA ASN C 220 29.22 -49.48 22.06
C ASN C 220 28.40 -48.48 21.24
N ALA C 221 27.38 -48.99 20.57
CA ALA C 221 26.49 -48.13 19.83
C ALA C 221 25.53 -47.47 20.83
N ILE C 222 25.13 -48.22 21.85
CA ILE C 222 24.26 -47.69 22.90
C ILE C 222 24.96 -46.52 23.58
N THR C 223 26.20 -46.77 23.97
CA THR C 223 27.03 -45.79 24.64
C THR C 223 27.10 -44.50 23.85
N LYS C 224 27.26 -44.66 22.55
CA LYS C 224 27.45 -43.52 21.67
C LYS C 224 26.16 -42.71 21.66
N LEU C 225 25.04 -43.43 21.69
CA LEU C 225 23.72 -42.85 21.67
C LEU C 225 23.38 -42.14 22.99
N LEU C 226 23.89 -42.67 24.10
CA LEU C 226 23.60 -42.07 25.41
C LEU C 226 24.42 -40.77 25.63
N ASN C 227 25.62 -40.70 25.10
CA ASN C 227 26.50 -39.54 25.29
C ASN C 227 26.30 -38.42 24.26
N TYR C 228 25.10 -38.34 23.72
CA TYR C 228 24.74 -37.28 22.79
C TYR C 228 23.58 -36.51 23.41
N PRO C 229 23.58 -35.18 23.27
CA PRO C 229 22.53 -34.42 23.94
C PRO C 229 21.13 -34.46 23.27
N TRP C 230 20.98 -35.01 22.06
CA TRP C 230 19.66 -35.14 21.39
C TRP C 230 18.85 -33.84 21.30
N PRO C 231 19.41 -32.80 20.66
CA PRO C 231 18.67 -31.54 20.58
C PRO C 231 17.33 -31.70 19.85
N GLY C 232 17.19 -32.73 19.01
CA GLY C 232 15.94 -32.99 18.31
C GLY C 232 15.13 -34.09 18.98
N ASN C 233 15.63 -34.55 20.12
CA ASN C 233 14.99 -35.57 20.93
C ASN C 233 14.63 -36.85 20.16
N VAL C 234 13.45 -37.41 20.40
CA VAL C 234 13.15 -38.73 19.84
C VAL C 234 13.03 -38.74 18.30
N ARG C 235 12.56 -37.66 17.71
CA ARG C 235 12.58 -37.50 16.26
C ARG C 235 13.99 -37.73 15.71
N GLU C 236 14.95 -37.05 16.32
CA GLU C 236 16.33 -37.10 15.87
C GLU C 236 16.89 -38.52 16.10
N LEU C 237 16.53 -39.10 17.23
CA LEU C 237 16.89 -40.48 17.55
C LEU C 237 16.38 -41.43 16.45
N ASP C 238 15.10 -41.31 16.09
CA ASP C 238 14.48 -42.10 15.05
C ASP C 238 15.31 -41.96 13.77
N ASN C 239 15.73 -40.73 13.51
CA ASN C 239 16.48 -40.39 12.30
C ASN C 239 17.81 -41.11 12.24
N VAL C 240 18.52 -41.04 13.35
CA VAL C 240 19.85 -41.59 13.47
C VAL C 240 19.80 -43.08 13.29
N VAL C 241 18.77 -43.66 13.90
CA VAL C 241 18.60 -45.09 13.94
C VAL C 241 18.18 -45.64 12.55
N GLN C 242 17.47 -44.85 11.77
CA GLN C 242 17.11 -45.21 10.42
C GLN C 242 18.31 -45.10 9.48
N ARG C 243 19.09 -44.05 9.68
CA ARG C 243 20.39 -43.94 9.03
C ARG C 243 21.29 -45.15 9.39
N ALA C 244 21.27 -45.57 10.64
CA ALA C 244 22.09 -46.68 11.06
C ALA C 244 21.72 -47.96 10.32
N LEU C 245 20.42 -48.22 10.14
CA LEU C 245 20.02 -49.45 9.48
C LEU C 245 20.37 -49.45 7.99
N ILE C 246 20.50 -48.28 7.40
CA ILE C 246 20.93 -48.21 6.02
C ILE C 246 22.44 -48.56 5.92
N LEU C 247 23.21 -48.09 6.88
CA LEU C 247 24.64 -48.35 6.91
C LEU C 247 24.92 -49.83 7.27
N SER C 248 24.11 -50.39 8.18
CA SER C 248 23.35 -51.67 8.01
C SER C 248 23.14 -52.49 9.28
N GLU C 249 22.90 -53.80 9.11
CA GLU C 249 22.20 -54.65 10.12
C GLU C 249 22.98 -55.16 11.35
N ASN C 250 22.29 -55.25 12.48
CA ASN C 250 22.87 -55.29 13.83
C ASN C 250 23.74 -54.00 13.96
N GLY C 251 23.18 -53.01 14.66
CA GLY C 251 23.72 -51.66 14.70
C GLY C 251 24.99 -51.62 15.51
N HIS C 252 26.10 -51.35 14.84
CA HIS C 252 27.33 -51.05 15.55
C HIS C 252 27.55 -49.58 15.50
N ILE C 253 28.76 -49.14 15.25
CA ILE C 253 28.81 -47.70 15.03
C ILE C 253 28.66 -47.30 13.54
N GLN C 254 27.46 -47.61 13.10
CA GLN C 254 26.78 -46.94 12.04
C GLN C 254 25.93 -45.79 12.60
N SER C 255 26.32 -45.27 13.77
CA SER C 255 25.64 -44.14 14.39
C SER C 255 26.33 -42.84 14.01
N GLU C 256 25.64 -42.00 13.22
CA GLU C 256 26.06 -40.65 12.85
C GLU C 256 25.31 -39.54 13.56
N HIS C 257 26.00 -38.49 13.99
CA HIS C 257 25.33 -37.39 14.71
C HIS C 257 25.44 -35.97 14.14
N ILE C 258 26.66 -35.46 14.07
CA ILE C 258 26.89 -34.18 13.43
C ILE C 258 28.10 -34.26 12.53
N LEU C 259 28.14 -33.39 11.53
CA LEU C 259 29.30 -33.26 10.71
C LEU C 259 30.02 -34.56 10.74
N LEU C 260 30.93 -34.72 11.69
CA LEU C 260 31.68 -35.95 11.80
C LEU C 260 31.87 -36.52 10.40
N GLU C 261 30.94 -37.39 9.99
CA GLU C 261 30.75 -37.73 8.58
C GLU C 261 31.23 -39.08 8.04
N GLY C 262 31.24 -40.14 8.84
CA GLY C 262 31.71 -41.42 8.33
C GLY C 262 30.85 -42.15 7.29
N VAL C 263 30.79 -43.46 7.41
CA VAL C 263 29.96 -44.27 6.54
C VAL C 263 29.12 -45.24 7.35
N HIS D 16 25.18 -42.02 -17.14
CA HIS D 16 26.35 -42.62 -16.53
C HIS D 16 27.08 -41.65 -15.61
N MET D 17 27.86 -42.16 -14.67
CA MET D 17 28.44 -41.25 -13.70
C MET D 17 29.93 -41.51 -13.52
N VAL D 18 30.72 -40.45 -13.66
CA VAL D 18 32.17 -40.59 -13.58
C VAL D 18 32.65 -40.44 -12.15
N VAL D 19 33.32 -41.46 -11.65
CA VAL D 19 33.85 -41.45 -10.30
C VAL D 19 35.28 -41.95 -10.31
N ALA D 20 36.24 -41.14 -9.86
CA ALA D 20 37.62 -41.65 -9.78
C ALA D 20 38.31 -41.27 -8.48
N ASP D 21 38.10 -40.05 -8.01
CA ASP D 21 38.70 -39.63 -6.75
C ASP D 21 38.17 -40.52 -5.63
N THR D 22 39.00 -40.76 -4.62
CA THR D 22 38.60 -41.68 -3.56
C THR D 22 37.45 -41.08 -2.72
N LYS D 23 37.39 -39.76 -2.60
CA LYS D 23 36.23 -39.10 -1.98
C LYS D 23 34.95 -39.46 -2.72
N SER D 24 35.00 -39.41 -4.04
CA SER D 24 33.84 -39.72 -4.84
C SER D 24 33.48 -41.18 -4.67
N LEU D 25 34.50 -42.04 -4.58
CA LEU D 25 34.26 -43.48 -4.50
C LEU D 25 33.59 -43.80 -3.17
N LYS D 26 33.95 -43.08 -2.14
CA LYS D 26 33.33 -43.19 -0.87
C LYS D 26 31.88 -42.76 -0.95
N LEU D 27 31.63 -41.68 -1.67
CA LEU D 27 30.26 -41.22 -1.97
C LEU D 27 29.46 -42.31 -2.64
N LEU D 28 30.01 -42.81 -3.73
CA LEU D 28 29.42 -43.86 -4.55
C LEU D 28 29.01 -45.08 -3.70
N ALA D 29 29.87 -45.50 -2.79
CA ALA D 29 29.56 -46.66 -1.97
C ALA D 29 28.37 -46.35 -1.06
N LEU D 30 28.34 -45.11 -0.55
CA LEU D 30 27.25 -44.69 0.30
C LEU D 30 25.97 -44.67 -0.52
N ALA D 31 26.02 -44.01 -1.69
CA ALA D 31 24.90 -43.98 -2.63
C ALA D 31 24.37 -45.39 -2.92
N ASP D 32 25.27 -46.34 -3.17
CA ASP D 32 24.81 -47.67 -3.49
C ASP D 32 24.10 -48.29 -2.31
N LYS D 33 24.53 -47.94 -1.09
CA LYS D 33 23.86 -48.49 0.08
C LYS D 33 22.42 -48.00 0.15
N VAL D 34 22.17 -46.69 -0.01
CA VAL D 34 20.78 -46.20 0.06
C VAL D 34 19.93 -46.57 -1.11
N ALA D 35 20.56 -46.71 -2.28
CA ALA D 35 19.82 -46.98 -3.50
C ALA D 35 19.00 -48.24 -3.30
N LYS D 36 19.58 -49.24 -2.62
CA LYS D 36 18.91 -50.51 -2.40
C LYS D 36 17.68 -50.36 -1.55
N THR D 37 17.53 -49.23 -0.86
CA THR D 37 16.42 -49.08 0.09
C THR D 37 15.34 -48.16 -0.50
N ASP D 38 14.31 -47.89 0.28
CA ASP D 38 13.30 -46.90 -0.11
C ASP D 38 13.45 -45.60 0.67
N ALA D 39 14.59 -45.43 1.34
CA ALA D 39 14.78 -44.26 2.17
C ALA D 39 14.77 -42.96 1.35
N ASN D 40 14.14 -41.93 1.89
CA ASN D 40 14.33 -40.58 1.39
C ASN D 40 15.82 -40.31 1.24
N VAL D 41 16.26 -39.68 0.15
CA VAL D 41 17.68 -39.35 0.00
C VAL D 41 17.87 -37.86 -0.27
N MET D 42 18.68 -37.22 0.58
CA MET D 42 19.03 -35.81 0.39
C MET D 42 20.41 -35.64 -0.25
N ILE D 43 20.45 -35.01 -1.41
CA ILE D 43 21.67 -34.89 -2.19
C ILE D 43 22.23 -33.46 -2.18
N LEU D 44 23.35 -33.28 -1.52
CA LEU D 44 23.90 -31.96 -1.27
C LEU D 44 25.19 -31.64 -2.04
N GLY D 45 25.57 -30.36 -2.04
CA GLY D 45 26.84 -29.95 -2.60
C GLY D 45 26.70 -28.72 -3.46
N PRO D 46 27.82 -28.08 -3.79
CA PRO D 46 27.74 -26.77 -4.43
C PRO D 46 27.15 -26.83 -5.83
N SER D 47 27.18 -25.74 -6.55
CA SER D 47 26.55 -25.71 -7.84
C SER D 47 27.40 -26.36 -8.89
N GLY D 48 26.79 -27.20 -9.70
CA GLY D 48 27.44 -27.82 -10.83
C GLY D 48 28.30 -29.01 -10.45
N SER D 49 27.95 -29.65 -9.34
CA SER D 49 28.82 -30.65 -8.78
C SER D 49 28.25 -32.05 -9.00
N GLY D 50 27.08 -32.11 -9.62
CA GLY D 50 26.47 -33.37 -10.00
C GLY D 50 25.27 -33.91 -9.23
N LYS D 51 24.67 -33.12 -8.34
CA LYS D 51 23.52 -33.58 -7.55
C LYS D 51 22.44 -34.19 -8.45
N GLU D 52 22.16 -33.54 -9.57
CA GLU D 52 21.21 -34.09 -10.52
C GLU D 52 21.68 -35.45 -11.08
N VAL D 53 22.96 -35.60 -11.44
CA VAL D 53 23.34 -36.86 -12.06
C VAL D 53 23.45 -37.99 -11.03
N MET D 54 23.74 -37.64 -9.78
CA MET D 54 23.66 -38.59 -8.66
C MET D 54 22.25 -39.16 -8.40
N SER D 55 21.25 -38.28 -8.45
CA SER D 55 19.87 -38.71 -8.21
C SER D 55 19.45 -39.73 -9.27
N ARG D 56 19.70 -39.40 -10.53
CA ARG D 56 19.54 -40.34 -11.63
C ARG D 56 20.32 -41.65 -11.43
N TYR D 57 21.49 -41.59 -10.83
CA TYR D 57 22.27 -42.81 -10.58
C TYR D 57 21.59 -43.69 -9.53
N ILE D 58 21.13 -43.05 -8.45
CA ILE D 58 20.52 -43.77 -7.35
C ILE D 58 19.26 -44.50 -7.79
N HIS D 59 18.43 -43.79 -8.55
CA HIS D 59 17.23 -44.39 -9.11
C HIS D 59 17.55 -45.62 -9.92
N ASN D 60 18.59 -45.54 -10.76
CA ASN D 60 18.96 -46.65 -11.62
C ASN D 60 19.61 -47.80 -10.86
N ALA D 61 20.15 -47.50 -9.68
CA ALA D 61 20.74 -48.53 -8.85
C ALA D 61 19.67 -49.18 -7.96
N SER D 62 18.53 -48.52 -7.85
CA SER D 62 17.46 -48.95 -6.98
C SER D 62 16.62 -50.06 -7.62
N PRO D 63 15.90 -50.83 -6.79
CA PRO D 63 14.91 -51.79 -7.33
C PRO D 63 13.87 -51.12 -8.25
N ARG D 64 13.67 -49.81 -8.11
CA ARG D 64 12.69 -49.09 -8.91
C ARG D 64 13.20 -48.61 -10.25
N LYS D 65 14.33 -49.12 -10.72
CA LYS D 65 14.95 -48.54 -11.90
C LYS D 65 14.06 -48.66 -13.15
N GLU D 66 13.19 -49.65 -13.21
CA GLU D 66 12.37 -49.79 -14.42
C GLU D 66 11.19 -48.82 -14.35
N GLY D 67 10.97 -48.29 -13.16
CA GLY D 67 9.90 -47.34 -12.92
C GLY D 67 10.19 -45.92 -13.40
N PRO D 68 9.18 -45.06 -13.33
CA PRO D 68 9.28 -43.69 -13.82
C PRO D 68 10.20 -42.83 -12.95
N PHE D 69 10.91 -41.92 -13.60
CA PHE D 69 11.80 -41.00 -12.90
C PHE D 69 11.32 -39.59 -13.21
N ILE D 70 10.90 -38.88 -12.18
CA ILE D 70 10.21 -37.62 -12.36
C ILE D 70 10.90 -36.54 -11.57
N ALA D 71 11.37 -35.52 -12.26
CA ALA D 71 12.04 -34.41 -11.62
C ALA D 71 11.16 -33.17 -11.64
N ILE D 72 11.18 -32.43 -10.53
CA ILE D 72 10.56 -31.12 -10.54
C ILE D 72 11.50 -30.16 -9.86
N ASN D 73 12.03 -29.22 -10.63
CA ASN D 73 12.95 -28.25 -10.07
C ASN D 73 12.22 -27.03 -9.52
N CYS D 74 12.05 -27.03 -8.20
CA CYS D 74 11.29 -26.02 -7.48
C CYS D 74 11.88 -24.62 -7.64
N ALA D 75 13.17 -24.55 -7.98
CA ALA D 75 13.85 -23.26 -8.20
C ALA D 75 13.80 -22.83 -9.66
N ALA D 76 12.95 -23.49 -10.43
CA ALA D 76 12.90 -23.18 -11.85
C ALA D 76 11.49 -23.19 -12.40
N ILE D 77 10.48 -23.34 -11.54
CA ILE D 77 9.09 -23.32 -12.03
C ILE D 77 8.62 -21.86 -12.08
N PRO D 78 8.48 -21.32 -13.30
CA PRO D 78 8.02 -19.94 -13.46
C PRO D 78 6.59 -19.77 -12.95
N ASP D 79 6.15 -18.51 -12.90
CA ASP D 79 4.77 -18.14 -12.61
C ASP D 79 4.18 -18.70 -11.29
N ASN D 80 5.02 -19.16 -10.37
CA ASN D 80 4.54 -19.65 -9.08
C ASN D 80 3.59 -20.85 -9.30
N MET D 81 4.04 -21.78 -10.14
CA MET D 81 3.23 -22.94 -10.47
C MET D 81 3.75 -24.18 -9.74
N LEU D 82 4.50 -23.95 -8.67
CA LEU D 82 5.14 -25.03 -7.92
C LEU D 82 4.13 -25.93 -7.22
N GLU D 83 3.20 -25.32 -6.48
CA GLU D 83 2.17 -26.08 -5.78
C GLU D 83 1.36 -26.85 -6.81
N ALA D 84 0.97 -26.15 -7.86
CA ALA D 84 0.14 -26.72 -8.91
C ALA D 84 0.85 -27.88 -9.61
N THR D 85 2.15 -27.74 -9.86
CA THR D 85 2.88 -28.78 -10.56
C THR D 85 2.99 -30.06 -9.73
N LEU D 86 3.25 -29.91 -8.43
CA LEU D 86 3.53 -31.08 -7.58
C LEU D 86 2.28 -31.92 -7.31
N PHE D 87 1.16 -31.26 -7.08
CA PHE D 87 -0.04 -31.95 -6.65
C PHE D 87 -1.03 -32.13 -7.77
N GLY D 88 -0.81 -31.39 -8.85
CA GLY D 88 -1.76 -31.39 -9.94
C GLY D 88 -2.92 -30.49 -9.59
N TYR D 89 -3.95 -30.51 -10.44
CA TYR D 89 -5.14 -29.70 -10.18
C TYR D 89 -6.29 -30.18 -11.05
N GLU D 90 -7.51 -29.82 -10.63
CA GLU D 90 -8.72 -30.04 -11.41
C GLU D 90 -9.08 -28.75 -12.14
N LYS D 91 -9.91 -28.83 -13.18
CA LYS D 91 -10.34 -27.60 -13.83
C LYS D 91 -11.12 -26.81 -12.79
N GLY D 92 -10.99 -25.48 -12.81
CA GLY D 92 -11.67 -24.62 -11.86
C GLY D 92 -10.85 -24.28 -10.63
N ALA D 93 -10.10 -25.26 -10.12
CA ALA D 93 -9.34 -25.18 -8.87
C ALA D 93 -8.77 -23.79 -8.52
N PHE D 94 -8.14 -23.16 -9.51
CA PHE D 94 -7.59 -21.82 -9.34
C PHE D 94 -7.75 -21.05 -10.64
N THR D 95 -7.94 -19.73 -10.53
CA THR D 95 -8.05 -18.84 -11.70
C THR D 95 -6.97 -19.14 -12.73
N GLY D 96 -7.42 -19.53 -13.93
CA GLY D 96 -6.49 -19.91 -14.99
C GLY D 96 -6.38 -21.40 -15.26
N ALA D 97 -6.74 -22.24 -14.27
CA ALA D 97 -6.66 -23.70 -14.45
C ALA D 97 -7.76 -24.22 -15.37
N VAL D 98 -7.48 -24.25 -16.67
CA VAL D 98 -8.50 -24.52 -17.68
C VAL D 98 -8.80 -26.00 -17.86
N GLN D 99 -7.98 -26.85 -17.27
CA GLN D 99 -8.13 -28.29 -17.44
C GLN D 99 -7.59 -29.02 -16.22
N ALA D 100 -7.82 -30.34 -16.18
CA ALA D 100 -7.21 -31.15 -15.14
C ALA D 100 -5.77 -31.47 -15.52
N CYS D 101 -4.94 -31.64 -14.51
CA CYS D 101 -3.54 -31.94 -14.74
C CYS D 101 -3.05 -32.83 -13.63
N PRO D 102 -2.51 -34.00 -13.99
CA PRO D 102 -1.89 -34.85 -12.97
C PRO D 102 -0.68 -34.17 -12.31
N GLY D 103 -0.49 -34.37 -11.01
CA GLY D 103 0.71 -33.91 -10.36
C GLY D 103 1.92 -34.80 -10.64
N LYS D 104 3.09 -34.34 -10.22
CA LYS D 104 4.33 -35.05 -10.47
C LYS D 104 4.44 -36.34 -9.67
N PHE D 105 3.92 -36.34 -8.44
CA PHE D 105 3.85 -37.56 -7.63
C PHE D 105 3.07 -38.65 -8.31
N GLU D 106 1.92 -38.29 -8.87
CA GLU D 106 1.11 -39.23 -9.67
C GLU D 106 1.96 -39.82 -10.77
N GLN D 107 2.61 -38.97 -11.55
CA GLN D 107 3.40 -39.43 -12.68
C GLN D 107 4.47 -40.38 -12.18
N ALA D 108 4.97 -40.12 -10.97
CA ALA D 108 6.10 -40.88 -10.44
C ALA D 108 5.71 -42.19 -9.80
N GLN D 109 4.43 -42.53 -9.92
CA GLN D 109 3.89 -43.75 -9.34
C GLN D 109 4.72 -44.97 -9.70
N GLY D 110 5.19 -45.67 -8.68
CA GLY D 110 5.92 -46.90 -8.91
C GLY D 110 7.40 -46.66 -9.12
N GLY D 111 7.79 -45.39 -9.17
CA GLY D 111 9.20 -45.07 -9.28
C GLY D 111 9.72 -44.04 -8.30
N THR D 112 10.38 -43.03 -8.86
CA THR D 112 11.13 -42.09 -8.06
C THR D 112 10.73 -40.68 -8.42
N ILE D 113 10.61 -39.80 -7.43
CA ILE D 113 10.49 -38.37 -7.72
C ILE D 113 11.69 -37.60 -7.15
N LEU D 114 12.17 -36.62 -7.91
CA LEU D 114 13.30 -35.79 -7.50
C LEU D 114 12.82 -34.38 -7.24
N LEU D 115 12.79 -33.99 -5.96
CA LEU D 115 12.46 -32.62 -5.58
C LEU D 115 13.71 -31.75 -5.60
N ASP D 116 13.99 -31.15 -6.75
CA ASP D 116 15.23 -30.40 -6.98
C ASP D 116 15.11 -29.05 -6.30
N GLU D 117 16.06 -28.73 -5.44
CA GLU D 117 16.07 -27.47 -4.68
C GLU D 117 14.87 -27.27 -3.72
N ILE D 118 14.57 -28.26 -2.86
CA ILE D 118 13.38 -28.16 -1.98
C ILE D 118 13.40 -26.93 -1.12
N SER D 119 14.59 -26.37 -0.90
CA SER D 119 14.74 -25.20 -0.06
C SER D 119 13.94 -23.99 -0.57
N GLU D 120 13.43 -24.06 -1.78
CA GLU D 120 12.68 -22.96 -2.38
C GLU D 120 11.19 -23.07 -2.12
N MET D 121 10.75 -24.24 -1.68
CA MET D 121 9.36 -24.41 -1.29
C MET D 121 9.02 -23.51 -0.13
N ASP D 122 7.87 -22.83 -0.19
CA ASP D 122 7.46 -22.02 0.97
C ASP D 122 6.90 -22.92 2.07
N LEU D 123 6.81 -22.36 3.27
CA LEU D 123 6.39 -23.11 4.44
C LEU D 123 5.04 -23.79 4.24
N ASN D 124 4.16 -23.11 3.51
CA ASN D 124 2.83 -23.64 3.20
C ASN D 124 2.93 -24.96 2.41
N LEU D 125 3.61 -24.89 1.28
CA LEU D 125 3.96 -26.06 0.48
C LEU D 125 4.70 -27.12 1.30
N GLN D 126 5.56 -26.68 2.21
CA GLN D 126 6.28 -27.61 3.07
C GLN D 126 5.34 -28.40 3.94
N ALA D 127 4.30 -27.74 4.45
CA ALA D 127 3.29 -28.43 5.26
C ALA D 127 2.58 -29.48 4.41
N LYS D 128 2.31 -29.12 3.15
CA LYS D 128 1.64 -30.03 2.23
C LYS D 128 2.54 -31.20 1.87
N LEU D 129 3.81 -30.93 1.65
CA LEU D 129 4.74 -31.99 1.31
C LEU D 129 4.85 -32.97 2.47
N LEU D 130 4.88 -32.43 3.68
CA LEU D 130 5.05 -33.23 4.86
C LEU D 130 3.91 -34.23 5.03
N ARG D 131 2.70 -33.76 4.81
CA ARG D 131 1.54 -34.63 4.90
C ARG D 131 1.61 -35.73 3.84
N VAL D 132 2.02 -35.38 2.63
CA VAL D 132 2.20 -36.37 1.60
C VAL D 132 3.23 -37.41 2.02
N LEU D 133 4.34 -36.97 2.61
CA LEU D 133 5.34 -37.94 3.05
C LEU D 133 4.78 -38.81 4.18
N GLN D 134 4.08 -38.19 5.11
CA GLN D 134 3.56 -38.91 6.26
C GLN D 134 2.53 -39.95 5.86
N GLU D 135 1.62 -39.57 4.98
CA GLU D 135 0.44 -40.38 4.69
C GLU D 135 0.52 -41.17 3.40
N ARG D 136 1.60 -40.99 2.63
CA ARG D 136 1.75 -41.63 1.32
C ARG D 136 0.49 -41.47 0.45
N GLU D 137 -0.12 -40.29 0.49
CA GLU D 137 -1.21 -39.95 -0.42
C GLU D 137 -1.17 -38.47 -0.79
N VAL D 138 -1.89 -38.12 -1.84
CA VAL D 138 -1.92 -36.75 -2.34
C VAL D 138 -3.29 -36.41 -2.95
N GLU D 139 -3.72 -35.16 -2.81
CA GLU D 139 -4.89 -34.64 -3.52
C GLU D 139 -4.46 -33.57 -4.48
N ARG D 140 -5.21 -33.38 -5.57
CA ARG D 140 -4.95 -32.24 -6.44
C ARG D 140 -5.55 -30.98 -5.86
N LEU D 141 -4.97 -29.83 -6.19
CA LEU D 141 -5.64 -28.57 -5.89
C LEU D 141 -7.02 -28.65 -6.52
N GLY D 142 -8.05 -28.32 -5.75
CA GLY D 142 -9.42 -28.33 -6.24
C GLY D 142 -10.17 -29.64 -6.08
N SER D 143 -9.55 -30.62 -5.44
CA SER D 143 -10.09 -31.97 -5.38
C SER D 143 -10.09 -32.52 -3.96
N ARG D 144 -10.99 -33.45 -3.67
CA ARG D 144 -11.02 -34.12 -2.37
C ARG D 144 -10.56 -35.57 -2.43
N LYS D 145 -10.27 -36.05 -3.62
CA LYS D 145 -9.87 -37.44 -3.74
C LYS D 145 -8.39 -37.58 -3.44
N SER D 146 -8.07 -38.33 -2.39
CA SER D 146 -6.69 -38.65 -2.09
C SER D 146 -6.29 -39.89 -2.89
N ILE D 147 -5.09 -39.81 -3.44
CA ILE D 147 -4.54 -40.81 -4.32
C ILE D 147 -3.42 -41.52 -3.56
N LYS D 148 -3.50 -42.84 -3.43
CA LYS D 148 -2.44 -43.55 -2.72
C LYS D 148 -1.14 -43.54 -3.53
N LEU D 149 -0.05 -43.24 -2.85
CA LEU D 149 1.23 -43.07 -3.49
C LEU D 149 2.17 -44.20 -3.12
N ASP D 150 2.97 -44.62 -4.10
CA ASP D 150 4.11 -45.51 -3.89
C ASP D 150 5.30 -44.94 -4.64
N VAL D 151 5.94 -43.95 -4.04
CA VAL D 151 6.96 -43.16 -4.72
C VAL D 151 8.17 -42.93 -3.80
N ARG D 152 9.34 -43.26 -4.32
CA ARG D 152 10.62 -43.03 -3.66
C ARG D 152 10.99 -41.56 -3.81
N VAL D 153 11.38 -40.92 -2.71
CA VAL D 153 11.67 -39.50 -2.76
C VAL D 153 13.15 -39.20 -2.71
N LEU D 154 13.60 -38.41 -3.68
CA LEU D 154 14.95 -37.88 -3.67
C LEU D 154 14.84 -36.38 -3.60
N ALA D 155 15.85 -35.73 -3.01
CA ALA D 155 15.84 -34.28 -2.99
C ALA D 155 17.25 -33.73 -3.10
N THR D 156 17.35 -32.49 -3.58
CA THR D 156 18.61 -31.78 -3.66
C THR D 156 18.46 -30.37 -3.05
N SER D 157 19.56 -29.84 -2.54
CA SER D 157 19.58 -28.46 -2.10
C SER D 157 20.95 -27.84 -2.36
N ASN D 158 20.93 -26.56 -2.66
CA ASN D 158 22.12 -25.80 -2.78
C ASN D 158 22.38 -25.13 -1.49
N ARG D 159 21.37 -25.05 -0.65
CA ARG D 159 21.45 -24.33 0.62
C ARG D 159 21.55 -25.23 1.84
N ASP D 160 22.11 -24.68 2.90
CA ASP D 160 22.23 -25.39 4.17
C ASP D 160 20.85 -25.50 4.81
N LEU D 161 20.27 -26.70 4.79
CA LEU D 161 18.91 -26.86 5.29
C LEU D 161 18.85 -26.79 6.82
N LYS D 162 19.85 -27.31 7.53
CA LYS D 162 19.83 -27.21 8.98
C LYS D 162 19.82 -25.75 9.41
N GLN D 163 20.53 -24.92 8.63
CA GLN D 163 20.57 -23.48 8.82
C GLN D 163 19.22 -22.88 8.48
N TYR D 164 18.58 -23.45 7.47
CA TYR D 164 17.30 -22.96 7.02
C TYR D 164 16.25 -23.17 8.08
N VAL D 165 16.36 -24.29 8.78
CA VAL D 165 15.47 -24.62 9.87
C VAL D 165 15.66 -23.62 10.98
N GLN D 166 16.91 -23.36 11.35
CA GLN D 166 17.22 -22.42 12.42
C GLN D 166 16.82 -20.98 12.11
N ALA D 167 16.77 -20.63 10.82
CA ALA D 167 16.38 -19.28 10.42
C ALA D 167 14.87 -19.17 10.26
N GLY D 168 14.15 -20.24 10.55
CA GLY D 168 12.71 -20.22 10.49
C GLY D 168 12.12 -20.46 9.11
N HIS D 169 12.96 -20.80 8.13
CA HIS D 169 12.51 -20.92 6.75
C HIS D 169 12.22 -22.34 6.28
N PHE D 170 12.43 -23.32 7.14
CA PHE D 170 12.21 -24.69 6.78
C PHE D 170 11.73 -25.46 7.99
N ARG D 171 10.68 -26.25 7.83
CA ARG D 171 10.12 -26.99 8.95
C ARG D 171 11.09 -28.06 9.43
N GLU D 172 11.23 -28.14 10.74
CA GLU D 172 12.16 -29.08 11.35
C GLU D 172 11.74 -30.53 11.06
N ASP D 173 10.45 -30.81 11.17
CA ASP D 173 9.94 -32.16 10.99
C ASP D 173 10.18 -32.69 9.57
N LEU D 174 10.00 -31.81 8.58
CA LEU D 174 10.32 -32.10 7.20
C LEU D 174 11.82 -32.28 7.01
N TYR D 175 12.59 -31.43 7.69
CA TYR D 175 14.05 -31.53 7.65
C TYR D 175 14.50 -32.94 8.05
N TYR D 176 13.93 -33.51 9.10
CA TYR D 176 14.35 -34.84 9.54
C TYR D 176 13.89 -35.96 8.62
N ARG D 177 12.67 -35.85 8.11
CA ARG D 177 12.17 -36.89 7.22
C ARG D 177 12.99 -36.95 5.94
N LEU D 178 13.40 -35.78 5.46
CA LEU D 178 14.12 -35.66 4.21
C LEU D 178 15.63 -35.89 4.38
N ASN D 179 16.13 -35.88 5.62
CA ASN D 179 17.58 -36.00 5.81
C ASN D 179 18.04 -37.22 6.62
N VAL D 180 17.34 -38.33 6.48
CA VAL D 180 17.80 -39.55 7.11
C VAL D 180 19.17 -39.95 6.54
N PHE D 181 19.42 -39.61 5.29
CA PHE D 181 20.65 -40.07 4.65
C PHE D 181 21.19 -39.06 3.67
N PRO D 182 21.84 -38.02 4.18
CA PRO D 182 22.28 -37.03 3.20
C PRO D 182 23.61 -37.41 2.56
N LEU D 183 23.71 -37.16 1.26
CA LEU D 183 24.94 -37.40 0.51
C LEU D 183 25.46 -36.06 0.05
N THR D 184 26.76 -35.83 0.16
CA THR D 184 27.30 -34.55 -0.27
C THR D 184 28.44 -34.68 -1.28
N TRP D 185 28.27 -34.04 -2.44
CA TRP D 185 29.37 -33.81 -3.36
C TRP D 185 30.38 -32.84 -2.77
N PRO D 186 31.64 -33.26 -2.73
CA PRO D 186 32.73 -32.30 -2.52
C PRO D 186 32.80 -31.35 -3.71
N ALA D 187 33.25 -30.12 -3.52
CA ALA D 187 33.56 -29.25 -4.65
C ALA D 187 34.60 -29.95 -5.53
N LEU D 188 34.65 -29.59 -6.80
CA LEU D 188 35.57 -30.25 -7.71
C LEU D 188 37.03 -30.07 -7.29
N CYS D 189 37.37 -28.87 -6.78
CA CYS D 189 38.75 -28.58 -6.38
C CYS D 189 39.23 -29.43 -5.20
N GLU D 190 38.32 -30.04 -4.47
CA GLU D 190 38.75 -30.92 -3.38
C GLU D 190 38.51 -32.41 -3.70
N ARG D 191 38.34 -32.73 -4.99
CA ARG D 191 38.40 -34.13 -5.45
C ARG D 191 39.05 -34.20 -6.84
N LYS D 192 40.28 -33.70 -6.94
CA LYS D 192 40.86 -33.37 -8.24
C LYS D 192 41.12 -34.57 -9.15
N ASP D 193 41.13 -35.77 -8.59
CA ASP D 193 41.34 -36.98 -9.40
C ASP D 193 40.17 -37.21 -10.36
N ASP D 194 39.07 -36.50 -10.14
CA ASP D 194 37.86 -36.60 -10.97
C ASP D 194 37.99 -35.77 -12.22
N ILE D 195 38.79 -34.71 -12.16
CA ILE D 195 38.88 -33.74 -13.25
C ILE D 195 39.32 -34.34 -14.57
N GLU D 196 40.37 -35.14 -14.58
CA GLU D 196 40.80 -35.71 -15.86
C GLU D 196 39.72 -36.63 -16.43
N PRO D 197 39.25 -37.63 -15.67
CA PRO D 197 38.17 -38.45 -16.24
C PRO D 197 36.91 -37.66 -16.63
N LEU D 198 36.51 -36.66 -15.85
CA LEU D 198 35.31 -35.91 -16.20
C LEU D 198 35.50 -35.18 -17.53
N ALA D 199 36.64 -34.53 -17.68
CA ALA D 199 36.94 -33.79 -18.90
C ALA D 199 36.86 -34.69 -20.15
N ASN D 200 37.39 -35.91 -20.05
CA ASN D 200 37.31 -36.85 -21.16
C ASN D 200 35.89 -37.28 -21.42
N HIS D 201 35.18 -37.58 -20.33
CA HIS D 201 33.78 -37.96 -20.40
C HIS D 201 32.96 -36.86 -21.09
N LEU D 202 33.32 -35.60 -20.84
CA LEU D 202 32.60 -34.46 -21.40
C LEU D 202 32.96 -34.23 -22.86
N ILE D 203 34.24 -34.42 -23.19
CA ILE D 203 34.64 -34.35 -24.58
C ILE D 203 33.92 -35.42 -25.37
N GLU D 204 33.89 -36.61 -24.81
CA GLU D 204 33.23 -37.75 -25.43
C GLU D 204 31.75 -37.41 -25.62
N ARG D 205 31.14 -36.89 -24.56
CA ARG D 205 29.73 -36.54 -24.59
C ARG D 205 29.39 -35.59 -25.71
N HIS D 206 30.19 -34.53 -25.83
CA HIS D 206 29.94 -33.52 -26.83
C HIS D 206 30.16 -34.11 -28.23
N CYS D 207 31.27 -34.82 -28.41
CA CYS D 207 31.59 -35.41 -29.71
C CYS D 207 30.54 -36.40 -30.17
N LYS D 208 30.11 -37.29 -29.28
CA LYS D 208 29.13 -38.31 -29.63
C LYS D 208 27.84 -37.64 -30.10
N LYS D 209 27.48 -36.51 -29.49
CA LYS D 209 26.24 -35.82 -29.84
C LYS D 209 26.30 -35.17 -31.22
N LEU D 210 27.45 -35.27 -31.86
CA LEU D 210 27.73 -34.51 -33.06
C LEU D 210 28.34 -35.39 -34.16
N GLY D 211 28.40 -36.70 -33.92
CA GLY D 211 28.94 -37.63 -34.91
C GLY D 211 30.45 -37.73 -35.04
N LEU D 212 31.17 -36.73 -34.55
CA LEU D 212 32.64 -36.70 -34.70
C LEU D 212 33.36 -37.67 -33.76
N PRO D 213 34.60 -38.03 -34.11
CA PRO D 213 35.42 -38.81 -33.19
C PRO D 213 35.99 -37.96 -32.05
N VAL D 214 36.28 -38.59 -30.92
CA VAL D 214 36.85 -37.86 -29.81
C VAL D 214 38.28 -37.42 -30.11
N PRO D 215 38.60 -36.17 -29.77
CA PRO D 215 40.01 -35.81 -29.73
C PRO D 215 40.59 -36.22 -28.39
N SER D 216 41.83 -35.86 -28.18
CA SER D 216 42.54 -36.23 -26.97
C SER D 216 43.01 -34.95 -26.29
N ILE D 217 43.45 -35.06 -25.05
CA ILE D 217 43.91 -33.87 -24.34
C ILE D 217 45.40 -33.97 -24.07
N ALA D 218 46.16 -33.04 -24.65
CA ALA D 218 47.57 -32.90 -24.35
C ALA D 218 47.81 -32.78 -22.85
N PRO D 219 48.83 -33.51 -22.36
CA PRO D 219 49.27 -33.49 -20.97
C PRO D 219 49.37 -32.08 -20.41
N ASN D 220 49.80 -31.15 -21.27
CA ASN D 220 49.88 -29.73 -20.93
C ASN D 220 48.53 -29.13 -20.60
N ALA D 221 47.49 -29.55 -21.32
CA ALA D 221 46.16 -29.01 -21.10
C ALA D 221 45.57 -29.58 -19.82
N ILE D 222 45.85 -30.84 -19.55
CA ILE D 222 45.33 -31.47 -18.35
C ILE D 222 45.80 -30.68 -17.15
N THR D 223 47.09 -30.40 -17.14
CA THR D 223 47.72 -29.70 -16.03
C THR D 223 47.06 -28.35 -15.81
N LYS D 224 46.65 -27.72 -16.90
CA LYS D 224 46.03 -26.41 -16.80
C LYS D 224 44.71 -26.55 -16.06
N LEU D 225 43.93 -27.55 -16.46
CA LEU D 225 42.69 -27.92 -15.82
C LEU D 225 42.84 -28.27 -14.33
N LEU D 226 43.91 -28.99 -14.00
CA LEU D 226 44.10 -29.46 -12.64
C LEU D 226 44.40 -28.36 -11.61
N ASN D 227 45.01 -27.26 -12.05
CA ASN D 227 45.42 -26.19 -11.13
C ASN D 227 44.47 -25.00 -11.17
N TYR D 228 43.20 -25.30 -11.43
CA TYR D 228 42.15 -24.32 -11.38
C TYR D 228 41.14 -24.77 -10.34
N PRO D 229 40.65 -23.83 -9.51
CA PRO D 229 39.79 -24.21 -8.39
C PRO D 229 38.35 -24.57 -8.77
N TRP D 230 37.94 -24.35 -10.02
CA TRP D 230 36.58 -24.64 -10.49
C TRP D 230 35.47 -24.14 -9.54
N PRO D 231 35.31 -22.81 -9.45
CA PRO D 231 34.23 -22.24 -8.63
C PRO D 231 32.84 -22.64 -9.14
N GLY D 232 32.74 -22.96 -10.43
CA GLY D 232 31.51 -23.52 -10.99
C GLY D 232 31.48 -25.03 -11.07
N ASN D 233 32.48 -25.69 -10.51
CA ASN D 233 32.56 -27.16 -10.50
C ASN D 233 32.34 -27.80 -11.88
N VAL D 234 31.70 -28.96 -11.94
CA VAL D 234 31.72 -29.73 -13.19
C VAL D 234 31.03 -29.01 -14.35
N ARG D 235 30.02 -28.22 -14.01
CA ARG D 235 29.34 -27.40 -15.00
C ARG D 235 30.34 -26.46 -15.68
N GLU D 236 31.19 -25.81 -14.90
CA GLU D 236 32.19 -24.90 -15.43
C GLU D 236 33.18 -25.70 -16.28
N LEU D 237 33.49 -26.90 -15.84
CA LEU D 237 34.44 -27.72 -16.58
C LEU D 237 33.86 -28.04 -17.96
N ASP D 238 32.58 -28.38 -18.00
CA ASP D 238 31.90 -28.67 -19.24
C ASP D 238 32.07 -27.51 -20.21
N ASN D 239 31.91 -26.32 -19.67
CA ASN D 239 31.97 -25.07 -20.41
C ASN D 239 33.33 -24.92 -21.04
N VAL D 240 34.36 -25.13 -20.23
CA VAL D 240 35.72 -24.99 -20.69
C VAL D 240 36.04 -26.06 -21.75
N VAL D 241 35.44 -27.24 -21.60
CA VAL D 241 35.68 -28.33 -22.54
C VAL D 241 35.09 -28.03 -23.92
N GLN D 242 33.84 -27.57 -23.95
CA GLN D 242 33.17 -27.22 -25.20
C GLN D 242 33.82 -26.04 -25.91
N ARG D 243 34.31 -25.09 -25.12
CA ARG D 243 34.97 -23.92 -25.66
C ARG D 243 36.24 -24.40 -26.32
N ALA D 244 36.94 -25.25 -25.61
CA ALA D 244 38.15 -25.83 -26.10
C ALA D 244 37.90 -26.57 -27.43
N LEU D 245 36.78 -27.26 -27.55
CA LEU D 245 36.48 -27.97 -28.78
C LEU D 245 36.14 -27.07 -29.95
N ILE D 246 35.64 -25.90 -29.68
CA ILE D 246 35.37 -24.95 -30.74
C ILE D 246 36.70 -24.36 -31.15
N LEU D 247 37.50 -23.96 -30.18
CA LEU D 247 38.88 -23.58 -30.47
C LEU D 247 39.65 -24.70 -31.19
N SER D 248 39.23 -25.93 -30.95
CA SER D 248 39.15 -27.11 -31.87
C SER D 248 39.84 -28.36 -31.33
N GLU D 249 39.93 -29.39 -32.18
CA GLU D 249 39.96 -30.79 -31.71
C GLU D 249 41.31 -31.42 -31.33
N ASN D 250 41.93 -30.90 -30.28
CA ASN D 250 43.03 -31.54 -29.55
C ASN D 250 43.40 -30.58 -28.43
N GLY D 251 42.68 -30.64 -27.30
CA GLY D 251 42.96 -29.79 -26.16
C GLY D 251 44.45 -29.49 -26.01
N HIS D 252 44.79 -28.21 -25.86
CA HIS D 252 46.17 -27.75 -25.84
C HIS D 252 46.43 -26.50 -24.99
N ILE D 253 45.95 -25.38 -25.48
CA ILE D 253 46.04 -24.08 -24.85
C ILE D 253 44.75 -23.40 -25.29
N GLN D 254 43.87 -24.28 -25.78
CA GLN D 254 42.50 -23.98 -26.06
C GLN D 254 41.67 -24.01 -24.77
N SER D 255 42.32 -24.05 -23.62
CA SER D 255 41.64 -23.98 -22.35
C SER D 255 41.67 -22.58 -21.77
N GLU D 256 40.52 -22.00 -21.45
CA GLU D 256 40.47 -20.68 -20.80
C GLU D 256 39.48 -20.50 -19.67
N HIS D 257 39.88 -19.70 -18.68
CA HIS D 257 39.14 -19.52 -17.43
C HIS D 257 38.75 -18.11 -16.97
N ILE D 258 39.64 -17.14 -17.10
CA ILE D 258 39.34 -15.80 -16.65
C ILE D 258 40.36 -14.76 -17.09
N LEU D 259 40.64 -14.76 -18.39
CA LEU D 259 41.68 -13.95 -18.99
C LEU D 259 41.77 -14.27 -20.47
N LEU D 260 40.79 -13.86 -21.24
CA LEU D 260 40.73 -14.29 -22.61
C LEU D 260 39.31 -14.58 -23.03
N GLU D 261 38.70 -15.60 -22.43
CA GLU D 261 37.31 -15.99 -22.68
C GLU D 261 36.98 -17.20 -21.85
N HIS E 16 27.35 -5.64 -43.28
CA HIS E 16 28.78 -5.73 -43.50
C HIS E 16 29.45 -5.12 -42.30
N MET E 17 30.62 -5.62 -41.96
CA MET E 17 31.31 -5.28 -40.76
C MET E 17 32.71 -4.91 -41.14
N VAL E 18 33.18 -3.74 -40.75
CA VAL E 18 34.56 -3.43 -41.03
C VAL E 18 35.47 -3.89 -39.92
N VAL E 19 36.64 -4.34 -40.29
CA VAL E 19 37.60 -4.79 -39.35
C VAL E 19 38.93 -4.39 -39.91
N ALA E 20 39.77 -3.80 -39.09
CA ALA E 20 41.06 -3.39 -39.58
C ALA E 20 42.06 -3.56 -38.48
N ASP E 21 41.77 -2.99 -37.33
CA ASP E 21 42.65 -3.15 -36.17
C ASP E 21 42.95 -4.63 -35.94
N THR E 22 44.19 -4.96 -35.61
CA THR E 22 44.55 -6.36 -35.46
C THR E 22 43.81 -6.98 -34.26
N LYS E 23 43.36 -6.16 -33.32
CA LYS E 23 42.47 -6.65 -32.26
C LYS E 23 41.16 -7.16 -32.85
N SER E 24 40.64 -6.43 -33.84
CA SER E 24 39.35 -6.80 -34.38
C SER E 24 39.51 -8.00 -35.28
N LEU E 25 40.70 -8.18 -35.86
CA LEU E 25 40.92 -9.33 -36.72
C LEU E 25 40.97 -10.63 -35.92
N LYS E 26 41.60 -10.57 -34.75
CA LYS E 26 41.67 -11.73 -33.87
C LYS E 26 40.25 -12.11 -33.42
N LEU E 27 39.41 -11.10 -33.24
CA LEU E 27 38.03 -11.26 -32.84
C LEU E 27 37.22 -11.89 -33.96
N LEU E 28 37.33 -11.28 -35.15
CA LEU E 28 36.77 -11.80 -36.38
C LEU E 28 37.15 -13.28 -36.55
N ALA E 29 38.42 -13.59 -36.31
CA ALA E 29 38.90 -14.98 -36.45
C ALA E 29 38.18 -15.91 -35.48
N LEU E 30 37.97 -15.43 -34.26
CA LEU E 30 37.24 -16.19 -33.24
C LEU E 30 35.79 -16.41 -33.64
N ALA E 31 35.15 -15.37 -34.13
CA ALA E 31 33.77 -15.42 -34.59
C ALA E 31 33.64 -16.44 -35.71
N ASP E 32 34.63 -16.45 -36.58
CA ASP E 32 34.63 -17.37 -37.71
C ASP E 32 34.65 -18.81 -37.23
N LYS E 33 35.41 -19.07 -36.17
CA LYS E 33 35.53 -20.42 -35.62
C LYS E 33 34.20 -20.89 -35.08
N VAL E 34 33.55 -20.03 -34.29
CA VAL E 34 32.38 -20.49 -33.58
C VAL E 34 31.14 -20.47 -34.48
N ALA E 35 31.13 -19.58 -35.46
CA ALA E 35 30.03 -19.48 -36.42
C ALA E 35 29.83 -20.75 -37.21
N LYS E 36 30.92 -21.49 -37.45
CA LYS E 36 30.81 -22.77 -38.12
C LYS E 36 30.00 -23.73 -37.28
N THR E 37 30.05 -23.58 -35.97
CA THR E 37 29.41 -24.51 -35.05
C THR E 37 27.98 -24.09 -34.76
N ASP E 38 27.26 -24.88 -34.00
CA ASP E 38 25.92 -24.49 -33.55
C ASP E 38 25.89 -23.95 -32.13
N ALA E 39 27.05 -23.55 -31.61
CA ALA E 39 27.17 -23.14 -30.22
C ALA E 39 26.49 -21.82 -29.98
N ASN E 40 25.94 -21.64 -28.79
CA ASN E 40 25.45 -20.36 -28.34
C ASN E 40 26.59 -19.34 -28.33
N VAL E 41 26.36 -18.16 -28.88
CA VAL E 41 27.37 -17.11 -28.80
C VAL E 41 26.90 -15.89 -28.00
N MET E 42 27.65 -15.56 -26.98
CA MET E 42 27.43 -14.35 -26.19
C MET E 42 28.35 -13.24 -26.70
N ILE E 43 27.79 -12.12 -27.13
CA ILE E 43 28.58 -11.01 -27.66
C ILE E 43 28.52 -9.81 -26.74
N LEU E 44 29.68 -9.46 -26.20
CA LEU E 44 29.84 -8.43 -25.20
C LEU E 44 30.55 -7.18 -25.76
N GLY E 45 30.70 -6.13 -24.94
CA GLY E 45 31.33 -4.89 -25.40
C GLY E 45 30.55 -3.65 -24.99
N PRO E 46 31.17 -2.48 -25.05
CA PRO E 46 30.43 -1.30 -24.58
C PRO E 46 29.34 -0.88 -25.53
N SER E 47 28.59 0.14 -25.14
CA SER E 47 27.46 0.61 -25.92
C SER E 47 27.91 1.14 -27.27
N GLY E 48 27.33 0.61 -28.33
CA GLY E 48 27.58 1.05 -29.69
C GLY E 48 28.91 0.58 -30.22
N SER E 49 29.37 -0.57 -29.75
CA SER E 49 30.65 -1.06 -30.21
C SER E 49 30.51 -2.06 -31.34
N GLY E 50 29.28 -2.46 -31.67
CA GLY E 50 29.05 -3.36 -32.79
C GLY E 50 28.54 -4.75 -32.44
N LYS E 51 27.96 -4.87 -31.24
CA LYS E 51 27.43 -6.15 -30.83
C LYS E 51 26.38 -6.66 -31.81
N GLU E 52 25.48 -5.78 -32.25
CA GLU E 52 24.43 -6.18 -33.19
C GLU E 52 25.06 -6.61 -34.53
N VAL E 53 25.97 -5.81 -35.08
CA VAL E 53 26.49 -6.14 -36.41
C VAL E 53 27.37 -7.37 -36.34
N MET E 54 28.01 -7.61 -35.20
CA MET E 54 28.73 -8.85 -35.00
C MET E 54 27.78 -10.06 -35.12
N SER E 55 26.62 -9.95 -34.48
CA SER E 55 25.73 -11.10 -34.38
C SER E 55 25.21 -11.42 -35.76
N ARG E 56 24.94 -10.39 -36.57
CA ARG E 56 24.57 -10.62 -37.96
C ARG E 56 25.68 -11.25 -38.79
N TYR E 57 26.93 -10.86 -38.55
CA TYR E 57 28.04 -11.47 -39.25
C TYR E 57 28.09 -12.97 -38.93
N ILE E 58 27.92 -13.32 -37.66
CA ILE E 58 28.00 -14.72 -37.25
C ILE E 58 26.93 -15.55 -37.94
N HIS E 59 25.72 -15.00 -38.02
CA HIS E 59 24.69 -15.68 -38.76
C HIS E 59 25.09 -15.85 -40.24
N ASN E 60 25.50 -14.77 -40.89
CA ASN E 60 25.83 -14.83 -42.32
C ASN E 60 27.03 -15.71 -42.60
N ALA E 61 27.83 -15.92 -41.57
CA ALA E 61 29.03 -16.74 -41.69
C ALA E 61 28.73 -18.21 -41.45
N SER E 62 27.70 -18.46 -40.64
CA SER E 62 27.32 -19.80 -40.23
C SER E 62 26.72 -20.62 -41.37
N PRO E 63 26.64 -21.94 -41.17
CA PRO E 63 25.89 -22.85 -42.03
C PRO E 63 24.40 -22.51 -42.17
N ARG E 64 23.90 -21.56 -41.38
CA ARG E 64 22.49 -21.19 -41.43
C ARG E 64 22.24 -19.84 -42.10
N LYS E 65 23.22 -19.31 -42.83
CA LYS E 65 23.12 -17.96 -43.37
C LYS E 65 21.84 -17.69 -44.17
N GLU E 66 21.28 -18.73 -44.80
CA GLU E 66 20.07 -18.57 -45.63
C GLU E 66 18.77 -18.73 -44.85
N GLY E 67 18.89 -19.12 -43.58
CA GLY E 67 17.73 -19.16 -42.71
C GLY E 67 17.40 -17.80 -42.11
N PRO E 68 16.21 -17.68 -41.52
CA PRO E 68 15.79 -16.42 -40.90
C PRO E 68 16.75 -15.97 -39.80
N PHE E 69 16.92 -14.65 -39.70
CA PHE E 69 17.64 -14.01 -38.60
C PHE E 69 16.61 -13.19 -37.81
N ILE E 70 16.21 -13.68 -36.65
CA ILE E 70 15.21 -12.99 -35.82
C ILE E 70 15.83 -12.31 -34.58
N ALA E 71 15.65 -11.00 -34.48
CA ALA E 71 16.20 -10.26 -33.35
C ALA E 71 15.09 -9.73 -32.44
N ILE E 72 15.25 -9.97 -31.14
CA ILE E 72 14.33 -9.46 -30.15
C ILE E 72 15.17 -8.67 -29.15
N ASN E 73 14.90 -7.37 -29.03
CA ASN E 73 15.71 -6.54 -28.12
C ASN E 73 15.00 -6.32 -26.79
N CYS E 74 15.34 -7.16 -25.82
CA CYS E 74 14.75 -7.18 -24.49
C CYS E 74 14.82 -5.81 -23.80
N ALA E 75 15.78 -4.98 -24.22
CA ALA E 75 16.04 -3.68 -23.63
C ALA E 75 15.22 -2.59 -24.31
N ALA E 76 14.25 -3.00 -25.12
CA ALA E 76 13.45 -2.05 -25.88
C ALA E 76 12.00 -2.49 -26.01
N ILE E 77 11.66 -3.65 -25.45
CA ILE E 77 10.29 -4.17 -25.56
C ILE E 77 9.36 -3.42 -24.60
N PRO E 78 8.52 -2.55 -25.16
CA PRO E 78 7.67 -1.70 -24.34
C PRO E 78 6.47 -2.47 -23.81
N ASP E 79 5.72 -1.83 -22.92
CA ASP E 79 4.46 -2.36 -22.39
C ASP E 79 4.62 -3.72 -21.70
N ASN E 80 5.84 -4.03 -21.25
CA ASN E 80 6.14 -5.31 -20.58
C ASN E 80 5.63 -6.51 -21.38
N MET E 81 6.25 -6.71 -22.53
CA MET E 81 5.74 -7.66 -23.51
C MET E 81 6.82 -8.66 -23.90
N LEU E 82 7.92 -8.66 -23.15
CA LEU E 82 9.08 -9.46 -23.49
C LEU E 82 8.71 -10.94 -23.57
N GLU E 83 8.06 -11.43 -22.51
CA GLU E 83 7.62 -12.81 -22.43
C GLU E 83 6.68 -13.14 -23.58
N ALA E 84 5.66 -12.31 -23.77
CA ALA E 84 4.66 -12.56 -24.80
C ALA E 84 5.28 -12.53 -26.19
N THR E 85 6.27 -11.67 -26.39
CA THR E 85 6.93 -11.58 -27.68
C THR E 85 7.81 -12.80 -27.94
N LEU E 86 8.55 -13.22 -26.92
CA LEU E 86 9.51 -14.30 -27.06
C LEU E 86 8.84 -15.64 -27.38
N PHE E 87 7.75 -15.93 -26.67
CA PHE E 87 7.11 -17.23 -26.74
C PHE E 87 5.90 -17.23 -27.63
N GLY E 88 5.39 -16.03 -27.89
CA GLY E 88 4.16 -15.92 -28.64
C GLY E 88 3.02 -16.20 -27.71
N TYR E 89 1.81 -15.92 -28.17
CA TYR E 89 0.67 -16.08 -27.30
C TYR E 89 -0.52 -16.57 -28.10
N GLU E 90 -1.35 -17.38 -27.44
CA GLU E 90 -2.65 -17.73 -27.98
C GLU E 90 -3.66 -16.63 -27.63
N LYS E 91 -4.77 -16.59 -28.36
CA LYS E 91 -5.75 -15.52 -28.18
C LYS E 91 -6.46 -15.64 -26.82
N GLY E 92 -6.38 -14.58 -26.04
CA GLY E 92 -6.94 -14.60 -24.70
C GLY E 92 -6.04 -15.26 -23.69
N ALA E 93 -4.71 -15.20 -23.92
CA ALA E 93 -3.76 -15.73 -22.96
C ALA E 93 -3.50 -14.73 -21.83
N PHE E 94 -3.90 -13.50 -22.06
CA PHE E 94 -3.83 -12.42 -21.08
C PHE E 94 -4.77 -11.33 -21.56
N THR E 95 -5.04 -10.32 -20.74
CA THR E 95 -5.92 -9.24 -21.16
C THR E 95 -5.17 -8.33 -22.15
N GLY E 96 -5.68 -8.26 -23.38
CA GLY E 96 -5.00 -7.53 -24.43
C GLY E 96 -4.64 -8.41 -25.62
N ALA E 97 -4.63 -9.72 -25.42
CA ALA E 97 -4.35 -10.68 -26.49
C ALA E 97 -5.58 -10.98 -27.33
N VAL E 98 -5.84 -10.10 -28.30
CA VAL E 98 -7.01 -10.19 -29.17
C VAL E 98 -6.78 -11.21 -30.31
N GLN E 99 -5.52 -11.56 -30.57
CA GLN E 99 -5.20 -12.52 -31.61
C GLN E 99 -4.08 -13.49 -31.22
N ALA E 100 -3.93 -14.56 -32.00
CA ALA E 100 -2.80 -15.49 -31.86
C ALA E 100 -1.56 -14.87 -32.47
N CYS E 101 -0.42 -15.12 -31.84
CA CYS E 101 0.81 -14.54 -32.35
C CYS E 101 1.98 -15.47 -32.09
N PRO E 102 2.62 -15.94 -33.16
CA PRO E 102 3.78 -16.80 -32.99
C PRO E 102 4.89 -16.09 -32.24
N GLY E 103 5.64 -16.82 -31.43
CA GLY E 103 6.81 -16.28 -30.78
C GLY E 103 7.99 -16.13 -31.70
N LYS E 104 9.06 -15.54 -31.17
CA LYS E 104 10.25 -15.26 -31.94
C LYS E 104 11.04 -16.52 -32.31
N PHE E 105 11.00 -17.54 -31.46
CA PHE E 105 11.70 -18.79 -31.72
C PHE E 105 11.09 -19.50 -32.90
N GLU E 106 9.77 -19.45 -32.99
CA GLU E 106 9.05 -20.03 -34.13
C GLU E 106 9.49 -19.36 -35.43
N GLN E 107 9.69 -18.04 -35.37
CA GLN E 107 10.10 -17.31 -36.56
C GLN E 107 11.52 -17.69 -36.94
N ALA E 108 12.32 -18.08 -35.96
CA ALA E 108 13.74 -18.31 -36.19
C ALA E 108 14.00 -19.75 -36.59
N GLN E 109 12.94 -20.53 -36.66
CA GLN E 109 12.99 -21.92 -37.11
C GLN E 109 13.92 -22.07 -38.31
N GLY E 110 15.01 -22.80 -38.12
CA GLY E 110 15.94 -23.08 -39.21
C GLY E 110 17.05 -22.05 -39.34
N GLY E 111 17.04 -21.07 -38.45
CA GLY E 111 18.08 -20.07 -38.48
C GLY E 111 18.54 -19.65 -37.09
N THR E 112 18.61 -18.35 -36.89
CA THR E 112 19.21 -17.77 -35.71
C THR E 112 18.27 -16.81 -35.00
N ILE E 113 18.20 -16.92 -33.69
CA ILE E 113 17.54 -15.90 -32.89
C ILE E 113 18.57 -15.06 -32.13
N LEU E 114 18.35 -13.77 -32.08
CA LEU E 114 19.24 -12.86 -31.35
C LEU E 114 18.55 -12.31 -30.13
N LEU E 115 19.04 -12.68 -28.97
CA LEU E 115 18.52 -12.14 -27.73
C LEU E 115 19.35 -10.93 -27.32
N ASP E 116 18.94 -9.76 -27.80
CA ASP E 116 19.67 -8.51 -27.58
C ASP E 116 19.46 -8.03 -26.15
N GLU E 117 20.56 -7.81 -25.44
CA GLU E 117 20.53 -7.33 -24.05
C GLU E 117 19.77 -8.25 -23.13
N ILE E 118 20.11 -9.55 -23.11
CA ILE E 118 19.40 -10.53 -22.26
C ILE E 118 19.44 -10.22 -20.79
N SER E 119 20.23 -9.23 -20.37
CA SER E 119 20.34 -8.92 -18.94
C SER E 119 19.12 -8.17 -18.43
N GLU E 120 18.27 -7.70 -19.34
CA GLU E 120 17.06 -6.96 -18.95
C GLU E 120 15.90 -7.91 -18.71
N MET E 121 16.15 -9.18 -19.00
CA MET E 121 15.22 -10.25 -18.77
C MET E 121 15.12 -10.57 -17.28
N ASP E 122 13.91 -10.62 -16.72
CA ASP E 122 13.83 -10.90 -15.29
C ASP E 122 14.00 -12.39 -14.99
N LEU E 123 14.22 -12.69 -13.71
CA LEU E 123 14.46 -14.06 -13.28
C LEU E 123 13.36 -15.02 -13.76
N ASN E 124 12.12 -14.55 -13.71
CA ASN E 124 10.98 -15.31 -14.18
C ASN E 124 11.11 -15.81 -15.62
N LEU E 125 11.30 -14.88 -16.53
CA LEU E 125 11.49 -15.24 -17.93
C LEU E 125 12.80 -16.02 -18.12
N GLN E 126 13.83 -15.72 -17.30
CA GLN E 126 15.11 -16.42 -17.37
C GLN E 126 14.92 -17.91 -17.20
N ALA E 127 14.14 -18.27 -16.18
CA ALA E 127 13.75 -19.66 -15.94
C ALA E 127 13.10 -20.32 -17.15
N LYS E 128 12.26 -19.57 -17.86
CA LYS E 128 11.52 -20.09 -18.99
C LYS E 128 12.42 -20.28 -20.19
N LEU E 129 13.35 -19.35 -20.37
CA LEU E 129 14.34 -19.45 -21.44
C LEU E 129 15.22 -20.65 -21.25
N LEU E 130 15.60 -20.89 -19.99
CA LEU E 130 16.48 -21.98 -19.68
C LEU E 130 15.86 -23.28 -20.16
N ARG E 131 14.55 -23.40 -19.91
CA ARG E 131 13.79 -24.56 -20.31
C ARG E 131 13.74 -24.69 -21.84
N VAL E 132 13.48 -23.59 -22.54
CA VAL E 132 13.57 -23.59 -23.98
C VAL E 132 14.94 -24.12 -24.44
N LEU E 133 16.03 -23.53 -23.96
CA LEU E 133 17.39 -23.98 -24.33
C LEU E 133 17.67 -25.44 -23.96
N GLN E 134 17.16 -25.87 -22.81
CA GLN E 134 17.33 -27.26 -22.38
C GLN E 134 16.54 -28.25 -23.26
N GLU E 135 15.25 -28.01 -23.44
CA GLU E 135 14.38 -28.98 -24.08
C GLU E 135 14.29 -28.81 -25.59
N ARG E 136 14.91 -27.74 -26.08
CA ARG E 136 14.74 -27.27 -27.47
C ARG E 136 13.27 -27.31 -27.90
N GLU E 137 12.44 -26.73 -27.05
CA GLU E 137 11.00 -26.66 -27.26
C GLU E 137 10.48 -25.37 -26.64
N VAL E 138 9.44 -24.82 -27.23
CA VAL E 138 8.76 -23.68 -26.65
C VAL E 138 7.24 -23.88 -26.71
N GLU E 139 6.52 -23.40 -25.71
CA GLU E 139 5.06 -23.26 -25.78
C GLU E 139 4.66 -21.79 -25.76
N ARG E 140 3.63 -21.44 -26.52
CA ARG E 140 3.09 -20.10 -26.45
C ARG E 140 2.39 -19.88 -25.12
N LEU E 141 2.35 -18.65 -24.65
CA LEU E 141 1.51 -18.34 -23.48
C LEU E 141 0.06 -18.71 -23.78
N GLY E 142 -0.57 -19.44 -22.87
CA GLY E 142 -1.95 -19.84 -23.02
C GLY E 142 -2.14 -21.16 -23.74
N SER E 143 -1.06 -21.93 -23.85
CA SER E 143 -1.07 -23.16 -24.64
C SER E 143 -0.12 -24.21 -24.10
N ARG E 144 -0.52 -25.48 -24.12
CA ARG E 144 0.39 -26.55 -23.73
C ARG E 144 0.85 -27.30 -24.98
N LYS E 145 0.75 -26.61 -26.11
CA LYS E 145 1.31 -27.12 -27.36
C LYS E 145 2.84 -26.93 -27.38
N SER E 146 3.55 -28.04 -27.46
CA SER E 146 5.00 -28.06 -27.41
C SER E 146 5.62 -28.06 -28.82
N ILE E 147 6.24 -26.95 -29.20
CA ILE E 147 6.85 -26.75 -30.51
C ILE E 147 8.39 -27.01 -30.55
N LYS E 148 8.81 -28.08 -31.21
CA LYS E 148 10.24 -28.37 -31.39
C LYS E 148 10.92 -27.26 -32.16
N LEU E 149 12.10 -26.88 -31.69
CA LEU E 149 12.88 -25.83 -32.32
C LEU E 149 14.17 -26.35 -32.91
N ASP E 150 14.59 -25.73 -34.01
CA ASP E 150 15.95 -25.86 -34.48
C ASP E 150 16.50 -24.46 -34.62
N VAL E 151 16.87 -23.86 -33.51
CA VAL E 151 17.25 -22.46 -33.53
C VAL E 151 18.62 -22.26 -32.92
N ARG E 152 19.52 -21.65 -33.68
CA ARG E 152 20.80 -21.23 -33.15
C ARG E 152 20.60 -19.99 -32.32
N VAL E 153 21.31 -19.87 -31.21
CA VAL E 153 21.14 -18.73 -30.31
C VAL E 153 22.33 -17.80 -30.15
N LEU E 154 22.10 -16.53 -30.42
CA LEU E 154 23.08 -15.49 -30.10
C LEU E 154 22.49 -14.64 -28.99
N ALA E 155 23.35 -13.97 -28.25
CA ALA E 155 22.86 -13.00 -27.27
C ALA E 155 23.89 -11.90 -27.08
N THR E 156 23.43 -10.75 -26.64
CA THR E 156 24.33 -9.66 -26.33
C THR E 156 24.00 -9.11 -24.97
N SER E 157 24.97 -8.43 -24.37
CA SER E 157 24.77 -7.78 -23.08
C SER E 157 25.65 -6.55 -22.96
N ASN E 158 25.10 -5.51 -22.35
CA ASN E 158 25.88 -4.34 -21.96
C ASN E 158 26.35 -4.49 -20.54
N ARG E 159 25.75 -5.41 -19.80
CA ARG E 159 26.11 -5.62 -18.41
C ARG E 159 27.11 -6.75 -18.23
N ASP E 160 27.87 -6.67 -17.15
CA ASP E 160 28.71 -7.76 -16.70
C ASP E 160 27.81 -8.89 -16.18
N LEU E 161 27.58 -9.91 -17.00
CA LEU E 161 26.67 -10.98 -16.60
C LEU E 161 27.20 -11.76 -15.40
N LYS E 162 28.53 -11.93 -15.35
CA LYS E 162 29.15 -12.65 -14.26
C LYS E 162 28.76 -12.01 -12.92
N GLN E 163 28.91 -10.70 -12.80
CA GLN E 163 28.64 -10.07 -11.51
C GLN E 163 27.15 -9.95 -11.34
N TYR E 164 26.46 -9.93 -12.46
CA TYR E 164 25.01 -9.88 -12.45
C TYR E 164 24.46 -11.16 -11.84
N VAL E 165 25.17 -12.27 -12.00
CA VAL E 165 24.80 -13.50 -11.31
C VAL E 165 25.06 -13.39 -9.81
N GLN E 166 26.21 -12.87 -9.45
CA GLN E 166 26.57 -12.73 -8.04
C GLN E 166 25.67 -11.76 -7.28
N ALA E 167 25.07 -10.82 -8.01
CA ALA E 167 24.15 -9.86 -7.44
C ALA E 167 22.75 -10.45 -7.36
N GLY E 168 22.60 -11.68 -7.86
CA GLY E 168 21.34 -12.41 -7.79
C GLY E 168 20.30 -12.00 -8.83
N HIS E 169 20.71 -11.29 -9.87
CA HIS E 169 19.77 -10.80 -10.89
C HIS E 169 19.72 -11.70 -12.13
N PHE E 170 20.61 -12.67 -12.18
CA PHE E 170 20.71 -13.52 -13.33
C PHE E 170 21.03 -14.92 -12.89
N ARG E 171 20.41 -15.93 -13.51
CA ARG E 171 20.65 -17.29 -13.08
C ARG E 171 22.01 -17.77 -13.55
N GLU E 172 22.63 -18.55 -12.69
CA GLU E 172 23.96 -19.08 -12.93
C GLU E 172 23.93 -20.15 -14.03
N ASP E 173 22.98 -21.06 -13.96
CA ASP E 173 22.93 -22.14 -14.93
C ASP E 173 22.71 -21.60 -16.35
N LEU E 174 21.88 -20.57 -16.45
CA LEU E 174 21.64 -19.89 -17.71
C LEU E 174 22.93 -19.25 -18.21
N TYR E 175 23.61 -18.51 -17.32
CA TYR E 175 24.86 -17.82 -17.63
C TYR E 175 25.90 -18.77 -18.26
N TYR E 176 26.03 -19.98 -17.71
CA TYR E 176 26.92 -20.95 -18.31
C TYR E 176 26.47 -21.46 -19.68
N ARG E 177 25.17 -21.66 -19.86
CA ARG E 177 24.67 -22.06 -21.16
C ARG E 177 24.91 -20.97 -22.21
N LEU E 178 24.88 -19.73 -21.77
CA LEU E 178 24.99 -18.62 -22.69
C LEU E 178 26.45 -18.19 -22.90
N ASN E 179 27.35 -18.57 -22.01
CA ASN E 179 28.71 -18.06 -22.10
C ASN E 179 29.77 -19.13 -22.34
N VAL E 180 29.45 -20.10 -23.18
CA VAL E 180 30.43 -21.08 -23.61
C VAL E 180 31.47 -20.41 -24.51
N PHE E 181 31.05 -19.43 -25.28
CA PHE E 181 31.97 -18.79 -26.21
C PHE E 181 31.73 -17.30 -26.28
N PRO E 182 32.12 -16.58 -25.23
CA PRO E 182 31.92 -15.13 -25.23
C PRO E 182 32.88 -14.36 -26.15
N LEU E 183 32.34 -13.44 -26.94
CA LEU E 183 33.13 -12.55 -27.80
C LEU E 183 32.99 -11.13 -27.32
N THR E 184 34.09 -10.42 -27.15
CA THR E 184 34.00 -9.06 -26.62
C THR E 184 34.62 -8.04 -27.55
N TRP E 185 33.85 -7.01 -27.88
CA TRP E 185 34.39 -5.88 -28.60
C TRP E 185 35.18 -5.02 -27.63
N PRO E 186 36.40 -4.64 -28.01
CA PRO E 186 37.11 -3.56 -27.32
C PRO E 186 36.36 -2.26 -27.52
N ALA E 187 36.44 -1.34 -26.56
CA ALA E 187 35.96 0.01 -26.80
C ALA E 187 36.68 0.54 -28.04
N LEU E 188 36.04 1.44 -28.79
CA LEU E 188 36.61 1.93 -30.03
C LEU E 188 37.97 2.61 -29.85
N CYS E 189 38.21 3.25 -28.70
CA CYS E 189 39.51 3.88 -28.45
C CYS E 189 40.64 2.88 -28.12
N GLU E 190 40.31 1.62 -27.89
CA GLU E 190 41.31 0.56 -27.73
C GLU E 190 41.64 -0.13 -29.07
N ARG E 191 41.08 0.37 -30.16
CA ARG E 191 41.26 -0.23 -31.49
C ARG E 191 41.21 0.85 -32.58
N LYS E 192 42.05 1.86 -32.43
CA LYS E 192 42.02 3.05 -33.28
C LYS E 192 42.14 2.80 -34.78
N ASP E 193 42.69 1.66 -35.19
CA ASP E 193 42.85 1.37 -36.62
C ASP E 193 41.51 1.08 -37.29
N ASP E 194 40.46 0.95 -36.49
CA ASP E 194 39.11 0.73 -37.00
C ASP E 194 38.43 2.04 -37.32
N ILE E 195 38.89 3.11 -36.66
CA ILE E 195 38.23 4.40 -36.73
C ILE E 195 38.10 4.94 -38.16
N GLU E 196 39.19 4.98 -38.91
CA GLU E 196 39.14 5.57 -40.25
C GLU E 196 38.34 4.74 -41.24
N PRO E 197 38.56 3.41 -41.27
CA PRO E 197 37.69 2.68 -42.20
C PRO E 197 36.21 2.69 -41.78
N LEU E 198 35.95 2.81 -40.48
CA LEU E 198 34.57 2.91 -40.01
C LEU E 198 33.92 4.22 -40.46
N ALA E 199 34.63 5.32 -40.27
CA ALA E 199 34.11 6.61 -40.73
C ALA E 199 33.81 6.59 -42.22
N ASN E 200 34.73 6.04 -43.01
CA ASN E 200 34.46 5.96 -44.44
C ASN E 200 33.22 5.13 -44.72
N HIS E 201 33.05 4.02 -43.99
CA HIS E 201 31.90 3.14 -44.13
C HIS E 201 30.58 3.82 -43.74
N LEU E 202 30.60 4.55 -42.62
CA LEU E 202 29.40 5.24 -42.13
C LEU E 202 28.97 6.34 -43.08
N ILE E 203 29.94 7.11 -43.54
CA ILE E 203 29.67 8.11 -44.57
C ILE E 203 29.09 7.49 -45.82
N GLU E 204 29.67 6.38 -46.25
CA GLU E 204 29.22 5.76 -47.47
C GLU E 204 27.76 5.34 -47.36
N ARG E 205 27.39 4.71 -46.24
CA ARG E 205 26.08 4.10 -46.19
C ARG E 205 25.04 5.20 -45.99
N HIS E 206 25.43 6.26 -45.28
CA HIS E 206 24.52 7.37 -45.08
C HIS E 206 24.24 8.03 -46.41
N CYS E 207 25.30 8.39 -47.12
CA CYS E 207 25.17 9.01 -48.45
C CYS E 207 24.41 8.12 -49.44
N LYS E 208 24.70 6.82 -49.46
CA LYS E 208 24.01 5.91 -50.40
C LYS E 208 22.52 5.82 -50.08
N LYS E 209 22.17 5.84 -48.79
CA LYS E 209 20.78 5.81 -48.38
C LYS E 209 20.03 7.07 -48.82
N LEU E 210 20.65 8.22 -48.65
CA LEU E 210 20.07 9.49 -49.06
C LEU E 210 20.10 9.71 -50.54
N GLY E 211 20.97 8.95 -51.23
CA GLY E 211 21.18 9.14 -52.66
C GLY E 211 22.16 10.27 -52.98
N LEU E 212 22.98 10.62 -52.00
CA LEU E 212 23.99 11.66 -52.19
C LEU E 212 25.32 11.05 -52.65
N PRO E 213 26.07 11.77 -53.51
CA PRO E 213 27.41 11.28 -53.87
C PRO E 213 28.27 11.27 -52.63
N VAL E 214 29.15 10.28 -52.47
CA VAL E 214 29.85 10.21 -51.20
C VAL E 214 31.22 10.83 -51.32
N PRO E 215 31.48 11.80 -50.44
CA PRO E 215 32.74 12.54 -50.38
C PRO E 215 33.76 11.84 -49.48
N SER E 216 34.91 12.46 -49.36
CA SER E 216 35.96 11.91 -48.52
C SER E 216 36.23 12.77 -47.28
N ILE E 217 36.99 12.20 -46.36
CA ILE E 217 37.47 12.87 -45.17
C ILE E 217 38.92 13.38 -45.34
N ALA E 218 39.12 14.67 -45.11
CA ALA E 218 40.47 15.24 -45.18
C ALA E 218 41.36 14.59 -44.12
N PRO E 219 42.67 14.57 -44.38
CA PRO E 219 43.59 13.96 -43.42
C PRO E 219 43.55 14.61 -42.02
N ASN E 220 43.52 15.94 -41.94
CA ASN E 220 43.44 16.59 -40.64
C ASN E 220 42.13 16.29 -39.90
N ALA E 221 41.05 16.08 -40.66
CA ALA E 221 39.81 15.63 -40.07
C ALA E 221 39.95 14.21 -39.48
N ILE E 222 40.62 13.32 -40.22
CA ILE E 222 40.95 11.96 -39.75
C ILE E 222 41.69 12.00 -38.40
N THR E 223 42.63 12.93 -38.27
CA THR E 223 43.42 13.07 -37.05
C THR E 223 42.56 13.45 -35.87
N LYS E 224 41.60 14.33 -36.11
CA LYS E 224 40.72 14.81 -35.07
C LYS E 224 39.92 13.60 -34.54
N LEU E 225 39.52 12.71 -35.44
CA LEU E 225 38.73 11.53 -35.10
C LEU E 225 39.51 10.49 -34.28
N LEU E 226 40.81 10.38 -34.58
CA LEU E 226 41.67 9.42 -33.89
C LEU E 226 42.09 9.85 -32.47
N ASN E 227 42.12 11.16 -32.20
CA ASN E 227 42.52 11.65 -30.88
C ASN E 227 41.32 12.02 -30.00
N TYR E 228 40.22 11.33 -30.23
CA TYR E 228 39.03 11.45 -29.43
C TYR E 228 38.75 10.06 -28.92
N PRO E 229 38.37 9.93 -27.65
CA PRO E 229 38.20 8.61 -27.01
C PRO E 229 36.94 7.83 -27.41
N TRP E 230 35.97 8.48 -28.07
CA TRP E 230 34.68 7.87 -28.41
C TRP E 230 33.98 7.16 -27.26
N PRO E 231 33.48 7.92 -26.27
CA PRO E 231 32.70 7.33 -25.17
C PRO E 231 31.54 6.51 -25.67
N GLY E 232 30.93 6.94 -26.78
CA GLY E 232 29.77 6.26 -27.35
C GLY E 232 30.12 5.31 -28.48
N ASN E 233 31.40 5.14 -28.72
CA ASN E 233 31.93 4.22 -29.73
C ASN E 233 31.37 4.43 -31.14
N VAL E 234 31.03 3.37 -31.87
CA VAL E 234 30.78 3.55 -33.29
C VAL E 234 29.51 4.36 -33.49
N ARG E 235 28.56 4.20 -32.58
CA ARG E 235 27.34 5.02 -32.65
C ARG E 235 27.66 6.51 -32.60
N GLU E 236 28.56 6.89 -31.72
CA GLU E 236 28.92 8.28 -31.60
C GLU E 236 29.62 8.76 -32.88
N LEU E 237 30.52 7.93 -33.41
CA LEU E 237 31.23 8.22 -34.66
C LEU E 237 30.25 8.42 -35.81
N ASP E 238 29.21 7.61 -35.85
CA ASP E 238 28.17 7.75 -36.85
C ASP E 238 27.54 9.13 -36.70
N ASN E 239 27.25 9.48 -35.46
CA ASN E 239 26.63 10.75 -35.16
C ASN E 239 27.53 11.91 -35.61
N VAL E 240 28.79 11.87 -35.20
CA VAL E 240 29.76 12.88 -35.59
C VAL E 240 29.88 13.00 -37.12
N VAL E 241 29.78 11.88 -37.80
CA VAL E 241 29.99 11.83 -39.25
C VAL E 241 28.79 12.39 -40.02
N GLN E 242 27.60 12.10 -39.53
CA GLN E 242 26.41 12.69 -40.11
C GLN E 242 26.33 14.18 -39.86
N ARG E 243 26.83 14.61 -38.71
CA ARG E 243 26.87 16.03 -38.42
C ARG E 243 27.84 16.73 -39.38
N ALA E 244 28.98 16.09 -39.60
CA ALA E 244 30.02 16.61 -40.48
C ALA E 244 29.50 16.78 -41.89
N LEU E 245 28.70 15.80 -42.35
CA LEU E 245 28.12 15.87 -43.69
C LEU E 245 27.13 17.00 -43.85
N ILE E 246 26.40 17.29 -42.81
CA ILE E 246 25.44 18.37 -42.87
C ILE E 246 26.20 19.68 -43.00
N LEU E 247 27.33 19.77 -42.29
CA LEU E 247 28.13 20.97 -42.30
C LEU E 247 28.79 21.10 -43.69
N SER E 248 29.08 19.95 -44.30
CA SER E 248 28.85 19.60 -45.73
C SER E 248 29.95 18.73 -46.35
N GLU E 249 29.74 18.37 -47.63
CA GLU E 249 30.42 17.27 -48.38
C GLU E 249 31.88 17.41 -48.69
N ASN E 250 32.68 16.63 -47.96
CA ASN E 250 34.15 16.54 -47.95
C ASN E 250 34.58 17.12 -46.61
N GLY E 251 34.64 16.26 -45.58
CA GLY E 251 34.85 16.68 -44.20
C GLY E 251 36.19 17.33 -43.92
N HIS E 252 36.21 18.40 -43.12
CA HIS E 252 37.46 19.01 -42.72
C HIS E 252 37.64 19.30 -41.21
N ILE E 253 36.86 20.24 -40.71
CA ILE E 253 36.98 20.73 -39.34
C ILE E 253 35.49 21.07 -39.11
N GLN E 254 34.74 20.24 -39.81
CA GLN E 254 33.33 20.05 -39.61
C GLN E 254 33.12 18.87 -38.67
N SER E 255 34.18 18.48 -37.98
CA SER E 255 34.11 17.50 -36.91
C SER E 255 34.01 18.20 -35.58
N GLU E 256 33.00 17.88 -34.80
CA GLU E 256 32.93 18.30 -33.42
C GLU E 256 32.48 17.22 -32.47
N HIS E 257 32.91 17.28 -31.22
CA HIS E 257 32.40 16.37 -30.22
C HIS E 257 32.23 16.99 -28.87
N ILE E 258 32.94 18.07 -28.65
CA ILE E 258 32.93 18.74 -27.38
C ILE E 258 33.65 20.06 -27.61
N LEU E 259 32.85 21.03 -28.05
CA LEU E 259 33.30 22.34 -28.48
C LEU E 259 32.33 22.73 -29.59
N LEU E 260 31.31 21.91 -29.80
CA LEU E 260 30.31 22.31 -30.77
C LEU E 260 30.23 23.80 -30.48
N GLU E 261 30.24 24.63 -31.51
CA GLU E 261 30.27 26.09 -31.30
C GLU E 261 31.32 26.80 -32.15
N HIS F 16 7.78 34.62 -38.91
CA HIS F 16 8.89 35.52 -39.16
C HIS F 16 9.81 35.61 -37.96
N MET F 17 11.07 35.28 -38.14
CA MET F 17 11.98 35.16 -37.01
C MET F 17 12.95 36.33 -37.01
N VAL F 18 13.04 37.03 -35.88
CA VAL F 18 13.86 38.22 -35.80
C VAL F 18 15.25 37.85 -35.38
N VAL F 19 16.23 38.20 -36.22
CA VAL F 19 17.62 37.84 -35.94
C VAL F 19 18.52 39.02 -36.26
N ALA F 20 19.19 39.56 -35.25
CA ALA F 20 20.06 40.70 -35.50
C ALA F 20 21.44 40.54 -34.84
N ASP F 21 21.47 40.06 -33.61
CA ASP F 21 22.74 39.80 -32.94
C ASP F 21 23.62 38.80 -33.73
N THR F 22 24.94 38.97 -33.66
CA THR F 22 25.83 38.21 -34.52
C THR F 22 25.87 36.72 -34.12
N LYS F 23 25.69 36.42 -32.82
CA LYS F 23 25.51 35.03 -32.39
C LYS F 23 24.24 34.42 -33.00
N SER F 24 23.19 35.22 -33.08
CA SER F 24 21.94 34.75 -33.62
C SER F 24 22.00 34.57 -35.13
N LEU F 25 22.88 35.31 -35.81
CA LEU F 25 23.00 35.10 -37.26
C LEU F 25 23.75 33.80 -37.49
N LYS F 26 24.65 33.50 -36.57
CA LYS F 26 25.42 32.27 -36.60
C LYS F 26 24.46 31.11 -36.52
N LEU F 27 23.53 31.22 -35.56
CA LEU F 27 22.49 30.21 -35.33
C LEU F 27 21.68 30.01 -36.61
N LEU F 28 21.23 31.13 -37.15
CA LEU F 28 20.41 31.17 -38.34
C LEU F 28 21.09 30.45 -39.50
N ALA F 29 22.39 30.66 -39.64
CA ALA F 29 23.08 30.06 -40.77
C ALA F 29 23.27 28.55 -40.53
N LEU F 30 23.45 28.15 -39.28
CA LEU F 30 23.45 26.72 -38.97
C LEU F 30 22.11 26.10 -39.39
N ALA F 31 21.01 26.71 -38.92
CA ALA F 31 19.66 26.23 -39.17
C ALA F 31 19.35 26.09 -40.67
N ASP F 32 19.71 27.12 -41.43
CA ASP F 32 19.53 27.07 -42.88
C ASP F 32 20.22 25.86 -43.50
N LYS F 33 21.38 25.47 -42.95
CA LYS F 33 22.08 24.30 -43.44
C LYS F 33 21.29 23.01 -43.19
N VAL F 34 20.82 22.77 -41.96
CA VAL F 34 20.09 21.52 -41.71
C VAL F 34 18.74 21.50 -42.36
N ALA F 35 18.15 22.67 -42.47
CA ALA F 35 16.79 22.76 -42.95
C ALA F 35 16.69 22.26 -44.39
N LYS F 36 17.80 22.33 -45.13
CA LYS F 36 17.84 21.83 -46.52
C LYS F 36 17.78 20.31 -46.53
N THR F 37 18.25 19.71 -45.44
CA THR F 37 18.37 18.26 -45.33
C THR F 37 17.19 17.61 -44.60
N ASP F 38 17.22 16.29 -44.50
CA ASP F 38 16.18 15.61 -43.74
C ASP F 38 16.65 15.10 -42.37
N ALA F 39 17.75 15.65 -41.87
CA ALA F 39 18.25 15.28 -40.55
C ALA F 39 17.30 15.71 -39.43
N ASN F 40 17.27 14.91 -38.37
CA ASN F 40 16.59 15.30 -37.15
C ASN F 40 17.22 16.57 -36.58
N VAL F 41 16.41 17.55 -36.17
CA VAL F 41 16.95 18.73 -35.51
C VAL F 41 16.53 18.81 -34.05
N MET F 42 17.52 18.95 -33.18
CA MET F 42 17.27 19.15 -31.76
C MET F 42 17.49 20.63 -31.44
N ILE F 43 16.44 21.27 -30.96
CA ILE F 43 16.47 22.70 -30.69
C ILE F 43 16.46 22.96 -29.19
N LEU F 44 17.57 23.52 -28.71
CA LEU F 44 17.82 23.73 -27.31
C LEU F 44 17.82 25.22 -26.94
N GLY F 45 17.68 25.52 -25.65
CA GLY F 45 17.75 26.89 -25.19
C GLY F 45 16.90 27.12 -23.96
N PRO F 46 17.17 28.22 -23.25
CA PRO F 46 16.41 28.49 -22.01
C PRO F 46 14.96 28.89 -22.29
N SER F 47 14.19 29.05 -21.22
CA SER F 47 12.75 29.31 -21.30
C SER F 47 12.38 30.55 -22.06
N GLY F 48 11.54 30.39 -23.08
CA GLY F 48 11.06 31.52 -23.85
C GLY F 48 12.13 32.13 -24.73
N SER F 49 13.09 31.32 -25.17
CA SER F 49 14.20 31.84 -25.92
C SER F 49 13.98 31.67 -27.41
N GLY F 50 12.84 31.07 -27.76
CA GLY F 50 12.37 31.03 -29.13
C GLY F 50 12.51 29.69 -29.83
N LYS F 51 12.65 28.61 -29.07
CA LYS F 51 12.85 27.29 -29.67
C LYS F 51 11.73 26.95 -30.65
N GLU F 52 10.51 27.32 -30.29
CA GLU F 52 9.35 27.04 -31.13
C GLU F 52 9.34 27.85 -32.43
N VAL F 53 9.75 29.11 -32.41
CA VAL F 53 9.72 29.84 -33.69
C VAL F 53 10.86 29.36 -34.57
N MET F 54 11.91 28.82 -33.95
CA MET F 54 13.03 28.25 -34.70
C MET F 54 12.58 26.99 -35.42
N SER F 55 11.78 26.17 -34.74
CA SER F 55 11.34 24.91 -35.31
C SER F 55 10.47 25.20 -36.54
N ARG F 56 9.57 26.17 -36.38
CA ARG F 56 8.72 26.63 -37.46
C ARG F 56 9.58 27.27 -38.56
N TYR F 57 10.66 27.94 -38.18
CA TYR F 57 11.53 28.54 -39.20
C TYR F 57 12.13 27.47 -40.10
N ILE F 58 12.57 26.37 -39.49
CA ILE F 58 13.30 25.34 -40.21
C ILE F 58 12.39 24.63 -41.19
N HIS F 59 11.15 24.41 -40.76
CA HIS F 59 10.15 23.82 -41.64
C HIS F 59 9.95 24.68 -42.88
N ASN F 60 9.84 25.99 -42.69
CA ASN F 60 9.57 26.88 -43.81
C ASN F 60 10.78 27.09 -44.68
N ALA F 61 11.95 26.82 -44.13
CA ALA F 61 13.19 26.98 -44.86
C ALA F 61 13.49 25.70 -45.62
N SER F 62 12.85 24.62 -45.16
CA SER F 62 13.10 23.29 -45.69
C SER F 62 12.34 23.05 -46.97
N PRO F 63 12.75 22.03 -47.73
CA PRO F 63 12.01 21.63 -48.93
C PRO F 63 10.60 21.06 -48.64
N ARG F 64 10.29 20.82 -47.37
CA ARG F 64 8.94 20.38 -47.00
C ARG F 64 8.03 21.54 -46.63
N LYS F 65 8.50 22.76 -46.83
CA LYS F 65 7.77 24.01 -46.52
C LYS F 65 6.26 23.96 -46.79
N GLU F 66 5.85 23.30 -47.87
CA GLU F 66 4.44 23.32 -48.25
C GLU F 66 3.66 22.17 -47.64
N GLY F 67 4.39 21.21 -47.07
CA GLY F 67 3.78 20.10 -46.37
C GLY F 67 3.40 20.46 -44.93
N PRO F 68 2.77 19.51 -44.23
CA PRO F 68 2.16 19.76 -42.92
C PRO F 68 3.20 19.99 -41.85
N PHE F 69 2.83 20.81 -40.88
CA PHE F 69 3.64 21.12 -39.70
C PHE F 69 2.86 20.73 -38.46
N ILE F 70 3.23 19.62 -37.85
CA ILE F 70 2.49 19.13 -36.71
C ILE F 70 3.34 19.21 -35.43
N ALA F 71 2.79 19.87 -34.43
CA ALA F 71 3.48 19.97 -33.15
C ALA F 71 2.77 19.17 -32.07
N ILE F 72 3.57 18.63 -31.15
CA ILE F 72 2.99 18.05 -29.95
C ILE F 72 3.89 18.36 -28.76
N ASN F 73 3.31 19.00 -27.75
CA ASN F 73 4.06 19.33 -26.56
C ASN F 73 3.93 18.21 -25.55
N CYS F 74 4.94 17.34 -25.50
CA CYS F 74 4.94 16.18 -24.59
C CYS F 74 4.94 16.60 -23.12
N ALA F 75 5.16 17.88 -22.86
CA ALA F 75 5.17 18.43 -21.51
C ALA F 75 3.81 19.09 -21.14
N ALA F 76 2.86 19.05 -22.06
CA ALA F 76 1.59 19.73 -21.87
C ALA F 76 0.37 18.87 -22.22
N ILE F 77 0.58 17.56 -22.36
CA ILE F 77 -0.51 16.65 -22.71
C ILE F 77 -1.10 15.98 -21.46
N PRO F 78 -2.27 16.48 -21.03
CA PRO F 78 -2.91 16.00 -19.79
C PRO F 78 -3.36 14.55 -19.88
N ASP F 79 -3.89 14.03 -18.77
CA ASP F 79 -4.51 12.71 -18.70
C ASP F 79 -3.61 11.58 -19.23
N ASN F 80 -2.32 11.87 -19.30
CA ASN F 80 -1.30 11.00 -19.89
C ASN F 80 -1.78 10.37 -21.19
N MET F 81 -2.12 11.23 -22.14
CA MET F 81 -2.55 10.79 -23.46
C MET F 81 -1.44 11.03 -24.46
N LEU F 82 -0.21 11.05 -23.96
CA LEU F 82 0.94 11.34 -24.82
C LEU F 82 1.18 10.24 -25.86
N GLU F 83 1.21 8.98 -25.40
CA GLU F 83 1.40 7.84 -26.28
C GLU F 83 0.23 7.73 -27.27
N ALA F 84 -0.98 7.90 -26.75
CA ALA F 84 -2.17 7.89 -27.58
C ALA F 84 -2.16 8.99 -28.64
N THR F 85 -1.74 10.19 -28.26
CA THR F 85 -1.71 11.31 -29.20
C THR F 85 -0.70 11.05 -30.30
N LEU F 86 0.48 10.59 -29.90
CA LEU F 86 1.59 10.35 -30.81
C LEU F 86 1.30 9.28 -31.86
N PHE F 87 0.89 8.11 -31.39
CA PHE F 87 0.74 6.95 -32.27
C PHE F 87 -0.67 6.80 -32.79
N GLY F 88 -1.62 7.41 -32.09
CA GLY F 88 -3.02 7.25 -32.43
C GLY F 88 -3.52 5.94 -31.89
N TYR F 89 -4.80 5.63 -32.14
CA TYR F 89 -5.38 4.42 -31.56
C TYR F 89 -6.63 3.98 -32.30
N GLU F 90 -7.03 2.73 -32.04
CA GLU F 90 -8.27 2.19 -32.56
C GLU F 90 -9.34 2.28 -31.49
N LYS F 91 -10.61 2.21 -31.91
CA LYS F 91 -11.70 2.16 -30.95
C LYS F 91 -11.43 0.97 -30.03
N GLY F 92 -11.43 1.22 -28.72
CA GLY F 92 -11.18 0.17 -27.74
C GLY F 92 -9.73 -0.24 -27.70
N ALA F 93 -8.84 0.74 -27.55
CA ALA F 93 -7.42 0.49 -27.34
C ALA F 93 -7.08 0.68 -25.87
N PHE F 94 -8.05 1.23 -25.14
CA PHE F 94 -7.91 1.52 -23.72
C PHE F 94 -9.20 2.13 -23.21
N THR F 95 -9.24 2.42 -21.91
CA THR F 95 -10.40 3.05 -21.30
C THR F 95 -10.57 4.48 -21.81
N GLY F 96 -11.73 4.75 -22.41
CA GLY F 96 -12.02 6.06 -22.96
C GLY F 96 -11.73 6.17 -24.45
N ALA F 97 -11.16 5.12 -25.03
CA ALA F 97 -10.93 5.08 -26.48
C ALA F 97 -12.24 4.76 -27.20
N VAL F 98 -13.04 5.80 -27.41
CA VAL F 98 -14.41 5.67 -27.88
C VAL F 98 -14.46 5.71 -29.42
N GLN F 99 -13.32 5.97 -30.04
CA GLN F 99 -13.27 6.11 -31.49
C GLN F 99 -11.85 5.87 -31.99
N ALA F 100 -11.70 5.70 -33.30
CA ALA F 100 -10.39 5.62 -33.92
C ALA F 100 -9.83 7.03 -34.01
N CYS F 101 -8.51 7.13 -34.08
CA CYS F 101 -7.85 8.41 -34.01
C CYS F 101 -6.42 8.30 -34.51
N PRO F 102 -6.10 8.98 -35.61
CA PRO F 102 -4.74 8.95 -36.17
C PRO F 102 -3.72 9.66 -35.28
N GLY F 103 -2.52 9.09 -35.17
CA GLY F 103 -1.44 9.72 -34.42
C GLY F 103 -0.90 11.00 -35.03
N LYS F 104 0.10 11.59 -34.37
CA LYS F 104 0.59 12.88 -34.84
C LYS F 104 1.46 12.65 -36.04
N PHE F 105 2.16 11.51 -36.05
CA PHE F 105 3.00 11.16 -37.17
C PHE F 105 2.20 11.00 -38.45
N GLU F 106 1.01 10.38 -38.34
CA GLU F 106 0.14 10.24 -39.50
C GLU F 106 -0.23 11.61 -40.08
N GLN F 107 -0.50 12.59 -39.22
CA GLN F 107 -0.90 13.91 -39.70
C GLN F 107 0.27 14.65 -40.36
N ALA F 108 1.50 14.21 -40.08
CA ALA F 108 2.65 14.96 -40.54
C ALA F 108 3.21 14.40 -41.82
N GLN F 109 2.55 13.38 -42.34
CA GLN F 109 2.98 12.72 -43.58
C GLN F 109 3.41 13.76 -44.63
N GLY F 110 4.63 13.64 -45.13
CA GLY F 110 5.10 14.55 -46.18
C GLY F 110 5.47 15.94 -45.68
N GLY F 111 5.49 16.12 -44.37
CA GLY F 111 5.93 17.37 -43.80
C GLY F 111 6.86 17.15 -42.61
N THR F 112 6.59 17.87 -41.52
CA THR F 112 7.45 17.90 -40.35
C THR F 112 6.66 17.69 -39.07
N ILE F 113 7.23 16.91 -38.15
CA ILE F 113 6.65 16.85 -36.81
C ILE F 113 7.60 17.44 -35.74
N LEU F 114 7.03 18.19 -34.81
CA LEU F 114 7.80 18.81 -33.74
C LEU F 114 7.45 18.17 -32.41
N LEU F 115 8.43 17.52 -31.81
CA LEU F 115 8.26 16.94 -30.50
C LEU F 115 8.79 17.95 -29.49
N ASP F 116 7.88 18.76 -28.96
CA ASP F 116 8.24 19.80 -28.02
C ASP F 116 8.42 19.16 -26.66
N GLU F 117 9.63 19.28 -26.13
CA GLU F 117 10.01 18.76 -24.83
C GLU F 117 10.08 17.23 -24.75
N ILE F 118 10.87 16.59 -25.63
CA ILE F 118 10.98 15.12 -25.59
C ILE F 118 11.57 14.67 -24.26
N SER F 119 12.17 15.62 -23.54
CA SER F 119 12.81 15.30 -22.26
C SER F 119 11.83 14.65 -21.27
N GLU F 120 10.57 15.01 -21.35
CA GLU F 120 9.62 14.56 -20.34
C GLU F 120 8.79 13.34 -20.82
N MET F 121 9.11 12.87 -22.01
CA MET F 121 8.64 11.58 -22.48
C MET F 121 9.20 10.47 -21.59
N ASP F 122 8.36 9.48 -21.29
CA ASP F 122 8.76 8.39 -20.40
C ASP F 122 9.62 7.36 -21.16
N LEU F 123 10.39 6.59 -20.40
CA LEU F 123 11.32 5.62 -20.98
C LEU F 123 10.65 4.65 -21.94
N ASN F 124 9.50 4.15 -21.53
CA ASN F 124 8.68 3.25 -22.33
C ASN F 124 8.34 3.85 -23.69
N LEU F 125 7.91 5.10 -23.65
CA LEU F 125 7.52 5.80 -24.85
C LEU F 125 8.75 6.11 -25.69
N GLN F 126 9.87 6.33 -25.03
CA GLN F 126 11.12 6.57 -25.74
C GLN F 126 11.48 5.37 -26.60
N ALA F 127 11.24 4.18 -26.07
CA ALA F 127 11.50 2.92 -26.79
C ALA F 127 10.72 2.83 -28.10
N LYS F 128 9.42 3.08 -28.03
CA LYS F 128 8.54 3.04 -29.18
C LYS F 128 8.91 4.10 -30.19
N LEU F 129 9.26 5.28 -29.69
CA LEU F 129 9.66 6.37 -30.55
C LEU F 129 10.92 6.00 -31.31
N LEU F 130 11.87 5.38 -30.62
CA LEU F 130 13.11 4.98 -31.27
C LEU F 130 12.82 4.05 -32.44
N ARG F 131 11.95 3.06 -32.21
CA ARG F 131 11.60 2.09 -33.24
C ARG F 131 10.99 2.80 -34.45
N VAL F 132 10.09 3.74 -34.17
CA VAL F 132 9.52 4.57 -35.23
C VAL F 132 10.62 5.25 -36.04
N LEU F 133 11.65 5.73 -35.36
CA LEU F 133 12.73 6.46 -36.04
C LEU F 133 13.61 5.51 -36.84
N GLN F 134 13.74 4.29 -36.34
CA GLN F 134 14.60 3.33 -36.97
C GLN F 134 13.86 2.78 -38.17
N GLU F 135 12.59 2.47 -37.98
CA GLU F 135 11.79 1.78 -38.98
C GLU F 135 11.14 2.68 -40.02
N ARG F 136 11.04 3.99 -39.74
CA ARG F 136 10.20 4.90 -40.55
C ARG F 136 8.77 4.38 -40.66
N GLU F 137 8.26 3.77 -39.59
CA GLU F 137 6.90 3.19 -39.55
C GLU F 137 6.22 3.48 -38.21
N VAL F 138 4.90 3.35 -38.15
CA VAL F 138 4.19 3.46 -36.88
C VAL F 138 2.88 2.65 -36.86
N GLU F 139 2.58 2.00 -35.74
CA GLU F 139 1.27 1.37 -35.53
C GLU F 139 0.51 2.13 -34.47
N ARG F 140 -0.80 2.19 -34.59
CA ARG F 140 -1.61 2.78 -33.53
C ARG F 140 -1.75 1.81 -32.38
N LEU F 141 -2.02 2.34 -31.20
CA LEU F 141 -2.38 1.50 -30.06
C LEU F 141 -3.60 0.68 -30.44
N GLY F 142 -3.51 -0.64 -30.25
CA GLY F 142 -4.61 -1.53 -30.57
C GLY F 142 -4.53 -2.03 -31.99
N SER F 143 -3.56 -1.51 -32.73
CA SER F 143 -3.41 -1.89 -34.13
C SER F 143 -2.10 -2.65 -34.36
N ARG F 144 -2.15 -3.69 -35.18
CA ARG F 144 -0.94 -4.41 -35.56
C ARG F 144 -0.55 -4.05 -36.99
N LYS F 145 -1.21 -3.04 -37.53
CA LYS F 145 -0.95 -2.61 -38.90
C LYS F 145 0.05 -1.46 -38.97
N SER F 146 1.08 -1.65 -39.80
CA SER F 146 2.15 -0.67 -39.95
C SER F 146 1.84 0.38 -41.02
N ILE F 147 2.34 1.57 -40.79
CA ILE F 147 2.10 2.75 -41.62
C ILE F 147 3.46 3.34 -41.99
N LYS F 148 3.81 3.32 -43.27
CA LYS F 148 5.07 3.90 -43.70
C LYS F 148 5.06 5.42 -43.50
N LEU F 149 6.08 5.94 -42.84
CA LEU F 149 6.22 7.38 -42.64
C LEU F 149 7.25 8.06 -43.52
N ASP F 150 6.85 9.18 -44.12
CA ASP F 150 7.78 10.14 -44.68
C ASP F 150 7.65 11.46 -43.90
N VAL F 151 8.32 11.52 -42.76
CA VAL F 151 8.15 12.64 -41.84
C VAL F 151 9.50 13.17 -41.35
N ARG F 152 9.72 14.48 -41.51
CA ARG F 152 10.89 15.15 -40.93
C ARG F 152 10.68 15.43 -39.44
N VAL F 153 11.72 15.17 -38.63
CA VAL F 153 11.57 15.24 -37.19
C VAL F 153 12.35 16.35 -36.55
N LEU F 154 11.63 17.21 -35.82
CA LEU F 154 12.24 18.23 -35.01
C LEU F 154 11.90 17.94 -33.57
N ALA F 155 12.80 18.31 -32.67
CA ALA F 155 12.50 18.14 -31.28
C ALA F 155 13.03 19.32 -30.48
N THR F 156 12.55 19.42 -29.26
CA THR F 156 12.82 20.57 -28.42
C THR F 156 13.08 20.06 -27.02
N SER F 157 13.98 20.72 -26.29
CA SER F 157 14.16 20.34 -24.91
C SER F 157 14.54 21.53 -24.04
N ASN F 158 14.04 21.53 -22.82
CA ASN F 158 14.44 22.52 -21.85
C ASN F 158 15.54 21.99 -20.94
N ARG F 159 15.64 20.67 -20.83
CA ARG F 159 16.65 20.01 -20.01
C ARG F 159 17.90 19.69 -20.83
N ASP F 160 18.96 19.28 -20.15
CA ASP F 160 20.14 18.73 -20.83
C ASP F 160 19.93 17.24 -21.06
N LEU F 161 19.87 16.84 -22.33
CA LEU F 161 19.55 15.44 -22.60
C LEU F 161 20.71 14.55 -22.20
N LYS F 162 21.93 15.02 -22.45
CA LYS F 162 23.12 14.30 -22.05
C LYS F 162 23.05 13.92 -20.57
N GLN F 163 22.75 14.90 -19.72
CA GLN F 163 22.68 14.64 -18.28
C GLN F 163 21.51 13.71 -17.99
N TYR F 164 20.45 13.80 -18.80
CA TYR F 164 19.31 12.93 -18.59
C TYR F 164 19.68 11.50 -18.92
N VAL F 165 20.57 11.35 -19.90
CA VAL F 165 21.02 10.03 -20.30
C VAL F 165 21.88 9.49 -19.18
N GLN F 166 22.75 10.34 -18.65
CA GLN F 166 23.64 9.91 -17.59
C GLN F 166 22.87 9.59 -16.32
N ALA F 167 21.72 10.24 -16.17
CA ALA F 167 20.89 10.12 -14.98
C ALA F 167 19.92 8.96 -15.10
N GLY F 168 19.86 8.35 -16.28
CA GLY F 168 19.03 7.17 -16.47
C GLY F 168 17.62 7.42 -16.97
N HIS F 169 17.29 8.68 -17.22
CA HIS F 169 15.93 9.03 -17.62
C HIS F 169 15.75 9.15 -19.12
N PHE F 170 16.84 8.98 -19.86
CA PHE F 170 16.75 9.08 -21.31
C PHE F 170 17.60 8.01 -21.97
N ARG F 171 17.12 7.40 -23.05
CA ARG F 171 17.92 6.38 -23.70
C ARG F 171 19.08 6.98 -24.45
N GLU F 172 20.25 6.39 -24.31
CA GLU F 172 21.43 6.82 -25.05
C GLU F 172 21.22 6.75 -26.58
N ASP F 173 20.68 5.63 -27.07
CA ASP F 173 20.57 5.47 -28.51
C ASP F 173 19.57 6.47 -29.08
N LEU F 174 18.54 6.80 -28.30
CA LEU F 174 17.57 7.77 -28.75
C LEU F 174 18.20 9.16 -28.76
N TYR F 175 18.98 9.44 -27.72
CA TYR F 175 19.80 10.65 -27.66
C TYR F 175 20.61 10.89 -28.94
N TYR F 176 21.52 9.97 -29.29
CA TYR F 176 22.38 10.15 -30.47
C TYR F 176 21.61 10.38 -31.77
N ARG F 177 20.46 9.73 -31.89
CA ARG F 177 19.63 9.86 -33.07
C ARG F 177 19.00 11.24 -33.19
N LEU F 178 18.55 11.76 -32.05
CA LEU F 178 17.92 13.06 -32.02
C LEU F 178 18.95 14.17 -32.00
N ASN F 179 20.21 13.86 -31.68
CA ASN F 179 21.16 14.94 -31.52
C ASN F 179 22.32 14.96 -32.50
N VAL F 180 22.07 14.56 -33.75
CA VAL F 180 23.08 14.77 -34.77
C VAL F 180 23.38 16.25 -34.95
N PHE F 181 22.36 17.09 -34.91
CA PHE F 181 22.56 18.50 -35.22
C PHE F 181 21.79 19.42 -34.28
N PRO F 182 22.27 19.53 -33.04
CA PRO F 182 21.63 20.38 -32.03
C PRO F 182 21.78 21.89 -32.30
N LEU F 183 20.73 22.67 -32.05
CA LEU F 183 20.75 24.11 -32.23
C LEU F 183 20.41 24.78 -30.92
N THR F 184 21.25 25.68 -30.43
CA THR F 184 20.97 26.25 -29.12
C THR F 184 20.83 27.78 -29.17
N TRP F 185 19.72 28.26 -28.60
CA TRP F 185 19.54 29.69 -28.49
C TRP F 185 20.40 30.17 -27.34
N PRO F 186 21.18 31.22 -27.56
CA PRO F 186 21.72 31.83 -26.33
C PRO F 186 20.57 32.45 -25.55
N ALA F 187 20.76 32.66 -24.25
CA ALA F 187 19.77 33.42 -23.47
C ALA F 187 19.78 34.86 -23.99
N LEU F 188 18.66 35.56 -23.80
CA LEU F 188 18.52 36.91 -24.35
C LEU F 188 19.62 37.88 -23.89
N CYS F 189 20.07 37.74 -22.64
CA CYS F 189 21.10 38.62 -22.11
C CYS F 189 22.48 38.35 -22.70
N GLU F 190 22.62 37.23 -23.42
CA GLU F 190 23.84 36.89 -24.13
C GLU F 190 23.84 37.37 -25.61
N ARG F 191 22.69 37.81 -26.09
CA ARG F 191 22.56 38.29 -27.47
C ARG F 191 21.80 39.63 -27.50
N LYS F 192 22.35 40.61 -26.79
CA LYS F 192 21.62 41.81 -26.45
C LYS F 192 21.16 42.59 -27.69
N ASP F 193 21.90 42.46 -28.79
CA ASP F 193 21.49 43.11 -30.03
C ASP F 193 20.15 42.60 -30.60
N ASP F 194 19.59 41.52 -30.07
CA ASP F 194 18.26 41.05 -30.48
C ASP F 194 17.11 41.79 -29.79
N ILE F 195 17.43 42.44 -28.67
CA ILE F 195 16.41 42.99 -27.78
C ILE F 195 15.61 44.11 -28.44
N GLU F 196 16.28 45.10 -29.00
CA GLU F 196 15.51 46.17 -29.65
C GLU F 196 14.71 45.63 -30.85
N PRO F 197 15.37 44.89 -31.77
CA PRO F 197 14.58 44.34 -32.88
C PRO F 197 13.43 43.48 -32.38
N LEU F 198 13.65 42.66 -31.36
CA LEU F 198 12.57 41.85 -30.83
C LEU F 198 11.47 42.71 -30.25
N ALA F 199 11.85 43.72 -29.47
CA ALA F 199 10.88 44.62 -28.83
C ALA F 199 9.97 45.27 -29.87
N ASN F 200 10.57 45.77 -30.94
CA ASN F 200 9.80 46.38 -32.01
C ASN F 200 8.82 45.40 -32.66
N HIS F 201 9.30 44.19 -32.87
CA HIS F 201 8.51 43.13 -33.49
C HIS F 201 7.29 42.80 -32.64
N LEU F 202 7.48 42.72 -31.33
CA LEU F 202 6.41 42.30 -30.42
C LEU F 202 5.37 43.39 -30.33
N ILE F 203 5.81 44.64 -30.24
CA ILE F 203 4.94 45.79 -30.38
C ILE F 203 4.09 45.75 -31.68
N GLU F 204 4.76 45.52 -32.82
CA GLU F 204 4.06 45.52 -34.11
C GLU F 204 3.08 44.38 -34.12
N ARG F 205 3.54 43.26 -33.58
CA ARG F 205 2.75 42.04 -33.50
C ARG F 205 1.42 42.29 -32.86
N HIS F 206 1.50 42.82 -31.65
CA HIS F 206 0.36 43.02 -30.80
C HIS F 206 -0.55 44.08 -31.38
N CYS F 207 0.05 45.16 -31.88
CA CYS F 207 -0.75 46.25 -32.44
C CYS F 207 -1.45 45.85 -33.74
N LYS F 208 -0.82 44.98 -34.51
CA LYS F 208 -1.45 44.44 -35.72
C LYS F 208 -2.72 43.67 -35.37
N LYS F 209 -2.64 42.90 -34.29
CA LYS F 209 -3.79 42.14 -33.78
C LYS F 209 -5.02 43.01 -33.52
N LEU F 210 -4.79 44.25 -33.09
CA LEU F 210 -5.87 45.10 -32.64
C LEU F 210 -6.13 46.29 -33.57
N GLY F 211 -5.82 46.10 -34.85
CA GLY F 211 -6.03 47.15 -35.84
C GLY F 211 -5.40 48.50 -35.54
N LEU F 212 -4.60 48.59 -34.47
CA LEU F 212 -4.01 49.87 -34.09
C LEU F 212 -2.64 50.10 -34.74
N PRO F 213 -2.31 51.36 -35.02
CA PRO F 213 -0.97 51.66 -35.55
C PRO F 213 0.09 51.44 -34.47
N VAL F 214 1.29 51.05 -34.88
CA VAL F 214 2.33 50.76 -33.90
C VAL F 214 2.96 52.05 -33.42
N PRO F 215 3.04 52.22 -32.10
CA PRO F 215 3.73 53.37 -31.51
C PRO F 215 5.25 53.19 -31.55
N SER F 216 5.95 54.14 -30.95
CA SER F 216 7.40 54.10 -30.89
C SER F 216 7.90 53.97 -29.44
N ILE F 217 9.20 53.71 -29.28
CA ILE F 217 9.81 53.49 -27.99
C ILE F 217 10.89 54.52 -27.70
N ALA F 218 10.71 55.26 -26.61
CA ALA F 218 11.71 56.21 -26.17
C ALA F 218 13.08 55.56 -26.02
N PRO F 219 14.13 56.27 -26.44
CA PRO F 219 15.52 55.90 -26.17
C PRO F 219 15.68 55.40 -24.75
N ASN F 220 15.28 56.23 -23.80
CA ASN F 220 15.24 55.85 -22.39
C ASN F 220 14.66 54.46 -22.13
N ALA F 221 13.50 54.20 -22.71
CA ALA F 221 12.82 52.93 -22.50
C ALA F 221 13.70 51.81 -23.07
N ILE F 222 14.31 52.08 -24.22
CA ILE F 222 15.14 51.07 -24.87
C ILE F 222 16.29 50.69 -23.95
N THR F 223 16.97 51.70 -23.43
CA THR F 223 18.04 51.51 -22.47
C THR F 223 17.58 50.63 -21.30
N LYS F 224 16.34 50.83 -20.86
CA LYS F 224 15.81 50.08 -19.74
C LYS F 224 15.74 48.63 -20.11
N LEU F 225 15.22 48.36 -21.30
CA LEU F 225 15.14 47.01 -21.83
C LEU F 225 16.52 46.37 -22.00
N LEU F 226 17.50 47.14 -22.46
CA LEU F 226 18.85 46.61 -22.68
C LEU F 226 19.61 46.16 -21.41
N ASN F 227 19.38 46.82 -20.28
CA ASN F 227 20.19 46.52 -19.09
C ASN F 227 19.45 45.69 -18.07
N TYR F 228 18.63 44.78 -18.59
CA TYR F 228 17.88 43.87 -17.77
C TYR F 228 18.20 42.47 -18.25
N PRO F 229 18.54 41.56 -17.33
CA PRO F 229 19.08 40.28 -17.80
C PRO F 229 18.06 39.33 -18.40
N TRP F 230 16.75 39.62 -18.35
CA TRP F 230 15.70 38.79 -18.98
C TRP F 230 15.73 37.28 -18.65
N PRO F 231 15.59 36.93 -17.36
CA PRO F 231 15.57 35.51 -16.98
C PRO F 231 14.54 34.71 -17.77
N GLY F 232 13.44 35.36 -18.14
CA GLY F 232 12.37 34.71 -18.89
C GLY F 232 12.48 34.92 -20.40
N ASN F 233 13.60 35.53 -20.80
CA ASN F 233 13.92 35.77 -22.21
C ASN F 233 12.77 36.37 -23.02
N VAL F 234 12.64 35.97 -24.28
CA VAL F 234 11.76 36.70 -25.19
C VAL F 234 10.27 36.65 -24.78
N ARG F 235 9.86 35.56 -24.16
CA ARG F 235 8.55 35.49 -23.52
C ARG F 235 8.35 36.61 -22.51
N GLU F 236 9.40 36.88 -21.72
CA GLU F 236 9.30 37.86 -20.67
C GLU F 236 9.25 39.26 -21.26
N LEU F 237 10.03 39.46 -22.31
CA LEU F 237 10.06 40.71 -23.05
C LEU F 237 8.67 41.02 -23.60
N ASP F 238 8.06 40.01 -24.21
CA ASP F 238 6.74 40.13 -24.82
C ASP F 238 5.74 40.59 -23.76
N ASN F 239 5.85 39.97 -22.58
CA ASN F 239 5.06 40.39 -21.43
C ASN F 239 5.24 41.84 -21.07
N VAL F 240 6.48 42.29 -21.02
CA VAL F 240 6.78 43.67 -20.66
C VAL F 240 6.28 44.64 -21.73
N VAL F 241 6.38 44.23 -22.99
CA VAL F 241 5.90 45.03 -24.10
C VAL F 241 4.39 45.18 -24.07
N GLN F 242 3.68 44.08 -23.87
CA GLN F 242 2.23 44.15 -23.84
C GLN F 242 1.77 45.01 -22.68
N ARG F 243 2.46 44.87 -21.55
CA ARG F 243 2.20 45.66 -20.36
C ARG F 243 2.37 47.13 -20.66
N ALA F 244 3.44 47.43 -21.37
CA ALA F 244 3.75 48.81 -21.69
C ALA F 244 2.66 49.44 -22.56
N LEU F 245 2.06 48.65 -23.43
CA LEU F 245 1.05 49.18 -24.34
C LEU F 245 -0.23 49.46 -23.59
N ILE F 246 -0.48 48.69 -22.53
CA ILE F 246 -1.66 48.94 -21.75
C ILE F 246 -1.54 50.29 -21.05
N LEU F 247 -0.37 50.57 -20.49
CA LEU F 247 -0.04 51.92 -20.02
C LEU F 247 0.16 52.79 -21.27
N SER F 248 -0.94 53.19 -21.89
CA SER F 248 -1.12 53.24 -23.36
C SER F 248 0.00 53.69 -24.30
N GLU F 249 -0.38 53.78 -25.59
CA GLU F 249 0.56 53.56 -26.73
C GLU F 249 1.75 54.49 -26.87
N ASN F 250 2.82 54.10 -26.19
CA ASN F 250 4.14 54.56 -26.54
C ASN F 250 5.17 53.64 -25.90
N GLY F 251 6.17 54.26 -25.34
CA GLY F 251 7.17 53.50 -24.68
C GLY F 251 7.92 54.61 -24.08
N HIS F 252 7.58 54.91 -22.83
CA HIS F 252 8.46 55.71 -21.99
C HIS F 252 9.02 54.77 -20.95
N ILE F 253 9.47 55.31 -19.82
CA ILE F 253 9.53 54.50 -18.62
C ILE F 253 8.10 54.06 -18.27
N GLN F 254 7.61 53.14 -19.12
CA GLN F 254 6.33 52.42 -19.08
C GLN F 254 6.73 50.94 -19.06
N SER F 255 8.01 50.72 -18.79
CA SER F 255 8.59 49.40 -18.71
C SER F 255 8.76 49.10 -17.26
N GLU F 256 8.20 47.99 -16.79
CA GLU F 256 8.56 47.53 -15.47
C GLU F 256 8.86 46.05 -15.41
N HIS F 257 9.90 45.72 -14.64
CA HIS F 257 10.41 44.37 -14.52
C HIS F 257 10.21 43.70 -13.16
N ILE F 258 10.59 44.38 -12.07
CA ILE F 258 10.60 43.75 -10.74
C ILE F 258 10.26 44.68 -9.57
N LEU F 259 9.32 45.60 -9.79
CA LEU F 259 8.88 46.55 -8.76
C LEU F 259 7.48 47.01 -9.12
N LEU F 260 6.89 46.24 -10.04
CA LEU F 260 5.58 46.48 -10.67
C LEU F 260 4.52 47.14 -9.82
N HIS G 16 -19.93 47.34 -5.56
CA HIS G 16 -19.35 48.66 -5.34
C HIS G 16 -18.12 48.51 -4.49
N MET G 17 -17.11 49.30 -4.80
CA MET G 17 -15.80 49.17 -4.23
C MET G 17 -15.46 50.49 -3.61
N VAL G 18 -15.10 50.49 -2.34
CA VAL G 18 -14.77 51.67 -1.62
C VAL G 18 -13.30 51.95 -1.79
N VAL G 19 -12.95 53.15 -2.18
CA VAL G 19 -11.56 53.46 -2.39
C VAL G 19 -11.29 54.78 -1.75
N ALA G 20 -10.30 54.90 -0.90
CA ALA G 20 -10.07 56.21 -0.34
C ALA G 20 -8.64 56.55 -0.11
N ASP G 21 -7.89 55.59 0.38
CA ASP G 21 -6.45 55.74 0.55
C ASP G 21 -5.78 56.00 -0.80
N THR G 22 -4.72 56.82 -0.84
CA THR G 22 -4.11 57.14 -2.12
C THR G 22 -3.49 55.89 -2.80
N LYS G 23 -3.08 54.90 -2.02
CA LYS G 23 -2.61 53.63 -2.59
C LYS G 23 -3.72 52.97 -3.38
N SER G 24 -4.92 53.00 -2.82
CA SER G 24 -6.02 52.33 -3.46
C SER G 24 -6.47 53.14 -4.67
N LEU G 25 -6.22 54.44 -4.65
CA LEU G 25 -6.59 55.29 -5.78
C LEU G 25 -5.64 55.00 -6.94
N LYS G 26 -4.36 54.81 -6.64
CA LYS G 26 -3.38 54.45 -7.67
C LYS G 26 -3.73 53.10 -8.28
N LEU G 27 -4.21 52.20 -7.43
CA LEU G 27 -4.59 50.86 -7.83
C LEU G 27 -5.84 50.89 -8.71
N LEU G 28 -6.82 51.65 -8.27
CA LEU G 28 -8.02 51.92 -9.02
C LEU G 28 -7.71 52.47 -10.44
N ALA G 29 -6.77 53.41 -10.55
CA ALA G 29 -6.54 54.03 -11.85
C ALA G 29 -5.90 53.01 -12.80
N LEU G 30 -5.06 52.13 -12.24
CA LEU G 30 -4.45 51.04 -13.00
C LEU G 30 -5.53 50.06 -13.50
N ALA G 31 -6.46 49.74 -12.61
CA ALA G 31 -7.61 48.91 -12.97
C ALA G 31 -8.38 49.53 -14.13
N ASP G 32 -8.66 50.83 -14.06
CA ASP G 32 -9.39 51.48 -15.15
C ASP G 32 -8.62 51.41 -16.46
N LYS G 33 -7.29 51.39 -16.38
CA LYS G 33 -6.49 51.32 -17.58
C LYS G 33 -6.67 49.97 -18.28
N VAL G 34 -6.53 48.86 -17.54
CA VAL G 34 -6.66 47.53 -18.15
C VAL G 34 -8.04 47.14 -18.50
N ALA G 35 -9.01 47.59 -17.69
CA ALA G 35 -10.41 47.27 -17.92
C ALA G 35 -10.81 47.59 -19.35
N LYS G 36 -10.29 48.72 -19.86
CA LYS G 36 -10.58 49.18 -21.23
C LYS G 36 -10.19 48.13 -22.27
N THR G 37 -9.24 47.30 -21.90
CA THR G 37 -8.63 46.32 -22.81
C THR G 37 -9.15 44.90 -22.58
N ASP G 38 -8.75 44.00 -23.47
CA ASP G 38 -9.12 42.59 -23.33
C ASP G 38 -8.04 41.76 -22.66
N ALA G 39 -7.08 42.42 -22.02
CA ALA G 39 -5.96 41.72 -21.40
C ALA G 39 -6.35 40.89 -20.18
N ASN G 40 -5.66 39.76 -20.00
CA ASN G 40 -5.78 38.97 -18.80
C ASN G 40 -5.37 39.83 -17.60
N VAL G 41 -6.18 39.84 -16.55
CA VAL G 41 -5.81 40.61 -15.39
C VAL G 41 -5.62 39.67 -14.22
N MET G 42 -4.52 39.82 -13.50
CA MET G 42 -4.20 38.99 -12.35
C MET G 42 -4.32 39.84 -11.08
N ILE G 43 -5.08 39.37 -10.11
CA ILE G 43 -5.44 40.16 -8.93
C ILE G 43 -4.78 39.55 -7.69
N LEU G 44 -3.90 40.30 -7.06
CA LEU G 44 -3.11 39.76 -5.97
C LEU G 44 -3.37 40.53 -4.69
N GLY G 45 -3.08 39.89 -3.55
CA GLY G 45 -3.27 40.54 -2.28
C GLY G 45 -3.60 39.48 -1.24
N PRO G 46 -3.41 39.81 0.04
CA PRO G 46 -3.62 38.86 1.12
C PRO G 46 -5.09 38.45 1.23
N SER G 47 -5.39 37.55 2.15
CA SER G 47 -6.75 37.06 2.31
C SER G 47 -7.67 38.19 2.77
N GLY G 48 -8.72 38.41 2.00
CA GLY G 48 -9.82 39.26 2.41
C GLY G 48 -9.53 40.70 2.13
N SER G 49 -8.68 40.95 1.12
CA SER G 49 -8.26 42.31 0.85
C SER G 49 -9.00 42.95 -0.31
N GLY G 50 -9.95 42.22 -0.90
CA GLY G 50 -10.79 42.78 -1.96
C GLY G 50 -10.60 42.25 -3.38
N LYS G 51 -9.88 41.13 -3.52
CA LYS G 51 -9.56 40.62 -4.85
C LYS G 51 -10.83 40.25 -5.61
N GLU G 52 -11.78 39.65 -4.93
CA GLU G 52 -13.03 39.32 -5.59
C GLU G 52 -13.78 40.57 -6.04
N VAL G 53 -13.86 41.61 -5.20
CA VAL G 53 -14.66 42.76 -5.58
C VAL G 53 -13.93 43.53 -6.66
N MET G 54 -12.61 43.55 -6.60
CA MET G 54 -11.84 44.18 -7.66
C MET G 54 -12.14 43.51 -9.01
N SER G 55 -12.36 42.20 -9.03
CA SER G 55 -12.65 41.48 -10.28
C SER G 55 -13.97 41.93 -10.88
N ARG G 56 -14.96 42.07 -10.01
CA ARG G 56 -16.26 42.54 -10.45
C ARG G 56 -16.14 44.00 -10.88
N TYR G 57 -15.27 44.77 -10.22
CA TYR G 57 -15.07 46.15 -10.66
C TYR G 57 -14.50 46.21 -12.08
N ILE G 58 -13.53 45.38 -12.39
CA ILE G 58 -12.92 45.43 -13.71
C ILE G 58 -13.93 45.04 -14.76
N HIS G 59 -14.72 44.02 -14.48
CA HIS G 59 -15.73 43.64 -15.46
C HIS G 59 -16.71 44.77 -15.73
N ASN G 60 -17.10 45.50 -14.68
CA ASN G 60 -18.09 46.56 -14.84
C ASN G 60 -17.50 47.83 -15.41
N ALA G 61 -16.18 47.95 -15.32
CA ALA G 61 -15.47 49.07 -15.93
C ALA G 61 -15.16 48.77 -17.40
N SER G 62 -15.17 47.48 -17.72
CA SER G 62 -14.83 46.99 -19.05
C SER G 62 -15.99 47.17 -20.04
N PRO G 63 -15.68 47.09 -21.35
CA PRO G 63 -16.72 47.13 -22.39
C PRO G 63 -17.57 45.85 -22.47
N ARG G 64 -17.24 44.86 -21.67
CA ARG G 64 -18.06 43.68 -21.60
C ARG G 64 -19.00 43.74 -20.40
N LYS G 65 -19.13 44.93 -19.80
CA LYS G 65 -19.93 45.06 -18.58
C LYS G 65 -21.38 44.58 -18.73
N GLU G 66 -21.96 44.66 -19.93
CA GLU G 66 -23.30 44.11 -20.12
C GLU G 66 -23.29 42.58 -20.33
N GLY G 67 -22.10 42.00 -20.51
CA GLY G 67 -21.99 40.55 -20.63
C GLY G 67 -21.97 39.79 -19.32
N PRO G 68 -21.96 38.45 -19.39
CA PRO G 68 -21.99 37.64 -18.17
C PRO G 68 -20.68 37.67 -17.43
N PHE G 69 -20.76 37.70 -16.11
CA PHE G 69 -19.62 37.54 -15.22
C PHE G 69 -19.71 36.16 -14.58
N ILE G 70 -18.73 35.31 -14.86
CA ILE G 70 -18.74 33.97 -14.31
C ILE G 70 -17.54 33.69 -13.40
N ALA G 71 -17.83 33.25 -12.18
CA ALA G 71 -16.76 33.03 -11.22
C ALA G 71 -16.61 31.54 -10.87
N ILE G 72 -15.38 31.12 -10.63
CA ILE G 72 -15.12 29.77 -10.14
C ILE G 72 -14.00 29.75 -9.12
N ASN G 73 -14.36 29.54 -7.86
CA ASN G 73 -13.36 29.48 -6.78
C ASN G 73 -12.68 28.12 -6.80
N CYS G 74 -11.49 28.08 -7.42
CA CYS G 74 -10.78 26.83 -7.61
C CYS G 74 -10.41 26.23 -6.25
N ALA G 75 -10.44 27.07 -5.23
CA ALA G 75 -10.12 26.66 -3.87
C ALA G 75 -11.38 26.35 -3.04
N ALA G 76 -12.52 26.21 -3.71
CA ALA G 76 -13.77 25.94 -3.01
C ALA G 76 -14.65 24.93 -3.75
N ILE G 77 -14.11 24.32 -4.79
CA ILE G 77 -14.85 23.34 -5.58
C ILE G 77 -14.68 21.96 -4.98
N PRO G 78 -15.67 21.52 -4.18
CA PRO G 78 -15.51 20.27 -3.43
C PRO G 78 -15.71 19.06 -4.34
N ASP G 79 -15.49 17.87 -3.77
CA ASP G 79 -15.57 16.60 -4.49
C ASP G 79 -14.70 16.56 -5.75
N ASN G 80 -13.65 17.37 -5.75
CA ASN G 80 -12.66 17.42 -6.84
C ASN G 80 -13.32 17.55 -8.22
N MET G 81 -14.20 18.54 -8.32
CA MET G 81 -14.95 18.77 -9.54
C MET G 81 -14.44 20.01 -10.28
N LEU G 82 -13.23 20.45 -9.94
CA LEU G 82 -12.69 21.69 -10.50
C LEU G 82 -12.55 21.62 -12.02
N GLU G 83 -12.06 20.49 -12.52
CA GLU G 83 -11.93 20.23 -13.96
C GLU G 83 -13.30 20.18 -14.63
N ALA G 84 -14.17 19.34 -14.09
CA ALA G 84 -15.51 19.21 -14.59
C ALA G 84 -16.23 20.56 -14.62
N THR G 85 -16.08 21.35 -13.57
CA THR G 85 -16.83 22.59 -13.47
C THR G 85 -16.38 23.54 -14.57
N LEU G 86 -15.08 23.62 -14.79
CA LEU G 86 -14.48 24.54 -15.75
C LEU G 86 -14.87 24.24 -17.18
N PHE G 87 -14.63 22.98 -17.58
CA PHE G 87 -14.76 22.57 -18.96
C PHE G 87 -16.14 22.03 -19.27
N GLY G 88 -16.85 21.63 -18.22
CA GLY G 88 -18.11 20.95 -18.38
C GLY G 88 -17.84 19.52 -18.80
N TYR G 89 -18.92 18.79 -19.08
CA TYR G 89 -18.79 17.38 -19.36
C TYR G 89 -20.02 16.84 -20.06
N GLU G 90 -19.81 15.90 -20.97
CA GLU G 90 -20.91 15.15 -21.55
C GLU G 90 -21.36 14.12 -20.54
N LYS G 91 -22.57 13.60 -20.73
CA LYS G 91 -23.01 12.45 -19.97
C LYS G 91 -22.02 11.29 -20.20
N GLY G 92 -21.67 10.58 -19.12
CA GLY G 92 -20.76 9.46 -19.23
C GLY G 92 -19.26 9.73 -19.05
N ALA G 93 -18.87 11.01 -19.06
CA ALA G 93 -17.45 11.40 -19.08
C ALA G 93 -16.64 10.85 -17.90
N PHE G 94 -17.34 10.53 -16.82
CA PHE G 94 -16.73 9.97 -15.63
C PHE G 94 -17.84 9.35 -14.77
N THR G 95 -17.49 8.42 -13.89
CA THR G 95 -18.47 7.83 -12.99
C THR G 95 -19.07 8.90 -12.06
N GLY G 96 -20.33 9.25 -12.29
CA GLY G 96 -20.98 10.35 -11.60
C GLY G 96 -21.71 11.30 -12.54
N ALA G 97 -21.12 11.52 -13.72
CA ALA G 97 -21.68 12.39 -14.75
C ALA G 97 -22.95 11.80 -15.36
N VAL G 98 -24.09 12.04 -14.70
CA VAL G 98 -25.37 11.51 -15.15
C VAL G 98 -25.96 12.32 -16.29
N GLN G 99 -25.45 13.53 -16.45
CA GLN G 99 -26.04 14.49 -17.37
C GLN G 99 -24.91 15.26 -18.08
N ALA G 100 -25.20 15.82 -19.24
CA ALA G 100 -24.33 16.84 -19.80
C ALA G 100 -24.42 18.11 -18.96
N CYS G 101 -23.35 18.89 -18.95
CA CYS G 101 -23.28 20.10 -18.16
C CYS G 101 -22.30 21.08 -18.80
N PRO G 102 -22.78 22.30 -19.06
CA PRO G 102 -21.91 23.32 -19.67
C PRO G 102 -20.78 23.76 -18.74
N GLY G 103 -19.58 23.94 -19.31
CA GLY G 103 -18.45 24.45 -18.56
C GLY G 103 -18.59 25.91 -18.22
N LYS G 104 -17.68 26.42 -17.39
CA LYS G 104 -17.72 27.81 -16.96
C LYS G 104 -17.38 28.77 -18.08
N PHE G 105 -16.40 28.41 -18.92
CA PHE G 105 -16.05 29.25 -20.06
C PHE G 105 -17.24 29.43 -20.97
N GLU G 106 -18.02 28.36 -21.11
CA GLU G 106 -19.23 28.40 -21.92
C GLU G 106 -20.20 29.46 -21.41
N GLN G 107 -20.45 29.42 -20.12
CA GLN G 107 -21.38 30.33 -19.50
C GLN G 107 -20.91 31.78 -19.65
N ALA G 108 -19.59 31.98 -19.69
CA ALA G 108 -19.02 33.33 -19.68
C ALA G 108 -18.84 33.89 -21.10
N GLN G 109 -19.43 33.22 -22.08
CA GLN G 109 -19.33 33.64 -23.48
C GLN G 109 -19.76 35.12 -23.66
N GLY G 110 -18.92 35.92 -24.31
CA GLY G 110 -19.21 37.33 -24.51
C GLY G 110 -18.99 38.20 -23.28
N GLY G 111 -18.52 37.58 -22.20
CA GLY G 111 -18.24 38.30 -20.99
C GLY G 111 -16.90 38.00 -20.36
N THR G 112 -16.93 37.71 -19.08
CA THR G 112 -15.73 37.62 -18.27
C THR G 112 -15.77 36.37 -17.44
N ILE G 113 -14.66 35.65 -17.38
CA ILE G 113 -14.57 34.59 -16.40
C ILE G 113 -13.51 34.94 -15.38
N LEU G 114 -13.80 34.60 -14.13
CA LEU G 114 -12.90 34.86 -13.03
C LEU G 114 -12.41 33.56 -12.49
N LEU G 115 -11.09 33.42 -12.43
CA LEU G 115 -10.47 32.20 -11.95
C LEU G 115 -9.96 32.47 -10.54
N ASP G 116 -10.76 32.16 -9.54
CA ASP G 116 -10.47 32.53 -8.18
C ASP G 116 -9.53 31.53 -7.55
N GLU G 117 -8.46 32.02 -6.99
CA GLU G 117 -7.42 31.19 -6.41
C GLU G 117 -6.89 30.18 -7.38
N ILE G 118 -6.42 30.67 -8.51
CA ILE G 118 -5.96 29.83 -9.60
C ILE G 118 -4.72 29.01 -9.21
N SER G 119 -4.02 29.43 -8.18
CA SER G 119 -2.82 28.71 -7.75
C SER G 119 -3.13 27.32 -7.20
N GLU G 120 -4.40 26.99 -7.02
CA GLU G 120 -4.76 25.76 -6.32
C GLU G 120 -5.09 24.70 -7.35
N MET G 121 -5.17 25.14 -8.59
CA MET G 121 -5.30 24.30 -9.77
C MET G 121 -4.06 23.45 -10.03
N ASP G 122 -4.22 22.13 -10.10
CA ASP G 122 -3.03 21.28 -10.30
C ASP G 122 -2.43 21.39 -11.71
N LEU G 123 -1.24 20.82 -11.87
CA LEU G 123 -0.43 20.95 -13.08
C LEU G 123 -1.10 20.33 -14.31
N ASN G 124 -1.83 19.25 -14.10
CA ASN G 124 -2.61 18.65 -15.17
C ASN G 124 -3.66 19.63 -15.68
N LEU G 125 -4.41 20.19 -14.76
CA LEU G 125 -5.43 21.16 -15.10
C LEU G 125 -4.78 22.40 -15.73
N GLN G 126 -3.66 22.86 -15.14
CA GLN G 126 -2.99 24.07 -15.62
C GLN G 126 -2.66 24.00 -17.09
N ALA G 127 -2.25 22.82 -17.53
CA ALA G 127 -1.92 22.57 -18.92
C ALA G 127 -3.17 22.67 -19.79
N LYS G 128 -4.27 22.10 -19.32
CA LYS G 128 -5.55 22.18 -20.02
C LYS G 128 -5.97 23.63 -20.21
N LEU G 129 -5.85 24.41 -19.14
CA LEU G 129 -6.16 25.83 -19.16
C LEU G 129 -5.33 26.59 -20.17
N LEU G 130 -4.03 26.30 -20.18
CA LEU G 130 -3.10 26.99 -21.06
C LEU G 130 -3.60 26.84 -22.48
N ARG G 131 -3.93 25.60 -22.82
CA ARG G 131 -4.53 25.28 -24.12
C ARG G 131 -5.72 26.20 -24.42
N VAL G 132 -6.64 26.33 -23.47
CA VAL G 132 -7.79 27.19 -23.71
C VAL G 132 -7.32 28.65 -23.95
N LEU G 133 -6.37 29.15 -23.18
CA LEU G 133 -5.92 30.54 -23.36
C LEU G 133 -5.25 30.71 -24.71
N GLN G 134 -4.47 29.70 -25.07
CA GLN G 134 -3.76 29.73 -26.33
C GLN G 134 -4.70 29.63 -27.51
N GLU G 135 -5.68 28.72 -27.43
CA GLU G 135 -6.53 28.41 -28.58
C GLU G 135 -7.83 29.19 -28.66
N ARG G 136 -8.24 29.77 -27.53
CA ARG G 136 -9.56 30.38 -27.38
C ARG G 136 -10.66 29.36 -27.72
N GLU G 137 -10.40 28.10 -27.38
CA GLU G 137 -11.36 27.03 -27.59
C GLU G 137 -11.32 26.08 -26.40
N VAL G 138 -12.44 25.43 -26.14
CA VAL G 138 -12.57 24.52 -25.01
C VAL G 138 -13.43 23.33 -25.47
N GLU G 139 -13.14 22.15 -24.94
CA GLU G 139 -14.05 21.01 -25.10
C GLU G 139 -14.44 20.53 -23.71
N ARG G 140 -15.65 20.02 -23.57
CA ARG G 140 -16.03 19.38 -22.31
C ARG G 140 -15.31 18.05 -22.13
N LEU G 141 -15.18 17.62 -20.89
CA LEU G 141 -14.80 16.25 -20.60
C LEU G 141 -15.77 15.29 -21.30
N GLY G 142 -15.23 14.33 -22.03
CA GLY G 142 -16.05 13.36 -22.72
C GLY G 142 -16.48 13.80 -24.12
N SER G 143 -15.79 14.79 -24.67
CA SER G 143 -16.17 15.34 -25.96
C SER G 143 -14.96 15.80 -26.77
N ARG G 144 -15.07 15.71 -28.09
CA ARG G 144 -13.99 16.13 -28.98
C ARG G 144 -14.41 17.40 -29.71
N LYS G 145 -15.53 17.95 -29.25
CA LYS G 145 -16.17 19.10 -29.85
C LYS G 145 -15.57 20.42 -29.35
N SER G 146 -14.87 21.15 -30.23
CA SER G 146 -14.20 22.37 -29.79
C SER G 146 -15.11 23.57 -29.98
N ILE G 147 -15.26 24.32 -28.90
CA ILE G 147 -16.17 25.45 -28.78
C ILE G 147 -15.41 26.76 -28.76
N LYS G 148 -15.65 27.64 -29.73
CA LYS G 148 -14.97 28.93 -29.78
C LYS G 148 -15.37 29.86 -28.62
N LEU G 149 -14.37 30.49 -28.03
CA LEU G 149 -14.57 31.35 -26.88
C LEU G 149 -14.25 32.80 -27.21
N ASP G 150 -15.15 33.67 -26.77
CA ASP G 150 -14.90 35.10 -26.71
C ASP G 150 -15.08 35.53 -25.25
N VAL G 151 -14.07 35.23 -24.46
CA VAL G 151 -14.14 35.34 -23.02
C VAL G 151 -12.92 36.06 -22.42
N ARG G 152 -13.15 37.18 -21.74
CA ARG G 152 -12.10 37.89 -21.02
C ARG G 152 -11.75 37.16 -19.71
N VAL G 153 -10.46 37.02 -19.44
CA VAL G 153 -9.97 36.29 -18.27
C VAL G 153 -9.40 37.14 -17.12
N LEU G 154 -9.97 36.95 -15.94
CA LEU G 154 -9.40 37.47 -14.70
C LEU G 154 -9.03 36.30 -13.80
N ALA G 155 -7.95 36.45 -13.04
CA ALA G 155 -7.58 35.43 -12.07
C ALA G 155 -7.10 36.08 -10.78
N THR G 156 -7.30 35.38 -9.67
CA THR G 156 -6.79 35.83 -8.39
C THR G 156 -5.92 34.76 -7.76
N SER G 157 -5.00 35.20 -6.90
CA SER G 157 -4.17 34.31 -6.10
C SER G 157 -3.76 35.02 -4.83
N ASN G 158 -3.86 34.35 -3.70
CA ASN G 158 -3.14 34.84 -2.54
C ASN G 158 -1.91 33.97 -2.28
N ARG G 159 -1.38 33.34 -3.32
CA ARG G 159 -0.04 32.74 -3.27
C ARG G 159 0.88 33.51 -4.19
N ASP G 160 2.18 33.55 -3.88
CA ASP G 160 3.19 34.10 -4.79
C ASP G 160 3.41 33.20 -6.01
N LEU G 161 2.69 33.46 -7.09
CA LEU G 161 2.78 32.60 -8.27
C LEU G 161 4.19 32.48 -8.83
N LYS G 162 4.99 33.53 -8.71
CA LYS G 162 6.39 33.47 -9.12
C LYS G 162 7.15 32.39 -8.33
N GLN G 163 6.87 32.30 -7.03
CA GLN G 163 7.45 31.28 -6.21
C GLN G 163 6.90 29.92 -6.53
N TYR G 164 5.64 29.88 -6.92
CA TYR G 164 5.02 28.60 -7.16
C TYR G 164 5.66 27.97 -8.41
N VAL G 165 6.06 28.82 -9.33
CA VAL G 165 6.71 28.36 -10.54
C VAL G 165 8.07 27.79 -10.16
N GLN G 166 8.68 28.41 -9.17
CA GLN G 166 10.02 28.04 -8.80
C GLN G 166 10.02 26.75 -7.98
N ALA G 167 8.89 26.47 -7.35
CA ALA G 167 8.69 25.23 -6.60
C ALA G 167 8.18 24.13 -7.51
N GLY G 168 8.13 24.42 -8.81
CA GLY G 168 7.60 23.50 -9.79
C GLY G 168 6.12 23.23 -9.68
N HIS G 169 5.40 24.02 -8.89
CA HIS G 169 3.97 23.78 -8.71
C HIS G 169 3.12 24.52 -9.71
N PHE G 170 3.75 25.37 -10.52
CA PHE G 170 3.00 26.17 -11.46
C PHE G 170 3.75 26.30 -12.78
N ARG G 171 3.02 26.09 -13.88
CA ARG G 171 3.63 26.18 -15.20
C ARG G 171 4.11 27.60 -15.44
N GLU G 172 5.34 27.72 -15.95
CA GLU G 172 5.94 29.02 -16.15
C GLU G 172 5.23 29.76 -17.29
N ASP G 173 4.91 29.03 -18.36
CA ASP G 173 4.30 29.67 -19.51
C ASP G 173 2.88 30.16 -19.17
N LEU G 174 2.18 29.41 -18.33
CA LEU G 174 0.87 29.83 -17.84
C LEU G 174 1.01 31.11 -17.02
N TYR G 175 2.03 31.13 -16.16
CA TYR G 175 2.33 32.28 -15.35
C TYR G 175 2.41 33.55 -16.22
N TYR G 176 3.21 33.50 -17.26
CA TYR G 176 3.49 34.70 -18.05
C TYR G 176 2.26 35.17 -18.79
N ARG G 177 1.44 34.21 -19.19
CA ARG G 177 0.19 34.54 -19.86
C ARG G 177 -0.78 35.24 -18.89
N LEU G 178 -0.78 34.82 -17.65
CA LEU G 178 -1.70 35.40 -16.69
C LEU G 178 -1.16 36.65 -16.02
N ASN G 179 0.13 36.95 -16.19
CA ASN G 179 0.71 38.08 -15.48
C ASN G 179 1.23 39.23 -16.33
N VAL G 180 0.57 39.49 -17.44
CA VAL G 180 0.82 40.71 -18.16
C VAL G 180 0.48 41.93 -17.31
N PHE G 181 -0.65 41.92 -16.61
CA PHE G 181 -0.99 43.12 -15.86
C PHE G 181 -1.38 42.87 -14.41
N PRO G 182 -0.42 42.39 -13.61
CA PRO G 182 -0.79 42.05 -12.23
C PRO G 182 -1.21 43.28 -11.42
N LEU G 183 -2.34 43.21 -10.73
CA LEU G 183 -2.79 44.25 -9.76
C LEU G 183 -2.76 43.72 -8.34
N THR G 184 -2.21 44.51 -7.43
CA THR G 184 -2.01 44.01 -6.07
C THR G 184 -2.67 44.90 -5.02
N TRP G 185 -3.60 44.33 -4.24
CA TRP G 185 -4.15 45.00 -3.08
C TRP G 185 -3.12 45.06 -1.98
N PRO G 186 -2.86 46.26 -1.45
CA PRO G 186 -2.05 46.25 -0.24
C PRO G 186 -2.87 45.66 0.89
N ALA G 187 -2.20 45.16 1.93
CA ALA G 187 -2.89 44.76 3.15
C ALA G 187 -3.59 45.99 3.71
N LEU G 188 -4.72 45.77 4.40
CA LEU G 188 -5.51 46.86 4.94
C LEU G 188 -4.69 47.76 5.86
N CYS G 189 -3.78 47.18 6.64
CA CYS G 189 -3.01 47.97 7.58
C CYS G 189 -2.05 48.93 6.93
N GLU G 190 -1.86 48.83 5.61
CA GLU G 190 -0.98 49.78 4.94
C GLU G 190 -1.74 50.65 3.91
N ARG G 191 -3.05 50.66 4.04
CA ARG G 191 -3.88 51.67 3.38
C ARG G 191 -4.99 52.06 4.37
N LYS G 192 -4.58 52.57 5.53
CA LYS G 192 -5.49 52.84 6.65
C LYS G 192 -6.58 53.88 6.35
N ASP G 193 -6.40 54.71 5.34
CA ASP G 193 -7.45 55.63 4.95
C ASP G 193 -8.68 54.92 4.33
N ASP G 194 -8.56 53.61 4.11
CA ASP G 194 -9.64 52.81 3.59
C ASP G 194 -10.54 52.31 4.73
N ILE G 195 -9.97 52.26 5.93
CA ILE G 195 -10.63 51.61 7.06
C ILE G 195 -12.01 52.20 7.43
N GLU G 196 -12.09 53.51 7.61
CA GLU G 196 -13.36 54.09 8.00
C GLU G 196 -14.44 53.98 6.91
N PRO G 197 -14.16 54.45 5.68
CA PRO G 197 -15.14 54.32 4.59
C PRO G 197 -15.63 52.88 4.41
N LEU G 198 -14.73 51.93 4.62
CA LEU G 198 -15.08 50.52 4.50
C LEU G 198 -15.99 50.08 5.64
N ALA G 199 -15.65 50.51 6.85
CA ALA G 199 -16.44 50.16 8.00
C ALA G 199 -17.87 50.64 7.79
N ASN G 200 -18.01 51.90 7.37
CA ASN G 200 -19.32 52.47 7.11
C ASN G 200 -20.03 51.72 6.03
N HIS G 201 -19.30 51.40 4.98
CA HIS G 201 -19.84 50.61 3.90
C HIS G 201 -20.40 49.28 4.40
N LEU G 202 -19.58 48.50 5.13
CA LEU G 202 -19.96 47.17 5.60
C LEU G 202 -21.16 47.21 6.52
N ILE G 203 -21.24 48.27 7.30
CA ILE G 203 -22.33 48.43 8.25
C ILE G 203 -23.59 48.60 7.45
N GLU G 204 -23.51 49.51 6.51
CA GLU G 204 -24.67 49.89 5.74
C GLU G 204 -25.23 48.69 5.01
N ARG G 205 -24.35 47.94 4.34
CA ARG G 205 -24.86 46.90 3.47
C ARG G 205 -25.42 45.75 4.29
N HIS G 206 -24.81 45.50 5.45
CA HIS G 206 -25.31 44.48 6.36
C HIS G 206 -26.68 44.87 6.91
N CYS G 207 -26.87 46.15 7.19
CA CYS G 207 -28.13 46.64 7.79
C CYS G 207 -29.25 46.75 6.75
N LYS G 208 -28.93 47.31 5.57
CA LYS G 208 -29.88 47.29 4.46
C LYS G 208 -30.33 45.85 4.16
N LYS G 209 -29.40 44.92 4.12
CA LYS G 209 -29.73 43.53 3.86
C LYS G 209 -30.74 43.01 4.88
N LEU G 210 -30.52 43.34 6.14
CA LEU G 210 -31.29 42.80 7.26
C LEU G 210 -32.54 43.62 7.54
N GLY G 211 -32.68 44.75 6.83
CA GLY G 211 -33.83 45.63 7.00
C GLY G 211 -33.75 46.43 8.29
N LEU G 212 -32.54 46.62 8.80
CA LEU G 212 -32.34 47.34 10.05
C LEU G 212 -31.92 48.77 9.78
N PRO G 213 -32.19 49.68 10.71
CA PRO G 213 -31.68 51.04 10.47
C PRO G 213 -30.18 51.04 10.59
N VAL G 214 -29.47 51.84 9.80
CA VAL G 214 -28.02 51.81 9.91
C VAL G 214 -27.51 52.91 10.81
N PRO G 215 -26.68 52.54 11.79
CA PRO G 215 -26.13 53.49 12.75
C PRO G 215 -24.75 53.98 12.34
N SER G 216 -24.22 54.94 13.07
CA SER G 216 -22.89 55.41 12.76
C SER G 216 -21.86 54.83 13.72
N ILE G 217 -20.63 55.25 13.58
CA ILE G 217 -19.57 54.84 14.47
C ILE G 217 -19.01 56.03 15.19
N ALA G 218 -18.87 55.91 16.49
CA ALA G 218 -18.27 56.94 17.34
C ALA G 218 -16.77 57.07 17.05
N PRO G 219 -16.24 58.28 17.16
CA PRO G 219 -14.83 58.57 16.86
C PRO G 219 -13.84 57.67 17.60
N ASN G 220 -14.16 57.31 18.85
CA ASN G 220 -13.28 56.46 19.63
C ASN G 220 -13.24 55.04 19.09
N ALA G 221 -14.35 54.61 18.51
CA ALA G 221 -14.40 53.31 17.91
C ALA G 221 -13.58 53.33 16.60
N ILE G 222 -13.60 54.48 15.93
CA ILE G 222 -12.83 54.64 14.70
C ILE G 222 -11.35 54.51 15.01
N THR G 223 -10.94 55.15 16.09
CA THR G 223 -9.56 55.14 16.51
C THR G 223 -9.15 53.71 16.85
N LYS G 224 -10.09 52.98 17.44
CA LYS G 224 -9.81 51.60 17.80
C LYS G 224 -9.59 50.78 16.54
N LEU G 225 -10.41 51.02 15.50
CA LEU G 225 -10.27 50.32 14.23
C LEU G 225 -8.96 50.70 13.48
N LEU G 226 -8.57 51.98 13.53
CA LEU G 226 -7.35 52.42 12.85
C LEU G 226 -6.05 51.91 13.49
N ASN G 227 -6.12 51.49 14.73
CA ASN G 227 -4.93 51.12 15.44
C ASN G 227 -4.81 49.66 15.67
N TYR G 228 -5.44 48.94 14.80
CA TYR G 228 -5.38 47.50 14.75
C TYR G 228 -4.81 47.07 13.41
N PRO G 229 -4.06 46.01 13.33
CA PRO G 229 -3.36 45.71 12.11
C PRO G 229 -4.10 44.89 11.05
N TRP G 230 -5.27 44.38 11.37
CA TRP G 230 -6.12 43.67 10.42
C TRP G 230 -5.54 42.46 9.71
N PRO G 231 -4.93 41.58 10.44
CA PRO G 231 -4.47 40.32 9.90
C PRO G 231 -5.39 39.70 8.87
N GLY G 232 -6.69 39.91 9.02
CA GLY G 232 -7.64 39.29 8.16
C GLY G 232 -8.21 40.25 7.16
N ASN G 233 -7.79 41.49 7.28
CA ASN G 233 -8.18 42.55 6.37
C ASN G 233 -9.65 42.89 6.36
N VAL G 234 -10.18 43.19 5.20
CA VAL G 234 -11.52 43.67 5.12
C VAL G 234 -12.54 42.65 5.54
N ARG G 235 -12.24 41.40 5.35
CA ARG G 235 -13.08 40.32 5.86
C ARG G 235 -13.13 40.36 7.39
N GLU G 236 -11.99 40.55 8.04
CA GLU G 236 -11.96 40.63 9.49
C GLU G 236 -12.69 41.88 9.96
N LEU G 237 -12.57 42.97 9.20
CA LEU G 237 -13.25 44.21 9.56
C LEU G 237 -14.76 43.98 9.51
N ASP G 238 -15.21 43.30 8.47
CA ASP G 238 -16.65 43.05 8.30
C ASP G 238 -17.18 42.30 9.51
N ASN G 239 -16.37 41.33 9.96
CA ASN G 239 -16.64 40.51 11.15
C ASN G 239 -16.86 41.35 12.42
N VAL G 240 -15.96 42.30 12.59
CA VAL G 240 -15.91 43.16 13.77
C VAL G 240 -17.09 44.10 13.78
N VAL G 241 -17.34 44.69 12.63
CA VAL G 241 -18.50 45.52 12.44
C VAL G 241 -19.80 44.77 12.76
N GLN G 242 -19.96 43.55 12.26
CA GLN G 242 -21.21 42.82 12.44
C GLN G 242 -21.35 42.40 13.89
N ARG G 243 -20.22 42.11 14.52
CA ARG G 243 -20.27 41.76 15.93
C ARG G 243 -20.67 43.02 16.70
N ALA G 244 -20.07 44.14 16.32
CA ALA G 244 -20.29 45.39 17.02
C ALA G 244 -21.76 45.76 16.97
N LEU G 245 -22.38 45.53 15.82
CA LEU G 245 -23.79 45.86 15.62
C LEU G 245 -24.69 45.00 16.48
N ILE G 246 -24.26 43.76 16.73
CA ILE G 246 -25.00 42.90 17.62
C ILE G 246 -24.92 43.46 19.06
N LEU G 247 -23.75 43.97 19.44
CA LEU G 247 -23.56 44.52 20.78
C LEU G 247 -24.35 45.84 20.96
N SER G 248 -24.42 46.65 19.90
CA SER G 248 -25.66 47.27 19.36
C SER G 248 -25.44 48.60 18.64
N GLU G 249 -26.56 49.31 18.38
CA GLU G 249 -26.65 50.31 17.29
C GLU G 249 -26.15 51.71 17.57
N ASN G 250 -25.05 52.03 16.94
CA ASN G 250 -24.28 53.23 17.13
C ASN G 250 -23.12 52.77 17.90
N GLY G 251 -22.07 52.45 17.17
CA GLY G 251 -20.93 51.77 17.71
C GLY G 251 -20.06 52.63 18.56
N HIS G 252 -19.81 52.17 19.75
CA HIS G 252 -18.84 52.79 20.60
C HIS G 252 -17.81 51.76 20.73
N ILE G 253 -16.98 51.82 21.73
CA ILE G 253 -16.15 50.66 21.86
C ILE G 253 -16.96 49.43 22.22
N GLN G 254 -17.53 48.92 21.15
CA GLN G 254 -18.23 47.71 21.03
C GLN G 254 -17.39 47.00 19.96
N SER G 255 -16.15 47.42 19.76
CA SER G 255 -15.24 46.75 18.87
C SER G 255 -14.39 45.78 19.64
N GLU G 256 -14.22 44.57 19.14
CA GLU G 256 -13.28 43.61 19.67
C GLU G 256 -12.48 42.88 18.62
N HIS G 257 -11.24 42.57 18.95
CA HIS G 257 -10.31 41.85 18.08
C HIS G 257 -9.47 40.72 18.66
N ILE G 258 -8.68 41.06 19.68
CA ILE G 258 -7.73 40.15 20.33
C ILE G 258 -6.69 40.97 21.13
N LEU G 259 -6.83 40.99 22.46
CA LEU G 259 -7.94 40.33 23.16
C LEU G 259 -8.67 41.35 24.06
N LEU G 260 -9.93 41.56 23.73
CA LEU G 260 -10.80 42.44 24.47
C LEU G 260 -12.01 41.61 24.73
N GLU G 261 -12.07 40.50 24.03
CA GLU G 261 -13.14 39.54 24.25
C GLU G 261 -12.88 39.01 25.64
PG ANP H . -19.33 18.40 25.22
O1G ANP H . -19.74 18.96 23.90
O2G ANP H . -19.19 16.84 25.06
O3G ANP H . -17.93 18.99 25.65
PB ANP H . -21.09 20.26 26.45
O1B ANP H . -21.79 20.64 25.19
O2B ANP H . -19.96 21.28 26.70
N3B ANP H . -20.49 18.70 26.42
PA ANP H . -23.50 19.92 27.74
O1A ANP H . -23.70 18.58 27.15
O2A ANP H . -24.37 21.05 27.15
O3A ANP H . -22.02 20.42 27.68
O5' ANP H . -23.73 19.79 29.29
C5' ANP H . -23.30 18.68 30.06
C4' ANP H . -24.40 18.36 31.06
O4' ANP H . -24.56 19.44 32.00
C3' ANP H . -25.77 18.14 30.45
O3' ANP H . -26.45 17.18 31.24
C2' ANP H . -26.41 19.52 30.55
O2' ANP H . -27.83 19.42 30.55
C1' ANP H . -25.85 20.02 31.87
N9 ANP H . -25.68 21.47 31.95
C8 ANP H . -24.56 22.15 31.61
N7 ANP H . -24.65 23.45 31.78
C5 ANP H . -25.92 23.63 32.27
C6 ANP H . -26.63 24.78 32.66
N6 ANP H . -26.13 26.00 32.60
N1 ANP H . -27.90 24.61 33.11
C2 ANP H . -28.40 23.37 33.17
N3 ANP H . -27.82 22.22 32.84
C4 ANP H . -26.58 22.42 32.39
MG MG I . -20.64 18.07 21.79
C1 EDO J . -10.30 29.64 2.70
O1 EDO J . -10.23 30.97 3.23
C2 EDO J . -8.92 28.99 2.63
O2 EDO J . -8.48 28.61 3.96
C1 EDO K . -29.94 33.56 8.28
O1 EDO K . -31.25 33.02 8.06
C2 EDO K . -28.91 32.84 7.42
O2 EDO K . -28.42 31.66 8.09
PG ANP L . -12.57 -12.11 33.27
O1G ANP L . -13.82 -11.53 32.70
O2G ANP L . -11.98 -13.19 32.28
O3G ANP L . -11.52 -10.96 33.40
PB ANP L . -13.86 -11.97 35.84
O1B ANP L . -15.06 -11.48 35.08
O2B ANP L . -13.21 -10.75 36.56
N3B ANP L . -12.75 -12.76 34.84
PA ANP L . -15.18 -14.25 36.66
O1A ANP L . -15.53 -14.39 35.23
O2A ANP L . -16.45 -14.15 37.49
O3A ANP L . -14.31 -12.96 36.96
O5' ANP L . -14.20 -15.46 37.00
C5' ANP L . -13.78 -15.86 38.29
C4' ANP L . -14.07 -17.33 38.44
O4' ANP L . -14.25 -17.64 39.84
C3' ANP L . -15.36 -17.82 37.81
O3' ANP L . -15.29 -19.24 37.70
C2' ANP L . -16.40 -17.40 38.85
O2' ANP L . -17.55 -18.24 38.88
C1' ANP L . -15.62 -17.57 40.16
N9 ANP L . -15.80 -16.48 41.11
C8 ANP L . -15.12 -15.27 41.14
N7 ANP L . -15.46 -14.50 42.13
C5 ANP L . -16.40 -15.24 42.82
C6 ANP L . -17.14 -14.97 43.98
N6 ANP L . -17.04 -13.84 44.68
N1 ANP L . -18.00 -15.92 44.41
C2 ANP L . -18.10 -17.05 43.71
N3 ANP L . -17.46 -17.42 42.60
C4 ANP L . -16.62 -16.46 42.21
MG MG M . -14.57 -10.68 30.88
C1 EDO N . -29.86 2.99 29.05
O1 EDO N . -30.43 2.33 30.19
C2 EDO N . -30.74 2.83 27.80
O2 EDO N . -30.90 1.44 27.45
PG ANP O . 6.62 -31.76 17.96
O1G ANP O . 7.26 -31.42 16.65
O2G ANP O . 7.16 -30.72 19.01
O3G ANP O . 5.06 -31.57 17.82
PB ANP O . 6.24 -34.24 19.53
O1B ANP O . 4.78 -34.18 19.33
O2B ANP O . 6.56 -33.71 20.95
N3B ANP O . 7.07 -33.36 18.35
PA ANP O . 6.18 -36.79 18.56
O1A ANP O . 5.33 -36.25 17.49
O2A ANP O . 5.45 -37.79 19.46
O3A ANP O . 6.73 -35.71 19.56
O5' ANP O . 7.49 -37.29 17.82
C5' ANP O . 8.52 -38.06 18.41
C4' ANP O . 8.77 -39.23 17.50
O4' ANP O . 9.32 -40.31 18.27
C3' ANP O . 7.52 -39.84 16.87
O3' ANP O . 7.89 -40.57 15.71
C2' ANP O . 7.00 -40.73 18.01
O2' ANP O . 6.25 -41.82 17.54
C1' ANP O . 8.30 -41.20 18.67
N9 ANP O . 8.26 -41.23 20.13
C8 ANP O . 8.56 -40.20 20.97
N7 ANP O . 8.42 -40.49 22.25
C5 ANP O . 8.01 -41.81 22.23
C6 ANP O . 7.68 -42.71 23.26
N6 ANP O . 7.75 -42.41 24.56
N1 ANP O . 7.29 -43.96 22.90
C2 ANP O . 7.23 -44.27 21.61
N3 ANP O . 7.50 -43.50 20.54
C4 ANP O . 7.90 -42.27 20.93
MG MG P . 3.09 -31.49 16.59
C1 EDO Q . -8.68 -12.45 27.29
O1 EDO Q . -8.58 -13.43 28.35
C2 EDO Q . -7.30 -12.22 26.65
O2 EDO Q . -6.24 -12.26 27.61
PG ANP R . 22.74 -27.34 -9.84
O1G ANP R . 21.48 -28.10 -9.58
O2G ANP R . 22.42 -26.08 -10.74
O3G ANP R . 23.34 -26.84 -8.47
PB ANP R . 24.06 -29.84 -10.03
O1B ANP R . 22.71 -30.50 -9.92
O2B ANP R . 24.73 -29.88 -8.62
N3B ANP R . 23.90 -28.28 -10.65
PA ANP R . 24.54 -31.25 -12.32
O1A ANP R . 23.62 -30.31 -12.98
O2A ANP R . 23.97 -32.64 -12.07
O3A ANP R . 25.01 -30.71 -10.93
O5' ANP R . 25.87 -31.34 -13.13
C5' ANP R . 26.36 -30.23 -13.92
C4' ANP R . 26.96 -30.79 -15.19
O4' ANP R . 28.12 -31.60 -14.89
C3' ANP R . 26.05 -31.66 -16.04
O3' ANP R . 26.36 -31.43 -17.40
C2' ANP R . 26.42 -33.08 -15.59
O2' ANP R . 26.19 -34.05 -16.59
C1' ANP R . 27.91 -32.93 -15.32
N9 ANP R . 28.39 -33.82 -14.26
C8 ANP R . 28.53 -33.51 -12.93
N7 ANP R . 28.99 -34.49 -12.20
C5 ANP R . 29.19 -35.52 -13.10
C6 ANP R . 29.66 -36.83 -12.95
N6 ANP R . 30.04 -37.35 -11.78
N1 ANP R . 29.73 -37.61 -14.05
C2 ANP R . 29.35 -37.10 -15.22
N3 ANP R . 28.88 -35.87 -15.49
C4 ANP R . 28.83 -35.12 -14.38
MG MG S . 20.06 -28.69 -8.83
C1 EDO T . 8.61 -28.31 12.40
O1 EDO T . 8.61 -29.15 13.57
C2 EDO T . 7.71 -27.10 12.57
O2 EDO T . 8.31 -25.99 11.90
C1 EDO U . 7.49 -41.08 1.36
O1 EDO U . 8.49 -41.86 0.68
C2 EDO U . 6.07 -41.47 0.91
O2 EDO U . 5.74 -41.09 -0.44
PG ANP V . 23.92 -1.11 -27.90
O1G ANP V . 23.33 -2.50 -27.92
O2G ANP V . 22.73 -0.07 -27.88
O3G ANP V . 24.77 -0.94 -26.59
PB ANP V . 25.69 -2.04 -30.06
O1B ANP V . 24.80 -3.22 -30.22
O2B ANP V . 26.95 -2.55 -29.29
N3B ANP V . 24.90 -0.77 -29.27
PA ANP V . 25.83 -1.48 -32.87
O1A ANP V . 25.04 -2.66 -33.23
O2A ANP V . 27.06 -1.47 -33.75
O3A ANP V . 26.34 -1.47 -31.37
O5' ANP V . 25.14 -0.11 -33.19
C5' ANP V . 26.06 1.03 -33.33
C4' ANP V . 26.25 1.45 -34.79
O4' ANP V . 27.62 1.26 -35.20
C3' ANP V . 25.38 0.74 -35.82
O3' ANP V . 24.92 1.70 -36.74
C2' ANP V . 26.35 -0.22 -36.51
O2' ANP V . 25.98 -0.40 -37.86
C1' ANP V . 27.67 0.54 -36.41
N9 ANP V . 28.85 -0.33 -36.35
C8 ANP V . 29.48 -0.75 -35.21
N7 ANP V . 30.52 -1.51 -35.42
C5 ANP V . 30.57 -1.62 -36.80
C6 ANP V . 31.44 -2.30 -37.66
N6 ANP V . 32.48 -3.03 -37.24
N1 ANP V . 31.21 -2.22 -39.00
C2 ANP V . 30.17 -1.49 -39.42
N3 ANP V . 29.29 -0.79 -38.70
C4 ANP V . 29.54 -0.90 -37.39
MG MG W . 21.68 -3.85 -27.96
C1 EDO X . 20.87 -17.64 -9.39
O1 EDO X . 21.65 -18.75 -9.86
C2 EDO X . 19.39 -18.05 -9.34
O2 EDO X . 18.64 -16.99 -8.74
C1 EDO Y . 18.93 -24.04 -28.60
O1 EDO Y . 19.64 -24.87 -27.67
C2 EDO Y . 17.43 -24.09 -28.29
O2 EDO Y . 16.72 -23.14 -29.08
PG ANP Z . 9.39 27.28 -23.99
O1G ANP Z . 9.41 26.08 -24.90
O2G ANP Z . 7.99 27.40 -23.25
O3G ANP Z . 10.48 27.11 -22.88
PB ANP Z . 10.47 28.64 -26.34
O1B ANP Z . 9.86 27.55 -27.20
O2B ANP Z . 12.00 28.41 -26.22
N3B ANP Z . 9.74 28.71 -24.83
PA ANP Z . 8.89 30.40 -27.70
O1A ANP Z . 7.79 29.50 -27.32
O2A ANP Z . 9.17 30.47 -29.21
O3A ANP Z . 10.28 30.02 -27.04
O5' ANP Z . 8.48 31.77 -27.06
C5' ANP Z . 9.14 32.97 -27.29
C4' ANP Z . 8.11 34.05 -27.50
O4' ANP Z . 8.73 35.19 -28.11
C3' ANP Z . 6.99 33.71 -28.47
O3' ANP Z . 5.92 34.63 -28.30
C2' ANP Z . 7.67 33.93 -29.82
O2' ANP Z . 6.72 34.34 -30.81
C1' ANP Z . 8.60 35.11 -29.52
N9 ANP Z . 9.94 34.97 -30.10
C8 ANP Z . 11.02 34.32 -29.53
N7 ANP Z . 12.11 34.37 -30.26
C5 ANP Z . 11.72 35.09 -31.38
C6 ANP Z . 12.42 35.49 -32.53
N6 ANP Z . 13.69 35.20 -32.78
N1 ANP Z . 11.74 36.22 -33.45
C2 ANP Z . 10.46 36.51 -33.23
N3 ANP Z . 9.70 36.19 -32.18
C4 ANP Z . 10.39 35.47 -31.29
MG MG AA . 8.37 24.57 -25.64
C1 EDO BA . 19.39 2.77 -23.75
O1 EDO BA . 19.90 3.65 -22.73
C2 EDO BA . 19.98 3.14 -25.10
O2 EDO BA . 21.08 2.30 -25.49
C1 EDO CA . 12.48 9.23 -38.95
O1 EDO CA . 12.75 10.29 -39.87
C2 EDO CA . 11.13 8.55 -39.19
O2 EDO CA . 10.01 9.46 -39.18
PG ANP DA . -9.87 35.54 -0.32
O1G ANP DA . -10.99 34.61 0.06
O2G ANP DA . -8.64 35.22 0.62
O3G ANP DA . -9.45 35.25 -1.82
PB ANP DA . -10.52 38.28 -1.24
O1B ANP DA . -11.02 37.71 -2.54
O2B ANP DA . -9.18 38.98 -1.58
N3B ANP DA . -10.39 37.14 -0.01
PA ANP DA . -12.97 39.47 -0.85
O1A ANP DA . -13.53 38.13 -1.15
O2A ANP DA . -13.24 40.48 -1.96
O3A ANP DA . -11.41 39.44 -0.68
O5' ANP DA . -13.58 39.80 0.57
C5' ANP DA . -13.37 40.91 1.42
C4' ANP DA . -14.71 41.23 2.01
O4' ANP DA . -14.81 42.67 2.22
C3' ANP DA . -15.88 40.93 1.10
O3' ANP DA . -17.09 40.99 1.84
C2' ANP DA . -15.84 42.11 0.14
O2' ANP DA . -17.09 42.33 -0.49
C1' ANP DA . -15.47 43.26 1.11
N9 ANP DA . -14.56 44.25 0.52
C8 ANP DA . -13.20 44.18 0.45
N7 ANP DA . -12.65 45.21 -0.13
C5 ANP DA . -13.71 46.03 -0.45
C6 ANP DA . -13.81 47.28 -1.08
N6 ANP DA . -12.74 47.96 -1.51
N1 ANP DA . -15.03 47.81 -1.26
C2 ANP DA . -16.10 47.13 -0.81
N3 ANP DA . -16.14 45.94 -0.22
C4 ANP DA . -14.91 45.44 -0.05
MG MG EA . -10.64 34.31 -3.32
C1 EDO FA . 6.45 23.54 -17.01
O1 EDO FA . 5.86 24.24 -18.12
C2 EDO FA . 6.59 24.45 -15.78
O2 EDO FA . 7.30 25.65 -16.12
C1 EDO GA . -8.87 34.49 -23.33
O1 EDO GA . -7.51 34.89 -23.59
C2 EDO GA . -9.05 33.03 -23.72
O2 EDO GA . -10.32 32.78 -24.33
#